data_9EKF
#
_entry.id   9EKF
#
loop_
_entity.id
_entity.type
_entity.pdbx_description
1 polymer Hemagglutinin
2 polymer 'Fab 65C6 Heavy Chain'
3 polymer 'Fab 65C6 Light Chain'
4 branched 'N-acetyl-alpha-neuraminic acid-(2-3)-beta-D-galactopyranose-(1-4)-2-acetamido-2-deoxy-beta-D-glucopyranose-(1-2)-alpha-D-mannopyranose-(1-3)-beta-D-mannopyranose-(1-4)-2-acetamido-2-deoxy-beta-D-glucopyranose-(1-4)-2-acetamido-2-deoxy-beta-D-glucopyranose'
5 non-polymer 2-acetamido-2-deoxy-beta-D-glucopyranose
#
loop_
_entity_poly.entity_id
_entity_poly.type
_entity_poly.pdbx_seq_one_letter_code
_entity_poly.pdbx_strand_id
1 'polypeptide(L)'
;MENIVLLLAIVSLVKSDQICIGYHANNSTEQVDTIMEKNVTVTHAQDILEKTHNGKLCDLNGVKPLILKDCSVAGWLLGN
PMCDEFIRVPEWSYIVERANPANDLCYPGSLNDYEELKHMLSRINHFEKIQIIPKSSWPNHETSLGVSAACPYQGAPSFF
RNVVWLIKKNDAYPTIKISYNNTNREDLLILWGIHHSNNAEEQTNLYKNPITYISVGTSTLNQRLAPKIATRSQVNGQRG
RMDFFWTILKPDDAIHFESNGNFIAPEYAYKIVKKGDSTIMKSGVEYGHCNTKCQTPVGAINSSMPFHNIHPLTIGECPK
YVKSNKLVLATGLRNSPLRRRRRRGLFGAIAGFIEGGWQGMVDGWYGYHHSNEQGSGYAADKESTQKAIDGVTNKVNSII
DKMNTQFEAVGREFNNLERRIENLNKKMEDGFLDVWTYNAELLVLMENERTLDFHDSNVKNLYDKVRLQLRDNAKELGNG
CFEFYHKCDNECMESVRNGTYDYPQYSEEARLKREGSSGSSGYIPEAPRDGQAYVRKDGEWVLLSTFLGHHHHHHHHHGG
SGLNDIFEAQKIEWHE
;
A,B,C
2 'polypeptide(L)'
;EVQLVQSGAEVKKPGESLRISCKGFAYSSTYFWISWVRQMPGKGLEWMGRIDPTDSYINYSPSFQGHVTISVDRSISTVY
LQWSSLKASDTAMYYCAYHRRGHFYGSGSAWDWFESWGQGTLVTVSSASTKGPSVFPLAPSSKSTSGGTAALGCLVKDYF
PEPVTVSWNSGALTSGVHTFPAVLQSSGLYSLSSVVTVPSSSLGTQTYICNVNHKPSNTKVDKKVESASCDKTHTCP
;
D,G,H
3 'polypeptide(L)'
;EIVLTQSPLTLSVSPGERATLSCRASQSVSSNLAWYQQMPGQAPRLLIYGASTRATGIPARLSGSASGTEFTLTISSLQS
EDFAVYYCQQYNNWPYTFGQGTKLEIKRTVAAPSVFIFPPSDEQLKSGTASVVCLLNNFYPREAKVQWKVDNALQSGNSQ
ESVTEQDSKDSTYSLSSTLTLSKADYEKHKVYACEVTHQGLSSPVTKSFNRGEC
;
I,K,L
#
# COMPACT_ATOMS: atom_id res chain seq x y z
N ASP A 17 21.50 13.03 75.69
CA ASP A 17 20.07 13.19 75.39
C ASP A 17 19.87 13.57 73.94
N GLN A 18 20.42 12.76 73.03
CA GLN A 18 20.37 13.06 71.62
C GLN A 18 19.05 12.58 71.00
N ILE A 19 18.58 13.33 70.01
CA ILE A 19 17.32 13.05 69.33
C ILE A 19 17.61 12.91 67.83
N CYS A 20 18.75 12.28 67.52
CA CYS A 20 19.27 12.10 66.16
C CYS A 20 18.19 11.67 65.16
N ILE A 21 18.27 12.24 63.96
CA ILE A 21 17.27 12.04 62.91
C ILE A 21 17.90 11.24 61.79
N GLY A 22 17.19 10.24 61.29
CA GLY A 22 17.76 9.41 60.24
C GLY A 22 16.75 8.75 59.34
N TYR A 23 17.19 7.75 58.60
CA TYR A 23 16.33 7.05 57.66
C TYR A 23 16.48 5.55 57.85
N HIS A 24 15.76 4.80 57.03
CA HIS A 24 15.66 3.36 57.20
C HIS A 24 16.71 2.63 56.38
N ALA A 25 17.22 1.53 56.93
CA ALA A 25 18.21 0.70 56.24
C ALA A 25 17.83 -0.76 56.40
N ASN A 26 18.27 -1.56 55.43
CA ASN A 26 18.06 -3.01 55.40
C ASN A 26 19.26 -3.64 54.68
N ASN A 27 19.13 -4.90 54.29
CA ASN A 27 20.20 -5.65 53.66
C ASN A 27 19.90 -5.93 52.18
N SER A 28 19.07 -5.10 51.55
CA SER A 28 18.67 -5.36 50.18
C SER A 28 19.81 -5.08 49.21
N THR A 29 19.83 -5.84 48.11
CA THR A 29 20.75 -5.63 47.02
C THR A 29 20.01 -5.22 45.75
N GLU A 30 18.81 -4.68 45.92
CA GLU A 30 18.01 -4.18 44.81
C GLU A 30 18.69 -2.93 44.23
N GLN A 31 18.80 -2.89 42.91
CA GLN A 31 19.55 -1.83 42.24
C GLN A 31 18.69 -1.16 41.18
N VAL A 32 18.82 0.16 41.09
CA VAL A 32 18.09 0.96 40.12
C VAL A 32 19.09 1.80 39.32
N ASP A 33 18.64 2.29 38.18
CA ASP A 33 19.45 3.14 37.32
C ASP A 33 18.84 4.54 37.26
N THR A 34 19.70 5.55 37.44
CA THR A 34 19.27 6.94 37.33
C THR A 34 19.97 7.61 36.16
N ILE A 35 19.83 8.93 36.03
CA ILE A 35 20.48 9.63 34.92
C ILE A 35 21.99 9.67 35.13
N MET A 36 22.44 10.05 36.33
CA MET A 36 23.84 10.36 36.56
C MET A 36 24.61 9.25 37.25
N GLU A 37 23.96 8.12 37.56
CA GLU A 37 24.66 7.03 38.24
C GLU A 37 23.88 5.75 38.03
N LYS A 38 24.58 4.68 37.65
CA LYS A 38 23.99 3.36 37.48
C LYS A 38 24.30 2.50 38.70
N ASN A 39 23.48 1.45 38.87
CA ASN A 39 23.62 0.44 39.92
C ASN A 39 23.54 1.07 41.31
N VAL A 40 22.45 1.78 41.57
CA VAL A 40 22.20 2.39 42.87
C VAL A 40 21.46 1.38 43.73
N THR A 41 22.08 1.01 44.86
CA THR A 41 21.41 0.13 45.82
C THR A 41 20.33 0.92 46.54
N VAL A 42 19.15 0.32 46.65
CA VAL A 42 18.01 0.96 47.30
C VAL A 42 17.45 0.03 48.37
N THR A 43 16.73 0.63 49.32
CA THR A 43 16.07 -0.16 50.36
C THR A 43 14.95 -1.01 49.78
N HIS A 44 14.06 -0.38 49.01
CA HIS A 44 12.96 -1.09 48.37
C HIS A 44 12.86 -0.63 46.92
N ALA A 45 12.48 -1.55 46.06
CA ALA A 45 12.32 -1.26 44.64
C ALA A 45 11.23 -2.17 44.10
N GLN A 46 10.65 -1.76 42.97
CA GLN A 46 9.54 -2.48 42.36
C GLN A 46 9.90 -2.75 40.92
N ASP A 47 10.12 -4.02 40.58
CA ASP A 47 10.23 -4.40 39.18
C ASP A 47 8.89 -4.22 38.50
N ILE A 48 8.91 -3.68 37.29
CA ILE A 48 7.67 -3.47 36.55
C ILE A 48 7.78 -4.13 35.19
N LEU A 49 8.85 -4.88 34.96
CA LEU A 49 9.08 -5.56 33.70
C LEU A 49 9.00 -7.08 33.92
N GLU A 50 8.13 -7.74 33.16
CA GLU A 50 8.02 -9.18 33.21
C GLU A 50 8.87 -9.82 32.12
N LYS A 51 9.71 -10.77 32.51
CA LYS A 51 10.67 -11.37 31.59
C LYS A 51 10.52 -12.87 31.45
N THR A 52 9.49 -13.48 32.03
CA THR A 52 9.33 -14.93 32.01
C THR A 52 7.98 -15.31 31.41
N HIS A 53 7.97 -16.45 30.72
CA HIS A 53 6.76 -17.03 30.13
C HIS A 53 6.83 -18.54 30.33
N ASN A 54 5.68 -19.20 30.20
CA ASN A 54 5.67 -20.65 30.40
C ASN A 54 6.18 -21.41 29.19
N GLY A 55 6.35 -20.73 28.06
CA GLY A 55 6.89 -21.36 26.87
C GLY A 55 5.95 -22.34 26.21
N LYS A 56 4.65 -22.12 26.28
CA LYS A 56 3.65 -23.00 25.70
C LYS A 56 2.54 -22.17 25.09
N LEU A 57 1.88 -22.73 24.08
CA LEU A 57 0.64 -22.17 23.58
C LEU A 57 -0.52 -22.72 24.39
N CYS A 58 -1.34 -21.82 24.92
CA CYS A 58 -2.36 -22.20 25.89
C CYS A 58 -3.67 -21.55 25.49
N ASP A 59 -4.75 -21.93 26.18
CA ASP A 59 -6.07 -21.41 25.91
C ASP A 59 -6.15 -19.93 26.27
N LEU A 60 -6.98 -19.20 25.54
CA LEU A 60 -7.21 -17.78 25.80
C LEU A 60 -8.60 -17.63 26.40
N ASN A 61 -8.66 -17.53 27.72
CA ASN A 61 -9.89 -17.34 28.50
C ASN A 61 -10.90 -18.47 28.25
N GLY A 62 -10.39 -19.69 28.13
CA GLY A 62 -11.21 -20.88 28.01
C GLY A 62 -11.36 -21.42 26.60
N VAL A 63 -11.10 -20.60 25.59
CA VAL A 63 -11.24 -21.03 24.21
C VAL A 63 -9.88 -21.50 23.70
N LYS A 64 -9.82 -22.75 23.25
CA LYS A 64 -8.61 -23.35 22.72
C LYS A 64 -8.30 -22.78 21.34
N PRO A 65 -7.03 -22.51 21.05
CA PRO A 65 -6.66 -22.01 19.72
C PRO A 65 -6.82 -23.07 18.65
N LEU A 66 -6.94 -22.59 17.42
CA LEU A 66 -6.88 -23.45 16.23
C LEU A 66 -5.42 -23.55 15.83
N ILE A 67 -4.79 -24.67 16.17
CA ILE A 67 -3.41 -24.93 15.78
C ILE A 67 -3.45 -25.67 14.45
N LEU A 68 -3.01 -24.99 13.39
CA LEU A 68 -3.03 -25.55 12.04
C LEU A 68 -1.96 -26.61 11.81
N LYS A 69 -1.04 -26.78 12.77
CA LYS A 69 0.06 -27.75 12.73
C LYS A 69 0.90 -27.46 11.49
N ASP A 70 1.02 -28.37 10.54
CA ASP A 70 1.89 -28.20 9.39
C ASP A 70 1.16 -27.68 8.16
N CYS A 71 -0.13 -27.35 8.27
CA CYS A 71 -0.86 -26.70 7.20
C CYS A 71 -0.85 -25.19 7.33
N SER A 72 -1.31 -24.54 6.27
CA SER A 72 -1.43 -23.10 6.17
C SER A 72 -2.90 -22.71 6.20
N VAL A 73 -3.15 -21.40 6.05
CA VAL A 73 -4.51 -20.90 5.95
C VAL A 73 -5.15 -21.35 4.65
N ALA A 74 -4.42 -21.23 3.54
CA ALA A 74 -4.94 -21.64 2.23
C ALA A 74 -5.18 -23.14 2.16
N GLY A 75 -4.28 -23.94 2.73
CA GLY A 75 -4.49 -25.39 2.73
C GLY A 75 -5.68 -25.80 3.56
N TRP A 76 -5.92 -25.13 4.68
CA TRP A 76 -7.07 -25.43 5.52
C TRP A 76 -8.37 -24.99 4.85
N LEU A 77 -8.39 -23.78 4.28
CA LEU A 77 -9.63 -23.25 3.72
C LEU A 77 -9.96 -23.86 2.37
N LEU A 78 -8.98 -24.37 1.64
CA LEU A 78 -9.25 -25.03 0.38
C LEU A 78 -9.45 -26.54 0.53
N GLY A 79 -8.95 -27.12 1.61
CA GLY A 79 -9.18 -28.53 1.88
C GLY A 79 -8.09 -29.45 1.36
N ASN A 80 -6.84 -29.18 1.73
CA ASN A 80 -5.74 -30.06 1.39
C ASN A 80 -5.99 -31.45 1.97
N PRO A 81 -5.82 -32.52 1.19
CA PRO A 81 -6.06 -33.88 1.72
C PRO A 81 -5.09 -34.29 2.83
N MET A 82 -3.96 -33.61 2.99
CA MET A 82 -3.05 -33.83 4.10
C MET A 82 -3.46 -33.07 5.34
N CYS A 83 -4.64 -32.43 5.32
CA CYS A 83 -5.10 -31.59 6.42
C CYS A 83 -6.58 -31.89 6.71
N ASP A 84 -6.93 -33.16 6.78
CA ASP A 84 -8.30 -33.56 7.05
C ASP A 84 -8.66 -33.48 8.53
N GLU A 85 -7.68 -33.16 9.39
CA GLU A 85 -7.96 -32.91 10.79
C GLU A 85 -8.83 -31.67 10.99
N PHE A 86 -8.71 -30.68 10.10
CA PHE A 86 -9.42 -29.41 10.22
C PHE A 86 -10.64 -29.33 9.32
N ILE A 87 -11.31 -30.46 9.07
CA ILE A 87 -12.54 -30.43 8.28
C ILE A 87 -13.65 -29.74 9.05
N ARG A 88 -13.84 -30.12 10.31
CA ARG A 88 -14.76 -29.43 11.20
C ARG A 88 -13.95 -28.85 12.35
N VAL A 89 -13.90 -27.53 12.42
CA VAL A 89 -13.04 -26.83 13.38
C VAL A 89 -13.94 -26.11 14.37
N PRO A 90 -13.74 -26.27 15.68
CA PRO A 90 -14.57 -25.56 16.67
C PRO A 90 -14.27 -24.07 16.74
N GLU A 91 -14.92 -23.37 17.67
CA GLU A 91 -14.60 -21.97 17.89
C GLU A 91 -13.17 -21.83 18.43
N TRP A 92 -12.43 -20.90 17.85
CA TRP A 92 -11.04 -20.67 18.23
C TRP A 92 -10.89 -19.26 18.80
N SER A 93 -9.89 -19.11 19.66
CA SER A 93 -9.53 -17.79 20.17
C SER A 93 -8.48 -17.12 19.30
N TYR A 94 -7.56 -17.90 18.75
CA TYR A 94 -6.57 -17.41 17.79
C TYR A 94 -6.09 -18.59 16.97
N ILE A 95 -5.52 -18.29 15.82
CA ILE A 95 -5.02 -19.28 14.87
C ILE A 95 -3.50 -19.32 14.98
N VAL A 96 -2.93 -20.52 15.07
CA VAL A 96 -1.49 -20.71 15.06
C VAL A 96 -1.09 -21.32 13.73
N GLU A 97 -0.22 -20.62 13.01
CA GLU A 97 0.34 -21.10 11.76
C GLU A 97 1.85 -21.16 11.92
N ARG A 98 2.48 -22.13 11.24
CA ARG A 98 3.94 -22.14 11.31
C ARG A 98 4.54 -21.15 10.33
N ALA A 99 5.84 -20.90 10.50
CA ALA A 99 6.53 -19.94 9.65
C ALA A 99 6.59 -20.42 8.20
N ASN A 100 6.88 -21.70 7.99
CA ASN A 100 6.92 -22.31 6.67
C ASN A 100 6.12 -23.61 6.71
N PRO A 101 4.80 -23.56 6.59
CA PRO A 101 4.00 -24.80 6.58
C PRO A 101 4.23 -25.59 5.31
N ALA A 102 4.48 -26.89 5.45
CA ALA A 102 4.72 -27.73 4.29
C ALA A 102 3.43 -27.99 3.51
N ASN A 103 2.27 -28.13 4.17
CA ASN A 103 0.99 -28.46 3.49
C ASN A 103 0.19 -27.18 3.19
N ASP A 104 0.33 -26.64 1.98
CA ASP A 104 -0.33 -25.38 1.57
C ASP A 104 -1.14 -25.66 0.32
N LEU A 105 -0.78 -25.03 -0.78
CA LEU A 105 -1.34 -25.30 -2.11
C LEU A 105 -0.58 -26.49 -2.64
N CYS A 106 -1.14 -27.67 -2.48
CA CYS A 106 -0.55 -28.95 -2.98
C CYS A 106 -0.39 -28.89 -4.50
N TYR A 107 -1.40 -28.47 -5.22
CA TYR A 107 -1.27 -28.24 -6.67
C TYR A 107 -0.72 -26.84 -6.77
N PRO A 108 0.35 -26.62 -7.55
CA PRO A 108 0.99 -25.30 -7.67
C PRO A 108 0.03 -24.25 -8.22
N GLY A 109 0.22 -23.02 -7.78
CA GLY A 109 -0.62 -21.92 -8.17
C GLY A 109 -0.56 -20.83 -7.12
N SER A 110 -1.66 -20.10 -6.97
CA SER A 110 -1.72 -18.99 -6.04
C SER A 110 -3.14 -18.84 -5.53
N LEU A 111 -3.28 -18.16 -4.39
CA LEU A 111 -4.57 -17.71 -3.88
C LEU A 111 -4.59 -16.19 -3.97
N ASN A 112 -5.53 -15.66 -4.75
CA ASN A 112 -5.60 -14.22 -4.98
C ASN A 112 -6.09 -13.51 -3.72
N ASP A 113 -5.43 -12.40 -3.40
CA ASP A 113 -5.69 -11.60 -2.20
C ASP A 113 -5.60 -12.45 -0.95
N TYR A 114 -4.55 -13.27 -0.87
CA TYR A 114 -4.38 -14.21 0.23
C TYR A 114 -4.10 -13.51 1.55
N GLU A 115 -3.31 -12.45 1.54
CA GLU A 115 -3.03 -11.68 2.74
C GLU A 115 -4.22 -10.84 3.19
N GLU A 116 -5.02 -10.34 2.25
CA GLU A 116 -6.29 -9.72 2.61
C GLU A 116 -7.25 -10.73 3.22
N LEU A 117 -7.25 -11.97 2.70
CA LEU A 117 -8.04 -13.04 3.28
C LEU A 117 -7.61 -13.36 4.70
N LYS A 118 -6.30 -13.37 4.96
CA LYS A 118 -5.81 -13.63 6.31
C LYS A 118 -6.08 -12.46 7.24
N HIS A 119 -6.04 -11.23 6.72
CA HIS A 119 -6.43 -10.07 7.50
C HIS A 119 -7.91 -10.13 7.89
N MET A 120 -8.76 -10.59 6.97
CA MET A 120 -10.16 -10.78 7.32
C MET A 120 -10.34 -11.92 8.31
N LEU A 121 -9.55 -12.99 8.15
CA LEU A 121 -9.53 -14.12 9.07
C LEU A 121 -9.12 -13.76 10.48
N SER A 122 -8.29 -12.72 10.65
CA SER A 122 -7.91 -12.26 11.98
C SER A 122 -9.05 -11.52 12.70
N ARG A 123 -10.23 -11.44 12.09
CA ARG A 123 -11.39 -10.94 12.80
C ARG A 123 -12.54 -11.94 12.82
N ILE A 124 -12.27 -13.23 12.63
CA ILE A 124 -13.29 -14.28 12.63
C ILE A 124 -12.88 -15.32 13.65
N ASN A 125 -13.83 -15.70 14.50
CA ASN A 125 -13.56 -16.71 15.53
C ASN A 125 -14.18 -18.06 15.27
N HIS A 126 -15.15 -18.18 14.36
CA HIS A 126 -15.75 -19.47 14.08
C HIS A 126 -16.28 -19.50 12.66
N PHE A 127 -16.10 -20.64 12.01
CA PHE A 127 -16.68 -20.94 10.72
C PHE A 127 -17.67 -22.08 10.85
N GLU A 128 -18.64 -22.12 9.95
CA GLU A 128 -19.48 -23.30 9.76
C GLU A 128 -19.39 -23.69 8.29
N LYS A 129 -18.75 -24.83 8.01
CA LYS A 129 -18.64 -25.30 6.64
C LYS A 129 -19.96 -25.90 6.19
N ILE A 130 -20.47 -25.42 5.07
CA ILE A 130 -21.70 -25.93 4.50
C ILE A 130 -21.50 -26.24 3.02
N GLN A 131 -22.08 -27.36 2.58
CA GLN A 131 -22.11 -27.70 1.17
C GLN A 131 -23.10 -26.78 0.46
N ILE A 132 -22.60 -25.94 -0.44
CA ILE A 132 -23.47 -24.99 -1.14
C ILE A 132 -23.86 -25.58 -2.50
N ILE A 133 -22.94 -26.30 -3.13
CA ILE A 133 -23.23 -27.02 -4.37
C ILE A 133 -22.73 -28.45 -4.18
N PRO A 134 -23.63 -29.44 -4.08
CA PRO A 134 -23.19 -30.82 -3.89
C PRO A 134 -22.41 -31.36 -5.09
N LYS A 135 -21.48 -32.27 -4.82
CA LYS A 135 -20.70 -32.90 -5.87
C LYS A 135 -21.53 -33.81 -6.75
N SER A 136 -22.68 -34.26 -6.27
CA SER A 136 -23.59 -35.10 -7.05
C SER A 136 -24.49 -34.29 -7.96
N SER A 137 -24.34 -32.97 -7.98
CA SER A 137 -25.17 -32.09 -8.80
C SER A 137 -24.53 -31.77 -10.15
N TRP A 138 -23.53 -32.55 -10.57
CA TRP A 138 -22.89 -32.39 -11.88
C TRP A 138 -23.12 -33.66 -12.67
N PRO A 139 -24.27 -33.78 -13.34
CA PRO A 139 -24.54 -35.02 -14.09
C PRO A 139 -23.83 -35.06 -15.43
N ASN A 140 -23.60 -33.92 -16.07
CA ASN A 140 -23.00 -33.87 -17.39
C ASN A 140 -21.51 -33.57 -17.34
N HIS A 141 -20.93 -33.53 -16.15
CA HIS A 141 -19.50 -33.31 -15.98
C HIS A 141 -18.94 -34.41 -15.08
N GLU A 142 -17.64 -34.66 -15.26
CA GLU A 142 -16.94 -35.68 -14.49
C GLU A 142 -16.39 -35.06 -13.21
N THR A 143 -16.70 -35.69 -12.07
CA THR A 143 -16.26 -35.20 -10.77
C THR A 143 -15.27 -36.12 -10.08
N SER A 144 -15.08 -37.34 -10.58
CA SER A 144 -14.23 -38.32 -9.93
C SER A 144 -12.84 -38.42 -10.54
N LEU A 145 -12.62 -37.83 -11.72
CA LEU A 145 -11.33 -37.89 -12.38
C LEU A 145 -10.40 -36.74 -12.02
N GLY A 146 -10.90 -35.73 -11.31
CA GLY A 146 -10.14 -34.52 -11.03
C GLY A 146 -9.18 -34.64 -9.87
N VAL A 147 -8.16 -35.47 -10.02
CA VAL A 147 -7.21 -35.74 -8.95
C VAL A 147 -5.80 -35.45 -9.45
N SER A 148 -4.87 -35.40 -8.51
CA SER A 148 -3.50 -34.98 -8.77
C SER A 148 -2.57 -35.75 -7.85
N ALA A 149 -1.40 -36.10 -8.37
CA ALA A 149 -0.31 -36.64 -7.56
C ALA A 149 0.42 -35.55 -6.79
N ALA A 150 0.22 -34.28 -7.16
CA ALA A 150 0.71 -33.18 -6.36
C ALA A 150 -0.12 -32.99 -5.09
N CYS A 151 -1.27 -33.64 -5.00
CA CYS A 151 -2.16 -33.54 -3.84
C CYS A 151 -2.46 -34.96 -3.34
N PRO A 152 -1.49 -35.63 -2.73
CA PRO A 152 -1.71 -37.03 -2.36
C PRO A 152 -2.53 -37.17 -1.07
N TYR A 153 -3.35 -38.22 -1.04
CA TYR A 153 -4.01 -38.68 0.17
C TYR A 153 -3.62 -40.15 0.37
N GLN A 154 -2.78 -40.39 1.38
CA GLN A 154 -2.29 -41.73 1.74
C GLN A 154 -1.62 -42.43 0.55
N GLY A 155 -0.86 -41.65 -0.22
CA GLY A 155 -0.16 -42.16 -1.38
C GLY A 155 -0.92 -42.01 -2.69
N ALA A 156 -2.22 -42.26 -2.69
CA ALA A 156 -3.03 -42.17 -3.90
C ALA A 156 -3.22 -40.71 -4.30
N PRO A 157 -3.34 -40.42 -5.60
CA PRO A 157 -3.66 -39.04 -6.03
C PRO A 157 -5.02 -38.56 -5.54
N SER A 158 -5.10 -37.29 -5.18
CA SER A 158 -6.34 -36.72 -4.65
C SER A 158 -6.37 -35.23 -5.00
N PHE A 159 -7.27 -34.49 -4.36
CA PHE A 159 -7.46 -33.08 -4.69
C PHE A 159 -7.92 -32.36 -3.44
N PHE A 160 -8.04 -31.03 -3.56
CA PHE A 160 -8.72 -30.22 -2.55
C PHE A 160 -10.15 -30.70 -2.37
N ARG A 161 -10.61 -30.66 -1.12
CA ARG A 161 -11.92 -31.21 -0.77
C ARG A 161 -13.06 -30.22 -0.89
N ASN A 162 -12.80 -28.94 -0.63
CA ASN A 162 -13.84 -27.92 -0.65
C ASN A 162 -14.13 -27.40 -2.05
N VAL A 163 -13.36 -27.81 -3.05
CA VAL A 163 -13.62 -27.48 -4.44
C VAL A 163 -13.50 -28.75 -5.26
N VAL A 164 -14.12 -28.77 -6.43
CA VAL A 164 -14.10 -29.93 -7.31
C VAL A 164 -13.45 -29.56 -8.63
N TRP A 165 -12.61 -30.45 -9.14
CA TRP A 165 -12.00 -30.31 -10.45
C TRP A 165 -12.90 -30.98 -11.47
N LEU A 166 -13.59 -30.19 -12.28
CA LEU A 166 -14.55 -30.71 -13.23
C LEU A 166 -13.88 -30.99 -14.56
N ILE A 167 -14.18 -32.17 -15.13
CA ILE A 167 -13.54 -32.69 -16.32
C ILE A 167 -14.65 -32.98 -17.33
N LYS A 168 -14.27 -33.06 -18.60
CA LYS A 168 -15.20 -33.47 -19.65
C LYS A 168 -15.77 -34.86 -19.36
N LYS A 169 -17.00 -35.08 -19.83
CA LYS A 169 -17.65 -36.38 -19.72
C LYS A 169 -18.26 -36.70 -21.07
N ASN A 170 -17.98 -37.92 -21.56
CA ASN A 170 -18.35 -38.37 -22.90
C ASN A 170 -17.84 -37.42 -23.98
N ASP A 171 -16.59 -36.95 -23.80
CA ASP A 171 -15.91 -36.03 -24.70
C ASP A 171 -16.71 -34.74 -24.92
N ALA A 172 -17.26 -34.20 -23.85
CA ALA A 172 -18.06 -33.00 -23.92
C ALA A 172 -17.95 -32.23 -22.62
N TYR A 173 -17.90 -30.90 -22.73
CA TYR A 173 -17.95 -29.99 -21.58
C TYR A 173 -19.03 -28.97 -21.87
N PRO A 174 -20.28 -29.26 -21.40
CA PRO A 174 -21.31 -28.26 -21.48
C PRO A 174 -20.99 -27.01 -20.62
N THR A 175 -21.46 -25.84 -21.02
CA THR A 175 -21.26 -24.59 -20.28
C THR A 175 -21.91 -24.72 -18.92
N ILE A 176 -21.13 -24.47 -17.89
CA ILE A 176 -21.66 -24.54 -16.53
C ILE A 176 -22.33 -23.22 -16.30
N LYS A 177 -23.60 -23.22 -15.94
CA LYS A 177 -24.37 -22.00 -15.60
C LYS A 177 -24.97 -22.32 -14.24
N ILE A 178 -24.38 -21.83 -13.17
CA ILE A 178 -24.81 -22.15 -11.77
C ILE A 178 -24.93 -20.90 -10.92
N SER A 179 -25.95 -20.84 -10.09
CA SER A 179 -26.10 -19.72 -9.14
C SER A 179 -26.29 -20.26 -7.74
N TYR A 180 -25.66 -19.67 -6.77
CA TYR A 180 -25.98 -19.98 -5.36
C TYR A 180 -26.55 -18.73 -4.69
N ASN A 181 -27.69 -18.86 -4.07
CA ASN A 181 -28.32 -17.79 -3.28
C ASN A 181 -28.11 -18.01 -1.80
N ASN A 182 -27.50 -17.05 -1.18
CA ASN A 182 -27.28 -17.04 0.27
C ASN A 182 -28.62 -16.80 0.96
N THR A 183 -29.19 -17.85 1.53
CA THR A 183 -30.45 -17.74 2.28
C THR A 183 -30.20 -17.83 3.78
N ASN A 184 -28.94 -17.77 4.19
CA ASN A 184 -28.56 -17.71 5.59
C ASN A 184 -28.43 -16.25 6.01
N ARG A 185 -28.35 -16.04 7.32
CA ARG A 185 -28.21 -14.69 7.88
C ARG A 185 -26.76 -14.27 8.02
N GLU A 186 -25.81 -15.13 7.66
CA GLU A 186 -24.39 -14.84 7.80
C GLU A 186 -23.76 -14.63 6.44
N ASP A 187 -22.61 -13.94 6.43
CA ASP A 187 -21.78 -13.85 5.25
C ASP A 187 -21.15 -15.20 4.94
N LEU A 188 -20.94 -15.45 3.65
CA LEU A 188 -20.35 -16.71 3.20
C LEU A 188 -19.01 -16.46 2.53
N LEU A 189 -18.00 -17.23 2.92
CA LEU A 189 -16.72 -17.22 2.25
C LEU A 189 -16.74 -18.32 1.18
N ILE A 190 -16.73 -17.91 -0.08
CA ILE A 190 -16.82 -18.85 -1.20
C ILE A 190 -15.50 -18.80 -1.95
N LEU A 191 -14.93 -19.97 -2.23
CA LEU A 191 -13.68 -20.09 -2.96
C LEU A 191 -13.90 -20.93 -4.21
N TRP A 192 -13.32 -20.47 -5.32
CA TRP A 192 -13.34 -21.19 -6.58
C TRP A 192 -11.96 -21.06 -7.21
N GLY A 193 -11.80 -21.57 -8.43
CA GLY A 193 -10.50 -21.50 -9.05
C GLY A 193 -10.55 -21.68 -10.55
N ILE A 194 -9.39 -21.47 -11.17
CA ILE A 194 -9.18 -21.68 -12.59
C ILE A 194 -7.90 -22.48 -12.77
N HIS A 195 -7.95 -23.51 -13.60
CA HIS A 195 -6.77 -24.30 -13.94
C HIS A 195 -6.10 -23.73 -15.17
N HIS A 196 -4.78 -23.55 -15.09
CA HIS A 196 -3.96 -23.16 -16.23
C HIS A 196 -3.24 -24.39 -16.73
N SER A 197 -3.55 -24.80 -17.96
CA SER A 197 -2.99 -26.00 -18.56
C SER A 197 -1.70 -25.70 -19.31
N ASN A 198 -1.05 -26.77 -19.79
CA ASN A 198 0.27 -26.65 -20.38
C ASN A 198 0.27 -26.46 -21.89
N ASN A 199 -0.59 -27.18 -22.61
CA ASN A 199 -0.62 -27.09 -24.06
C ASN A 199 -2.06 -27.28 -24.52
N ALA A 200 -2.29 -27.06 -25.82
CA ALA A 200 -3.61 -27.26 -26.40
C ALA A 200 -4.06 -28.71 -26.38
N GLU A 201 -3.12 -29.65 -26.48
CA GLU A 201 -3.45 -31.07 -26.39
C GLU A 201 -4.01 -31.43 -25.02
N GLU A 202 -3.40 -30.92 -23.95
CA GLU A 202 -3.93 -31.15 -22.61
C GLU A 202 -5.24 -30.40 -22.39
N GLN A 203 -5.37 -29.22 -22.99
CA GLN A 203 -6.61 -28.44 -22.88
C GLN A 203 -7.78 -29.19 -23.50
N THR A 204 -7.55 -29.83 -24.65
CA THR A 204 -8.59 -30.67 -25.25
C THR A 204 -8.74 -32.01 -24.57
N ASN A 205 -7.68 -32.54 -23.95
CA ASN A 205 -7.78 -33.79 -23.21
C ASN A 205 -8.53 -33.65 -21.90
N LEU A 206 -8.59 -32.45 -21.33
CA LEU A 206 -9.30 -32.25 -20.07
C LEU A 206 -10.67 -31.63 -20.24
N TYR A 207 -10.86 -30.70 -21.18
CA TYR A 207 -12.10 -29.96 -21.30
C TYR A 207 -12.67 -29.92 -22.71
N LYS A 208 -11.88 -30.25 -23.73
CA LYS A 208 -12.25 -30.40 -25.14
C LYS A 208 -12.57 -29.07 -25.82
N ASN A 209 -12.67 -27.99 -25.06
CA ASN A 209 -12.90 -26.68 -25.64
C ASN A 209 -11.59 -25.90 -25.64
N PRO A 210 -11.10 -25.47 -26.81
CA PRO A 210 -9.77 -24.84 -26.84
C PRO A 210 -9.72 -23.47 -26.17
N ILE A 211 -10.76 -22.65 -26.33
CA ILE A 211 -10.78 -21.31 -25.76
C ILE A 211 -11.93 -21.27 -24.75
N THR A 212 -11.58 -21.10 -23.48
CA THR A 212 -12.55 -21.14 -22.39
C THR A 212 -12.46 -19.88 -21.54
N TYR A 213 -13.41 -19.76 -20.61
CA TYR A 213 -13.54 -18.60 -19.75
C TYR A 213 -14.21 -19.03 -18.46
N ILE A 214 -14.09 -18.21 -17.42
CA ILE A 214 -14.89 -18.31 -16.21
C ILE A 214 -15.39 -16.92 -15.86
N SER A 215 -16.70 -16.75 -15.79
CA SER A 215 -17.31 -15.48 -15.41
C SER A 215 -18.02 -15.67 -14.09
N VAL A 216 -17.71 -14.81 -13.12
CA VAL A 216 -18.31 -14.84 -11.79
C VAL A 216 -18.94 -13.48 -11.52
N GLY A 217 -20.17 -13.48 -11.01
CA GLY A 217 -20.86 -12.22 -10.79
C GLY A 217 -21.76 -12.15 -9.58
N THR A 218 -21.49 -11.17 -8.70
CA THR A 218 -22.34 -10.89 -7.56
C THR A 218 -22.77 -9.44 -7.63
N SER A 219 -23.34 -8.91 -6.55
CA SER A 219 -23.69 -7.49 -6.47
C SER A 219 -22.48 -6.58 -6.52
N THR A 220 -21.29 -7.07 -6.16
CA THR A 220 -20.08 -6.27 -6.18
C THR A 220 -18.94 -6.90 -6.96
N LEU A 221 -19.05 -8.16 -7.37
CA LEU A 221 -17.98 -8.86 -8.06
C LEU A 221 -18.34 -9.04 -9.52
N ASN A 222 -17.38 -8.75 -10.41
CA ASN A 222 -17.57 -8.92 -11.85
C ASN A 222 -16.23 -9.42 -12.40
N GLN A 223 -16.09 -10.74 -12.49
CA GLN A 223 -14.83 -11.37 -12.83
C GLN A 223 -14.96 -12.14 -14.14
N ARG A 224 -13.99 -11.94 -15.03
CA ARG A 224 -13.87 -12.74 -16.25
C ARG A 224 -12.43 -13.23 -16.35
N LEU A 225 -12.26 -14.55 -16.39
CA LEU A 225 -10.96 -15.19 -16.44
C LEU A 225 -10.82 -16.03 -17.69
N ALA A 226 -9.59 -16.12 -18.19
CA ALA A 226 -9.23 -17.07 -19.22
C ALA A 226 -7.99 -17.84 -18.78
N PRO A 227 -7.85 -19.09 -19.19
CA PRO A 227 -6.62 -19.83 -18.86
C PRO A 227 -5.42 -19.25 -19.59
N LYS A 228 -4.28 -19.32 -18.91
CA LYS A 228 -3.00 -18.92 -19.48
C LYS A 228 -2.24 -20.19 -19.81
N ILE A 229 -2.43 -20.69 -21.02
CA ILE A 229 -1.77 -21.92 -21.45
C ILE A 229 -0.35 -21.60 -21.90
N ALA A 230 0.63 -22.13 -21.17
CA ALA A 230 2.03 -21.81 -21.39
C ALA A 230 2.90 -22.90 -20.78
N THR A 231 4.15 -22.96 -21.24
CA THR A 231 5.13 -23.85 -20.63
C THR A 231 5.70 -23.20 -19.37
N ARG A 232 5.75 -23.97 -18.28
CA ARG A 232 6.25 -23.49 -17.01
C ARG A 232 7.12 -24.58 -16.40
N SER A 233 7.79 -24.24 -15.30
CA SER A 233 8.60 -25.21 -14.59
C SER A 233 7.73 -26.12 -13.73
N GLN A 234 8.29 -27.26 -13.35
CA GLN A 234 7.56 -28.23 -12.53
C GLN A 234 7.64 -27.81 -11.06
N VAL A 235 6.49 -27.61 -10.45
CA VAL A 235 6.38 -27.42 -9.01
C VAL A 235 5.51 -28.55 -8.49
N ASN A 236 6.03 -29.32 -7.53
CA ASN A 236 5.43 -30.57 -7.05
C ASN A 236 5.17 -31.55 -8.19
N GLY A 237 6.03 -31.54 -9.20
CA GLY A 237 5.91 -32.42 -10.34
C GLY A 237 4.95 -31.97 -11.42
N GLN A 238 4.30 -30.82 -11.26
CA GLN A 238 3.28 -30.37 -12.20
C GLN A 238 3.68 -29.06 -12.83
N ARG A 239 3.52 -28.97 -14.14
CA ARG A 239 3.74 -27.73 -14.87
C ARG A 239 2.51 -26.84 -14.91
N GLY A 240 1.32 -27.41 -14.70
CA GLY A 240 0.11 -26.61 -14.68
C GLY A 240 -0.04 -25.82 -13.40
N ARG A 241 -0.92 -24.83 -13.45
CA ARG A 241 -1.15 -23.97 -12.30
C ARG A 241 -2.63 -23.97 -11.95
N MET A 242 -2.95 -23.44 -10.78
CA MET A 242 -4.33 -23.30 -10.33
C MET A 242 -4.46 -22.02 -9.52
N ASP A 243 -5.16 -21.05 -10.08
CA ASP A 243 -5.37 -19.76 -9.44
C ASP A 243 -6.71 -19.79 -8.72
N PHE A 244 -6.69 -19.61 -7.42
CA PHE A 244 -7.88 -19.68 -6.59
C PHE A 244 -8.32 -18.27 -6.20
N PHE A 245 -9.62 -18.08 -6.11
CA PHE A 245 -10.23 -16.81 -5.79
C PHE A 245 -11.27 -17.00 -4.70
N TRP A 246 -11.47 -15.98 -3.90
CA TRP A 246 -12.43 -16.00 -2.81
C TRP A 246 -13.29 -14.76 -2.87
N THR A 247 -14.49 -14.86 -2.32
CA THR A 247 -15.39 -13.73 -2.19
C THR A 247 -16.24 -13.93 -0.95
N ILE A 248 -16.82 -12.82 -0.49
CA ILE A 248 -17.76 -12.81 0.62
C ILE A 248 -19.14 -12.52 0.06
N LEU A 249 -20.06 -13.45 0.25
CA LEU A 249 -21.43 -13.32 -0.20
C LEU A 249 -22.29 -12.81 0.95
N LYS A 250 -22.97 -11.69 0.72
CA LYS A 250 -23.85 -11.09 1.70
C LYS A 250 -25.11 -11.94 1.86
N PRO A 251 -25.83 -11.81 3.00
CA PRO A 251 -26.93 -12.74 3.29
C PRO A 251 -28.15 -12.75 2.39
N ASP A 252 -28.21 -11.97 1.32
CA ASP A 252 -29.31 -12.08 0.36
C ASP A 252 -28.82 -11.93 -1.08
N ASP A 253 -27.66 -12.48 -1.38
CA ASP A 253 -27.01 -12.25 -2.66
C ASP A 253 -26.82 -13.56 -3.43
N ALA A 254 -26.53 -13.43 -4.71
CA ALA A 254 -26.24 -14.55 -5.60
C ALA A 254 -24.79 -14.47 -6.07
N ILE A 255 -24.28 -15.59 -6.59
CA ILE A 255 -22.87 -15.68 -6.97
C ILE A 255 -22.66 -15.92 -8.47
N HIS A 256 -23.58 -16.63 -9.15
CA HIS A 256 -23.65 -16.68 -10.62
C HIS A 256 -22.37 -17.03 -11.37
N PHE A 257 -21.88 -18.26 -11.26
CA PHE A 257 -20.77 -18.71 -12.08
C PHE A 257 -21.24 -19.01 -13.49
N GLU A 258 -20.29 -19.05 -14.43
CA GLU A 258 -20.52 -19.54 -15.79
C GLU A 258 -19.19 -19.86 -16.43
N SER A 259 -19.02 -21.07 -16.96
CA SER A 259 -17.75 -21.47 -17.54
C SER A 259 -17.94 -22.61 -18.51
N ASN A 260 -17.12 -22.64 -19.56
CA ASN A 260 -17.07 -23.77 -20.47
C ASN A 260 -15.74 -24.51 -20.40
N GLY A 261 -14.98 -24.35 -19.33
CA GLY A 261 -13.79 -25.15 -19.12
C GLY A 261 -12.91 -24.54 -18.05
N ASN A 262 -11.97 -25.36 -17.59
CA ASN A 262 -10.93 -25.02 -16.62
C ASN A 262 -11.47 -24.49 -15.31
N PHE A 263 -12.62 -24.97 -14.88
CA PHE A 263 -13.30 -24.46 -13.70
C PHE A 263 -13.08 -25.38 -12.52
N ILE A 264 -12.56 -24.83 -11.42
CA ILE A 264 -12.50 -25.51 -10.14
C ILE A 264 -13.69 -25.00 -9.35
N ALA A 265 -14.77 -25.77 -9.36
CA ALA A 265 -16.05 -25.31 -8.84
C ALA A 265 -16.09 -25.38 -7.31
N PRO A 266 -16.79 -24.48 -6.66
CA PRO A 266 -16.96 -24.58 -5.21
C PRO A 266 -17.92 -25.71 -4.84
N GLU A 267 -17.57 -26.42 -3.78
CA GLU A 267 -18.48 -27.38 -3.16
C GLU A 267 -18.85 -26.98 -1.74
N TYR A 268 -17.90 -26.50 -0.96
CA TYR A 268 -18.14 -26.10 0.42
C TYR A 268 -17.78 -24.64 0.59
N ALA A 269 -18.62 -23.91 1.29
CA ALA A 269 -18.36 -22.54 1.70
C ALA A 269 -18.37 -22.48 3.23
N TYR A 270 -18.03 -21.29 3.75
CA TYR A 270 -17.90 -21.10 5.18
C TYR A 270 -18.80 -19.96 5.64
N LYS A 271 -19.80 -20.28 6.46
CA LYS A 271 -20.58 -19.28 7.16
C LYS A 271 -19.73 -18.65 8.25
N ILE A 272 -19.68 -17.32 8.28
CA ILE A 272 -18.97 -16.59 9.32
C ILE A 272 -19.97 -16.42 10.46
N VAL A 273 -19.95 -17.35 11.40
CA VAL A 273 -20.98 -17.41 12.44
C VAL A 273 -20.58 -16.63 13.70
N LYS A 274 -19.29 -16.44 13.94
CA LYS A 274 -18.81 -15.68 15.07
C LYS A 274 -17.66 -14.79 14.62
N LYS A 275 -17.66 -13.54 15.05
CA LYS A 275 -16.68 -12.55 14.62
C LYS A 275 -16.10 -11.84 15.83
N GLY A 276 -14.89 -11.31 15.66
CA GLY A 276 -14.33 -10.39 16.63
C GLY A 276 -13.08 -10.82 17.35
N ASP A 277 -11.98 -10.06 17.15
CA ASP A 277 -10.76 -10.15 17.94
C ASP A 277 -10.09 -11.52 17.92
N SER A 278 -9.59 -11.92 16.75
CA SER A 278 -8.73 -13.09 16.63
C SER A 278 -7.35 -12.59 16.19
N THR A 279 -6.42 -13.50 15.97
CA THR A 279 -5.14 -13.18 15.36
C THR A 279 -4.59 -14.44 14.72
N ILE A 280 -3.64 -14.25 13.81
CA ILE A 280 -2.87 -15.35 13.24
C ILE A 280 -1.44 -15.21 13.74
N MET A 281 -0.94 -16.25 14.39
CA MET A 281 0.31 -16.21 15.13
C MET A 281 1.30 -17.19 14.53
N LYS A 282 2.49 -16.70 14.20
CA LYS A 282 3.55 -17.54 13.65
C LYS A 282 4.36 -18.11 14.81
N SER A 283 4.21 -19.41 15.04
CA SER A 283 4.81 -20.03 16.21
C SER A 283 5.00 -21.51 15.97
N GLY A 284 6.17 -22.02 16.34
CA GLY A 284 6.44 -23.45 16.39
C GLY A 284 6.28 -24.05 17.76
N VAL A 285 5.84 -23.28 18.75
CA VAL A 285 5.67 -23.77 20.11
C VAL A 285 4.50 -24.75 20.16
N GLU A 286 4.60 -25.74 21.06
CA GLU A 286 3.60 -26.78 21.19
C GLU A 286 2.49 -26.35 22.15
N TYR A 287 1.32 -26.95 21.95
CA TYR A 287 0.16 -26.70 22.80
C TYR A 287 0.34 -27.40 24.14
N GLY A 288 0.15 -26.66 25.23
CA GLY A 288 0.45 -27.19 26.55
C GLY A 288 -0.72 -27.36 27.49
N HIS A 289 -1.95 -27.27 26.96
CA HIS A 289 -3.19 -27.53 27.67
C HIS A 289 -3.37 -26.62 28.89
N CYS A 290 -3.21 -25.31 28.70
CA CYS A 290 -3.23 -24.37 29.81
C CYS A 290 -4.52 -23.56 29.76
N ASN A 291 -4.57 -22.56 30.64
CA ASN A 291 -5.38 -21.37 30.47
C ASN A 291 -4.54 -20.15 30.77
N THR A 292 -4.78 -19.09 30.00
CA THR A 292 -4.01 -17.85 30.16
C THR A 292 -4.86 -16.69 29.68
N LYS A 293 -4.44 -15.49 30.05
CA LYS A 293 -5.08 -14.27 29.59
C LYS A 293 -4.20 -13.47 28.63
N CYS A 294 -2.98 -13.91 28.37
CA CYS A 294 -2.06 -13.23 27.47
C CYS A 294 -1.17 -14.25 26.78
N GLN A 295 -1.17 -14.25 25.46
CA GLN A 295 -0.39 -15.20 24.67
C GLN A 295 0.52 -14.46 23.71
N THR A 296 1.76 -14.93 23.59
CA THR A 296 2.78 -14.46 22.68
C THR A 296 3.27 -15.66 21.90
N PRO A 297 3.86 -15.44 20.69
CA PRO A 297 4.32 -16.58 19.87
C PRO A 297 5.40 -17.47 20.48
N VAL A 298 5.96 -17.09 21.63
CA VAL A 298 6.90 -17.94 22.34
C VAL A 298 6.38 -18.44 23.68
N GLY A 299 5.21 -18.01 24.13
CA GLY A 299 4.69 -18.50 25.39
C GLY A 299 3.61 -17.61 25.95
N ALA A 300 3.04 -18.06 27.06
CA ALA A 300 1.95 -17.35 27.71
C ALA A 300 2.48 -16.54 28.89
N ILE A 301 1.90 -15.37 29.08
CA ILE A 301 2.29 -14.44 30.15
C ILE A 301 1.22 -14.49 31.24
N ASN A 302 1.65 -14.72 32.48
CA ASN A 302 0.77 -14.71 33.63
C ASN A 302 1.37 -13.69 34.60
N SER A 303 0.92 -12.44 34.51
CA SER A 303 1.62 -11.35 35.17
C SER A 303 0.68 -10.18 35.42
N SER A 304 0.99 -9.41 36.46
CA SER A 304 0.33 -8.14 36.74
C SER A 304 1.26 -6.95 36.52
N MET A 305 2.46 -7.17 36.01
CA MET A 305 3.38 -6.08 35.74
C MET A 305 2.86 -5.22 34.58
N PRO A 306 3.14 -3.92 34.56
CA PRO A 306 2.69 -3.10 33.44
C PRO A 306 3.50 -3.29 32.16
N PHE A 307 4.64 -3.98 32.22
CA PHE A 307 5.52 -4.12 31.06
C PHE A 307 5.94 -5.57 30.89
N HIS A 308 6.39 -5.89 29.68
CA HIS A 308 7.04 -7.15 29.40
C HIS A 308 7.97 -6.97 28.21
N ASN A 309 8.95 -7.86 28.08
CA ASN A 309 9.90 -7.83 26.98
C ASN A 309 9.92 -9.16 26.22
N ILE A 310 8.82 -9.89 26.23
CA ILE A 310 8.76 -11.23 25.67
C ILE A 310 8.68 -11.19 24.15
N HIS A 311 7.62 -10.59 23.63
CA HIS A 311 7.38 -10.56 22.19
C HIS A 311 6.48 -9.38 21.86
N PRO A 312 6.77 -8.66 20.77
CA PRO A 312 5.91 -7.53 20.38
C PRO A 312 4.48 -7.92 20.06
N LEU A 313 4.27 -9.09 19.46
CA LEU A 313 2.95 -9.53 19.06
C LEU A 313 2.31 -10.29 20.21
N THR A 314 1.12 -9.87 20.62
CA THR A 314 0.44 -10.43 21.76
C THR A 314 -1.05 -10.52 21.46
N ILE A 315 -1.74 -11.40 22.20
CA ILE A 315 -3.20 -11.46 22.17
C ILE A 315 -3.69 -11.64 23.61
N GLY A 316 -4.86 -11.10 23.89
CA GLY A 316 -5.42 -11.07 25.22
C GLY A 316 -5.09 -9.76 25.94
N GLU A 317 -5.42 -9.73 27.22
CA GLU A 317 -5.04 -8.60 28.07
C GLU A 317 -3.58 -8.79 28.49
N CYS A 318 -2.72 -7.91 28.04
CA CYS A 318 -1.28 -8.08 28.13
C CYS A 318 -0.60 -6.85 28.68
N PRO A 319 0.58 -6.99 29.27
CA PRO A 319 1.40 -5.81 29.58
C PRO A 319 1.91 -5.14 28.32
N LYS A 320 2.42 -3.92 28.45
CA LYS A 320 2.91 -3.18 27.29
C LYS A 320 4.33 -3.62 26.95
N TYR A 321 4.58 -3.86 25.67
CA TYR A 321 5.87 -4.38 25.25
C TYR A 321 6.90 -3.27 25.17
N VAL A 322 8.08 -3.53 25.74
CA VAL A 322 9.26 -2.68 25.57
C VAL A 322 10.44 -3.59 25.29
N LYS A 323 11.46 -3.05 24.62
CA LYS A 323 12.65 -3.82 24.29
C LYS A 323 13.71 -3.68 25.39
N SER A 324 13.28 -3.29 26.58
CA SER A 324 14.18 -3.13 27.71
C SER A 324 14.54 -4.49 28.30
N ASN A 325 15.70 -4.55 28.94
CA ASN A 325 16.09 -5.69 29.74
C ASN A 325 15.93 -5.47 31.23
N LYS A 326 15.80 -4.22 31.67
CA LYS A 326 15.66 -3.88 33.08
C LYS A 326 14.77 -2.66 33.19
N LEU A 327 13.73 -2.76 34.02
CA LEU A 327 12.82 -1.65 34.27
C LEU A 327 12.40 -1.76 35.73
N VAL A 328 13.11 -1.05 36.61
CA VAL A 328 12.88 -1.14 38.05
C VAL A 328 12.65 0.27 38.58
N LEU A 329 11.49 0.49 39.20
CA LEU A 329 11.17 1.77 39.80
C LEU A 329 11.64 1.77 41.25
N ALA A 330 12.50 2.72 41.61
CA ALA A 330 12.89 2.88 43.00
C ALA A 330 11.70 3.38 43.80
N THR A 331 11.35 2.67 44.86
CA THR A 331 10.26 3.08 45.73
C THR A 331 10.71 3.56 47.09
N GLY A 332 11.77 2.98 47.65
CA GLY A 332 12.38 3.46 48.87
C GLY A 332 13.62 4.30 48.59
N LEU A 333 14.28 4.69 49.68
CA LEU A 333 15.48 5.50 49.60
C LEU A 333 16.66 4.60 49.22
N ARG A 334 17.87 5.15 49.27
CA ARG A 334 19.06 4.40 48.86
C ARG A 334 19.67 3.70 50.07
N ASN A 335 20.24 2.53 49.82
CA ASN A 335 20.71 1.64 50.88
C ASN A 335 22.18 1.90 51.20
N SER A 336 22.48 2.03 52.49
CA SER A 336 23.86 2.14 52.92
C SER A 336 24.55 0.78 52.81
N PRO A 337 25.87 0.75 52.52
CA PRO A 337 26.63 -0.50 52.43
C PRO A 337 26.68 -1.27 53.75
N LEU A 346 20.71 15.60 45.40
CA LEU A 346 20.49 17.04 45.29
C LEU A 346 20.51 17.69 46.67
N PHE A 347 19.64 17.20 47.54
CA PHE A 347 19.59 17.67 48.90
C PHE A 347 20.66 16.95 49.72
N GLY A 348 21.04 17.55 50.84
CA GLY A 348 22.26 17.15 51.50
C GLY A 348 22.13 16.21 52.67
N ALA A 349 21.00 15.51 52.80
CA ALA A 349 20.71 14.71 53.98
C ALA A 349 21.03 13.23 53.81
N ILE A 350 20.43 12.57 52.82
CA ILE A 350 20.67 11.14 52.61
C ILE A 350 22.02 10.99 51.91
N ALA A 351 22.91 10.19 52.52
CA ALA A 351 24.32 10.06 52.12
C ALA A 351 25.01 11.42 52.11
N GLY A 352 24.61 12.29 53.04
CA GLY A 352 25.16 13.62 53.17
C GLY A 352 25.68 13.86 54.56
N PHE A 353 25.11 14.85 55.26
CA PHE A 353 25.54 15.12 56.62
C PHE A 353 25.04 14.04 57.58
N ILE A 354 23.88 13.45 57.30
CA ILE A 354 23.49 12.22 57.99
C ILE A 354 24.19 11.09 57.24
N GLU A 355 25.15 10.44 57.90
CA GLU A 355 26.13 9.62 57.19
C GLU A 355 25.51 8.34 56.61
N GLY A 356 24.71 7.63 57.42
CA GLY A 356 24.17 6.37 56.96
C GLY A 356 22.79 6.10 57.54
N GLY A 357 22.14 5.08 56.99
CA GLY A 357 20.83 4.70 57.48
C GLY A 357 20.92 3.84 58.73
N TRP A 358 19.74 3.57 59.29
CA TRP A 358 19.62 2.82 60.53
C TRP A 358 18.97 1.48 60.25
N GLN A 359 19.73 0.39 60.43
CA GLN A 359 19.20 -0.94 60.20
C GLN A 359 18.24 -1.38 61.30
N GLY A 360 18.41 -0.88 62.52
CA GLY A 360 17.54 -1.27 63.61
C GLY A 360 16.13 -0.76 63.48
N MET A 361 15.97 0.48 63.00
CA MET A 361 14.66 1.10 62.94
C MET A 361 13.96 0.62 61.67
N VAL A 362 13.05 -0.34 61.84
CA VAL A 362 12.40 -1.03 60.73
C VAL A 362 10.89 -0.80 60.74
N ASP A 363 10.44 0.27 61.40
CA ASP A 363 9.02 0.59 61.50
C ASP A 363 8.61 1.76 60.61
N GLY A 364 9.56 2.43 59.96
CA GLY A 364 9.25 3.53 59.08
C GLY A 364 10.32 3.68 58.01
N TRP A 365 10.20 4.78 57.26
CA TRP A 365 11.25 5.18 56.32
C TRP A 365 12.11 6.28 56.92
N TYR A 366 11.53 7.14 57.73
CA TYR A 366 12.25 8.20 58.44
C TYR A 366 11.88 8.14 59.91
N GLY A 367 12.82 8.53 60.77
CA GLY A 367 12.54 8.45 62.18
C GLY A 367 13.62 9.10 63.03
N TYR A 368 13.44 8.96 64.35
CA TYR A 368 14.34 9.52 65.34
C TYR A 368 14.86 8.39 66.20
N HIS A 369 16.17 8.37 66.43
CA HIS A 369 16.77 7.51 67.44
C HIS A 369 17.11 8.37 68.66
N HIS A 370 16.32 8.23 69.72
CA HIS A 370 16.57 9.00 70.93
C HIS A 370 17.42 8.17 71.89
N SER A 371 18.28 8.85 72.65
CA SER A 371 19.08 8.20 73.66
C SER A 371 19.18 9.05 74.91
N ASN A 372 18.23 8.89 75.82
CA ASN A 372 18.23 9.59 77.10
C ASN A 372 18.64 8.65 78.22
N GLU A 373 18.51 9.11 79.47
CA GLU A 373 18.78 8.27 80.62
C GLU A 373 17.72 7.21 80.86
N GLN A 374 16.58 7.28 80.16
CA GLN A 374 15.50 6.32 80.31
C GLN A 374 15.35 5.40 79.10
N GLY A 375 16.42 5.18 78.36
CA GLY A 375 16.41 4.23 77.27
C GLY A 375 17.12 4.79 76.05
N SER A 376 17.32 3.91 75.07
CA SER A 376 17.98 4.29 73.82
C SER A 376 17.26 3.66 72.64
N GLY A 377 15.92 3.72 72.64
CA GLY A 377 15.13 3.08 71.62
C GLY A 377 14.96 3.93 70.38
N TYR A 378 14.60 3.25 69.28
CA TYR A 378 14.35 3.90 68.00
C TYR A 378 12.86 4.22 67.87
N ALA A 379 12.52 5.00 66.84
CA ALA A 379 11.13 5.38 66.59
C ALA A 379 11.01 5.78 65.12
N ALA A 380 9.76 5.85 64.66
CA ALA A 380 9.45 6.29 63.31
C ALA A 380 8.57 7.53 63.37
N ASP A 381 8.82 8.46 62.44
CA ASP A 381 7.98 9.64 62.31
C ASP A 381 6.84 9.32 61.35
N LYS A 382 5.66 9.11 61.92
CA LYS A 382 4.46 9.02 61.10
C LYS A 382 4.08 10.40 60.58
N GLU A 383 3.18 10.41 59.59
CA GLU A 383 2.72 11.50 58.71
C GLU A 383 3.85 12.09 57.87
N SER A 384 5.05 11.52 57.98
CA SER A 384 6.11 11.79 57.02
C SER A 384 6.38 10.56 56.16
N THR A 385 6.51 9.40 56.84
CA THR A 385 6.59 8.12 56.13
C THR A 385 5.32 7.85 55.34
N GLN A 386 4.15 8.10 55.93
CA GLN A 386 2.90 7.84 55.23
C GLN A 386 2.74 8.76 54.03
N LYS A 387 3.13 10.03 54.17
CA LYS A 387 3.10 10.96 53.05
C LYS A 387 4.07 10.54 51.94
N ALA A 388 5.26 10.07 52.32
CA ALA A 388 6.23 9.60 51.34
C ALA A 388 5.72 8.36 50.60
N ILE A 389 5.14 7.42 51.33
CA ILE A 389 4.60 6.20 50.73
C ILE A 389 3.44 6.54 49.80
N ASP A 390 2.57 7.47 50.22
CA ASP A 390 1.46 7.89 49.38
C ASP A 390 1.96 8.56 48.11
N GLY A 391 2.98 9.42 48.22
CA GLY A 391 3.53 10.08 47.04
C GLY A 391 4.19 9.12 46.07
N VAL A 392 4.97 8.17 46.61
CA VAL A 392 5.65 7.20 45.75
C VAL A 392 4.66 6.25 45.09
N THR A 393 3.65 5.80 45.85
CA THR A 393 2.61 4.95 45.29
C THR A 393 1.82 5.68 44.20
N ASN A 394 1.50 6.96 44.44
CA ASN A 394 0.83 7.76 43.43
C ASN A 394 1.69 7.93 42.18
N LYS A 395 3.00 8.14 42.36
CA LYS A 395 3.91 8.27 41.23
C LYS A 395 3.94 7.00 40.38
N VAL A 396 4.06 5.84 41.04
CA VAL A 396 4.07 4.56 40.33
C VAL A 396 2.75 4.33 39.62
N ASN A 397 1.64 4.68 40.28
CA ASN A 397 0.32 4.53 39.65
C ASN A 397 0.17 5.42 38.44
N SER A 398 0.72 6.64 38.48
CA SER A 398 0.64 7.51 37.31
C SER A 398 1.56 7.06 36.19
N ILE A 399 2.69 6.44 36.52
CA ILE A 399 3.53 5.85 35.47
C ILE A 399 2.81 4.69 34.78
N ILE A 400 2.12 3.85 35.55
CA ILE A 400 1.35 2.77 34.95
C ILE A 400 0.14 3.31 34.17
N ASP A 401 -0.51 4.35 34.69
CA ASP A 401 -1.74 4.85 34.07
C ASP A 401 -1.46 5.57 32.76
N LYS A 402 -0.38 6.37 32.71
CA LYS A 402 -0.04 7.09 31.49
C LYS A 402 0.48 6.19 30.38
N MET A 403 0.80 4.93 30.68
CA MET A 403 1.38 4.02 29.71
C MET A 403 0.38 3.01 29.17
N ASN A 404 -0.91 3.14 29.49
CA ASN A 404 -1.90 2.20 29.00
C ASN A 404 -2.09 2.31 27.50
N THR A 405 -2.08 3.53 26.98
CA THR A 405 -2.26 3.77 25.54
C THR A 405 -0.90 3.81 24.87
N GLN A 406 -0.26 2.65 24.82
CA GLN A 406 0.97 2.48 24.05
C GLN A 406 0.63 2.02 22.63
N PHE A 407 1.64 1.57 21.90
CA PHE A 407 1.44 0.99 20.58
C PHE A 407 1.42 -0.52 20.71
N GLU A 408 0.41 -1.14 20.10
CA GLU A 408 0.28 -2.59 20.06
C GLU A 408 0.54 -3.06 18.64
N ALA A 409 1.57 -3.88 18.46
CA ALA A 409 1.91 -4.39 17.14
C ALA A 409 0.93 -5.49 16.73
N VAL A 410 0.43 -5.40 15.51
CA VAL A 410 -0.45 -6.43 14.95
C VAL A 410 0.29 -7.09 13.79
N GLY A 411 -0.11 -8.32 13.49
CA GLY A 411 0.50 -9.05 12.40
C GLY A 411 -0.14 -8.76 11.06
N ARG A 412 0.61 -8.12 10.17
CA ARG A 412 0.18 -7.87 8.80
C ARG A 412 1.15 -8.56 7.84
N GLU A 413 0.60 -9.25 6.85
CA GLU A 413 1.39 -10.04 5.92
C GLU A 413 1.32 -9.45 4.52
N PHE A 414 2.41 -9.59 3.77
CA PHE A 414 2.54 -9.05 2.43
C PHE A 414 3.25 -10.06 1.55
N ASN A 415 3.01 -9.97 0.23
CA ASN A 415 3.66 -10.88 -0.70
C ASN A 415 4.97 -10.26 -1.20
N ASN A 416 5.64 -10.98 -2.10
CA ASN A 416 6.98 -10.61 -2.54
C ASN A 416 6.99 -9.39 -3.46
N LEU A 417 5.87 -9.00 -4.03
CA LEU A 417 5.78 -7.77 -4.80
C LEU A 417 5.15 -6.64 -3.98
N GLU A 418 5.20 -6.76 -2.66
CA GLU A 418 4.70 -5.77 -1.72
C GLU A 418 5.74 -5.49 -0.65
N ARG A 419 7.00 -5.51 -1.07
CA ARG A 419 8.14 -5.39 -0.18
C ARG A 419 8.37 -3.97 0.31
N ARG A 420 8.05 -2.95 -0.49
CA ARG A 420 8.10 -1.58 0.00
C ARG A 420 7.09 -1.35 1.11
N ILE A 421 5.88 -1.86 0.94
CA ILE A 421 4.85 -1.68 1.96
C ILE A 421 5.15 -2.56 3.17
N GLU A 422 5.78 -3.72 2.98
CA GLU A 422 6.25 -4.53 4.09
C GLU A 422 7.34 -3.81 4.89
N ASN A 423 8.27 -3.16 4.19
CA ASN A 423 9.32 -2.37 4.84
C ASN A 423 8.72 -1.20 5.60
N LEU A 424 7.71 -0.55 5.01
CA LEU A 424 7.00 0.53 5.70
C LEU A 424 6.32 0.05 6.98
N ASN A 425 5.68 -1.11 6.92
CA ASN A 425 5.04 -1.67 8.11
C ASN A 425 6.06 -2.02 9.18
N LYS A 426 7.17 -2.63 8.78
CA LYS A 426 8.23 -3.00 9.73
C LYS A 426 8.82 -1.75 10.38
N LYS A 427 9.09 -0.71 9.59
CA LYS A 427 9.61 0.54 10.11
C LYS A 427 8.63 1.27 11.01
N MET A 428 7.33 1.26 10.68
CA MET A 428 6.33 1.88 11.55
C MET A 428 6.24 1.18 12.89
N GLU A 429 6.12 -0.16 12.88
CA GLU A 429 6.01 -0.90 14.13
C GLU A 429 7.27 -0.81 14.96
N ASP A 430 8.44 -0.93 14.31
CA ASP A 430 9.70 -0.82 15.03
C ASP A 430 9.96 0.59 15.55
N GLY A 431 9.57 1.62 14.79
CA GLY A 431 9.71 2.98 15.27
C GLY A 431 8.83 3.28 16.46
N PHE A 432 7.59 2.81 16.44
CA PHE A 432 6.72 2.98 17.59
C PHE A 432 7.19 2.19 18.81
N LEU A 433 7.68 0.96 18.61
CA LEU A 433 8.27 0.21 19.71
C LEU A 433 9.50 0.90 20.29
N ASP A 434 10.36 1.45 19.43
CA ASP A 434 11.51 2.23 19.90
C ASP A 434 11.10 3.47 20.66
N VAL A 435 10.06 4.17 20.17
CA VAL A 435 9.57 5.37 20.84
C VAL A 435 9.05 5.05 22.23
N TRP A 436 8.25 4.00 22.35
CA TRP A 436 7.70 3.65 23.65
C TRP A 436 8.73 3.00 24.58
N THR A 437 9.72 2.29 24.04
CA THR A 437 10.84 1.81 24.85
C THR A 437 11.65 2.97 25.41
N TYR A 438 11.94 3.97 24.58
CA TYR A 438 12.61 5.18 25.05
C TYR A 438 11.78 5.90 26.10
N ASN A 439 10.47 5.99 25.88
CA ASN A 439 9.59 6.67 26.83
C ASN A 439 9.61 5.98 28.19
N ALA A 440 9.45 4.65 28.21
CA ALA A 440 9.42 3.92 29.48
C ALA A 440 10.78 3.96 30.17
N GLU A 441 11.87 3.68 29.44
CA GLU A 441 13.19 3.66 30.06
C GLU A 441 13.61 5.03 30.56
N LEU A 442 13.38 6.08 29.77
CA LEU A 442 13.72 7.42 30.20
C LEU A 442 12.84 7.91 31.34
N LEU A 443 11.55 7.55 31.36
CA LEU A 443 10.69 7.91 32.48
C LEU A 443 11.16 7.23 33.76
N VAL A 444 11.56 5.96 33.68
CA VAL A 444 12.12 5.28 34.85
C VAL A 444 13.39 5.98 35.31
N LEU A 445 14.25 6.38 34.36
CA LEU A 445 15.50 7.05 34.70
C LEU A 445 15.27 8.38 35.41
N MET A 446 14.35 9.22 34.91
CA MET A 446 14.07 10.47 35.61
C MET A 446 13.41 10.24 36.95
N GLU A 447 12.35 9.42 37.00
CA GLU A 447 11.61 9.25 38.24
C GLU A 447 12.41 8.53 39.32
N ASN A 448 13.47 7.81 38.96
CA ASN A 448 14.32 7.23 40.01
C ASN A 448 15.11 8.29 40.77
N GLU A 449 15.73 9.25 40.07
CA GLU A 449 16.32 10.40 40.75
C GLU A 449 15.29 11.26 41.44
N ARG A 450 14.09 11.40 40.87
CA ARG A 450 13.05 12.15 41.54
C ARG A 450 12.65 11.50 42.85
N THR A 451 12.54 10.17 42.87
CA THR A 451 12.20 9.46 44.10
C THR A 451 13.33 9.56 45.13
N LEU A 452 14.58 9.37 44.69
CA LEU A 452 15.71 9.47 45.61
C LEU A 452 15.86 10.88 46.19
N ASP A 453 15.73 11.92 45.36
CA ASP A 453 15.73 13.29 45.85
C ASP A 453 14.51 13.61 46.70
N PHE A 454 13.37 12.95 46.44
CA PHE A 454 12.20 13.13 47.30
C PHE A 454 12.45 12.57 48.69
N HIS A 455 13.05 11.38 48.77
CA HIS A 455 13.42 10.81 50.07
C HIS A 455 14.45 11.69 50.77
N ASP A 456 15.41 12.20 50.02
CA ASP A 456 16.42 13.11 50.56
C ASP A 456 15.79 14.40 51.10
N SER A 457 14.84 14.98 50.37
CA SER A 457 14.19 16.20 50.82
C SER A 457 13.27 15.93 52.00
N ASN A 458 12.68 14.73 52.05
CA ASN A 458 11.90 14.36 53.22
C ASN A 458 12.76 14.27 54.48
N VAL A 459 13.94 13.65 54.37
CA VAL A 459 14.85 13.59 55.51
C VAL A 459 15.33 14.98 55.90
N LYS A 460 15.69 15.83 54.93
CA LYS A 460 16.12 17.18 55.24
C LYS A 460 15.01 18.05 55.81
N ASN A 461 13.77 17.90 55.34
CA ASN A 461 12.64 18.63 55.88
C ASN A 461 12.30 18.18 57.29
N LEU A 462 12.43 16.88 57.58
CA LEU A 462 12.32 16.42 58.96
C LEU A 462 13.40 17.01 59.85
N TYR A 463 14.64 17.03 59.36
CA TYR A 463 15.75 17.60 60.12
C TYR A 463 15.53 19.07 60.40
N ASP A 464 15.06 19.82 59.41
CA ASP A 464 14.79 21.24 59.58
C ASP A 464 13.58 21.48 60.47
N LYS A 465 12.58 20.59 60.44
CA LYS A 465 11.45 20.71 61.35
C LYS A 465 11.88 20.56 62.80
N VAL A 466 12.75 19.59 63.09
CA VAL A 466 13.34 19.48 64.42
C VAL A 466 14.22 20.67 64.75
N ARG A 467 14.99 21.22 63.81
CA ARG A 467 15.90 22.33 64.19
C ARG A 467 15.06 23.57 64.52
N LEU A 468 14.07 23.88 63.69
CA LEU A 468 13.21 25.08 63.85
C LEU A 468 12.39 25.01 65.14
N GLN A 469 11.94 23.82 65.58
CA GLN A 469 11.26 23.71 66.90
C GLN A 469 12.27 24.04 68.01
N LEU A 470 13.33 23.24 68.18
CA LEU A 470 14.31 23.48 69.29
C LEU A 470 15.42 24.38 68.78
N ARG A 471 15.37 25.67 69.09
CA ARG A 471 16.34 26.62 68.50
C ARG A 471 17.66 26.62 69.27
N ASP A 472 17.68 27.18 70.48
CA ASP A 472 18.95 27.33 71.23
C ASP A 472 19.00 26.34 72.40
N ASN A 473 17.89 25.70 72.74
CA ASN A 473 17.83 24.74 73.88
C ASN A 473 18.54 23.45 73.47
N ALA A 474 19.20 23.45 72.32
CA ALA A 474 19.82 22.23 71.78
C ALA A 474 21.25 22.50 71.33
N LYS A 475 21.82 21.54 70.58
CA LYS A 475 23.18 21.73 70.02
C LYS A 475 23.22 20.96 68.71
N GLU A 476 23.31 21.68 67.60
CA GLU A 476 23.39 21.07 66.29
C GLU A 476 24.74 20.37 66.14
N LEU A 477 24.74 19.04 66.25
CA LEU A 477 25.99 18.29 66.32
C LEU A 477 26.64 18.05 64.96
N GLY A 478 25.92 18.29 63.87
CA GLY A 478 26.46 18.19 62.52
C GLY A 478 26.10 16.89 61.81
N ASN A 479 26.09 15.78 62.55
CA ASN A 479 25.75 14.49 61.94
C ASN A 479 24.26 14.27 61.84
N GLY A 480 23.46 15.07 62.55
CA GLY A 480 22.02 14.92 62.50
C GLY A 480 21.39 14.84 63.87
N CYS A 481 22.19 14.97 64.91
CA CYS A 481 21.74 14.88 66.29
C CYS A 481 21.52 16.27 66.89
N PHE A 482 20.80 16.29 68.02
CA PHE A 482 20.53 17.52 68.76
C PHE A 482 20.72 17.21 70.25
N GLU A 483 21.91 17.47 70.75
CA GLU A 483 22.18 17.30 72.18
C GLU A 483 21.56 18.45 72.97
N PHE A 484 20.57 18.14 73.79
CA PHE A 484 19.82 19.14 74.53
C PHE A 484 20.67 19.78 75.62
N TYR A 485 20.32 21.02 75.96
CA TYR A 485 20.99 21.79 77.00
C TYR A 485 20.21 21.80 78.31
N HIS A 486 19.31 20.84 78.50
CA HIS A 486 18.51 20.76 79.71
C HIS A 486 18.18 19.31 80.01
N LYS A 487 17.49 19.06 81.12
CA LYS A 487 17.09 17.71 81.50
C LYS A 487 15.89 17.33 80.64
N CYS A 488 16.10 16.37 79.75
CA CYS A 488 15.07 15.92 78.80
C CYS A 488 14.86 14.43 79.02
N ASP A 489 13.59 14.04 79.14
CA ASP A 489 13.15 12.67 79.33
C ASP A 489 12.21 12.32 78.18
N ASN A 490 11.51 11.19 78.33
CA ASN A 490 10.62 10.66 77.29
C ASN A 490 9.56 11.66 76.84
N GLU A 491 9.09 12.52 77.72
CA GLU A 491 8.05 13.48 77.40
C GLU A 491 8.47 14.46 76.31
N CYS A 492 9.62 15.11 76.47
CA CYS A 492 10.07 16.06 75.45
C CYS A 492 10.48 15.33 74.17
N MET A 493 11.00 14.10 74.30
CA MET A 493 11.29 13.29 73.12
C MET A 493 10.03 13.04 72.29
N GLU A 494 8.96 12.56 72.92
CA GLU A 494 7.70 12.35 72.20
C GLU A 494 7.09 13.66 71.72
N SER A 495 7.31 14.76 72.44
CA SER A 495 6.79 16.05 71.98
C SER A 495 7.51 16.53 70.72
N VAL A 496 8.82 16.32 70.65
CA VAL A 496 9.56 16.66 69.42
C VAL A 496 9.16 15.73 68.28
N ARG A 497 8.92 14.44 68.59
CA ARG A 497 8.40 13.53 67.57
C ARG A 497 7.02 13.95 67.09
N ASN A 498 6.23 14.58 67.95
CA ASN A 498 4.87 15.00 67.59
C ASN A 498 4.89 16.23 66.68
N GLY A 499 5.44 17.33 67.18
CA GLY A 499 5.40 18.60 66.48
C GLY A 499 5.16 19.76 67.41
N THR A 500 4.59 19.47 68.59
CA THR A 500 4.36 20.50 69.60
C THR A 500 5.52 20.50 70.58
N TYR A 501 6.17 21.66 70.73
CA TYR A 501 7.31 21.77 71.63
C TYR A 501 7.21 23.09 72.39
N ASP A 502 7.45 23.05 73.70
CA ASP A 502 7.33 24.22 74.55
C ASP A 502 8.71 24.79 74.82
N TYR A 503 9.11 25.77 74.01
CA TYR A 503 10.37 26.47 74.20
C TYR A 503 10.46 27.21 75.54
N PRO A 504 9.45 27.97 76.02
CA PRO A 504 9.59 28.59 77.35
C PRO A 504 9.65 27.62 78.51
N GLN A 505 9.20 26.37 78.33
CA GLN A 505 9.23 25.40 79.41
C GLN A 505 10.66 25.03 79.80
N TYR A 506 11.54 24.85 78.81
CA TYR A 506 12.92 24.48 79.07
C TYR A 506 13.90 25.61 78.83
N SER A 507 13.41 26.80 78.44
CA SER A 507 14.27 27.93 78.11
C SER A 507 15.12 28.37 79.30
N GLU A 508 14.54 28.36 80.50
CA GLU A 508 15.21 28.79 81.72
C GLU A 508 16.46 27.96 82.02
N GLU A 509 16.29 26.63 82.05
CA GLU A 509 17.44 25.76 82.35
C GLU A 509 18.38 25.67 81.16
N ALA A 510 17.85 25.86 79.94
CA ALA A 510 18.72 25.85 78.76
C ALA A 510 19.66 27.05 78.73
N ARG A 511 19.14 28.23 79.06
CA ARG A 511 20.00 29.41 79.10
C ARG A 511 20.82 29.43 80.39
N LEU A 512 20.39 28.66 81.40
CA LEU A 512 21.20 28.55 82.64
C LEU A 512 22.37 27.60 82.38
N LYS A 513 22.17 26.59 81.53
CA LYS A 513 23.23 25.60 81.21
C LYS A 513 24.06 26.11 80.01
N ARG A 514 24.86 27.15 80.21
CA ARG A 514 25.74 27.67 79.13
C ARG A 514 27.16 27.76 79.70
N GLU A 515 27.87 26.64 79.80
CA GLU A 515 29.20 26.64 80.43
C GLU A 515 29.19 27.37 81.78
N ASP B 17 40.93 35.83 58.55
CA ASP B 17 41.05 34.39 58.39
C ASP B 17 39.78 33.82 57.77
N GLN B 18 39.56 34.12 56.49
CA GLN B 18 38.36 33.70 55.79
C GLN B 18 38.62 32.42 55.02
N ILE B 19 37.58 31.60 54.88
CA ILE B 19 37.70 30.29 54.24
C ILE B 19 36.60 30.19 53.17
N CYS B 20 36.29 31.33 52.55
CA CYS B 20 35.16 31.52 51.62
C CYS B 20 35.02 30.40 50.59
N ILE B 21 33.77 30.00 50.35
CA ILE B 21 33.46 28.91 49.44
C ILE B 21 32.84 29.50 48.19
N GLY B 22 33.25 28.98 47.03
CA GLY B 22 32.75 29.50 45.78
C GLY B 22 32.90 28.47 44.68
N TYR B 23 32.97 28.98 43.45
CA TYR B 23 32.98 28.13 42.27
C TYR B 23 33.89 28.72 41.20
N HIS B 24 33.99 28.01 40.08
CA HIS B 24 34.96 28.29 39.03
C HIS B 24 34.34 29.15 37.94
N ALA B 25 35.16 29.97 37.27
CA ALA B 25 34.72 30.77 36.15
C ALA B 25 35.78 30.83 35.04
N ASN B 26 35.31 31.23 33.87
CA ASN B 26 36.07 31.79 32.74
C ASN B 26 35.42 33.07 32.24
N ASN B 27 35.82 33.44 31.01
CA ASN B 27 35.22 34.49 30.21
C ASN B 27 34.45 33.92 29.01
N SER B 28 34.02 32.66 29.09
CA SER B 28 33.44 31.97 27.95
C SER B 28 32.07 32.51 27.60
N THR B 29 31.70 32.33 26.32
CA THR B 29 30.42 32.76 25.78
C THR B 29 29.58 31.57 25.34
N GLU B 30 29.86 30.40 25.90
CA GLU B 30 29.06 29.21 25.63
C GLU B 30 27.67 29.40 26.22
N GLN B 31 26.64 29.17 25.40
CA GLN B 31 25.27 29.45 25.78
C GLN B 31 24.42 28.20 25.60
N VAL B 32 23.63 27.88 26.62
CA VAL B 32 22.69 26.78 26.59
C VAL B 32 21.29 27.32 26.85
N ASP B 33 20.29 26.45 26.67
CA ASP B 33 18.89 26.78 26.89
C ASP B 33 18.30 25.85 27.93
N THR B 34 17.48 26.41 28.82
CA THR B 34 16.74 25.62 29.79
C THR B 34 15.25 25.82 29.56
N ILE B 35 14.42 25.28 30.46
CA ILE B 35 12.98 25.43 30.32
C ILE B 35 12.55 26.87 30.60
N MET B 36 13.09 27.49 31.64
CA MET B 36 12.59 28.78 32.10
C MET B 36 13.46 29.97 31.67
N GLU B 37 14.56 29.74 30.97
CA GLU B 37 15.42 30.86 30.60
C GLU B 37 16.30 30.47 29.42
N LYS B 38 16.44 31.37 28.44
CA LYS B 38 17.29 31.21 27.28
C LYS B 38 18.52 32.10 27.42
N ASN B 39 19.49 31.90 26.52
CA ASN B 39 20.80 32.56 26.55
C ASN B 39 21.51 32.36 27.90
N VAL B 40 21.62 31.13 28.38
CA VAL B 40 22.29 30.87 29.65
C VAL B 40 23.78 30.72 29.35
N THR B 41 24.59 31.63 29.90
CA THR B 41 26.03 31.52 29.74
C THR B 41 26.57 30.52 30.74
N VAL B 42 27.44 29.63 30.28
CA VAL B 42 27.99 28.56 31.11
C VAL B 42 29.51 28.54 30.98
N THR B 43 30.15 27.95 31.99
CA THR B 43 31.60 27.80 31.97
C THR B 43 32.03 26.78 30.91
N HIS B 44 31.39 25.61 30.91
CA HIS B 44 31.70 24.55 29.96
C HIS B 44 30.40 24.01 29.38
N ALA B 45 30.41 23.76 28.07
CA ALA B 45 29.27 23.20 27.39
C ALA B 45 29.77 22.29 26.27
N GLN B 46 28.96 21.29 25.94
CA GLN B 46 29.31 20.30 24.92
C GLN B 46 28.25 20.34 23.84
N ASP B 47 28.62 20.83 22.66
CA ASP B 47 27.76 20.71 21.50
C ASP B 47 27.67 19.24 21.11
N ILE B 48 26.46 18.78 20.80
CA ILE B 48 26.26 17.38 20.45
C ILE B 48 25.54 17.28 19.12
N LEU B 49 25.50 18.39 18.37
CA LEU B 49 24.86 18.43 17.06
C LEU B 49 25.88 18.83 16.01
N GLU B 50 26.01 18.00 14.97
CA GLU B 50 26.89 18.33 13.86
C GLU B 50 26.11 19.04 12.76
N LYS B 51 26.66 20.15 12.26
CA LYS B 51 25.98 20.98 11.27
C LYS B 51 26.81 21.17 10.01
N THR B 52 27.95 20.49 9.86
CA THR B 52 28.84 20.69 8.73
C THR B 52 29.07 19.39 7.99
N HIS B 53 29.18 19.50 6.66
CA HIS B 53 29.53 18.39 5.78
C HIS B 53 30.49 18.90 4.73
N ASN B 54 31.20 17.98 4.06
CA ASN B 54 32.15 18.41 3.06
C ASN B 54 31.50 18.78 1.74
N GLY B 55 30.21 18.48 1.58
CA GLY B 55 29.50 18.81 0.36
C GLY B 55 29.94 18.03 -0.86
N LYS B 56 30.30 16.76 -0.69
CA LYS B 56 30.76 15.91 -1.78
C LYS B 56 30.24 14.50 -1.57
N LEU B 57 30.06 13.77 -2.67
CA LEU B 57 29.80 12.35 -2.61
C LEU B 57 31.13 11.61 -2.57
N CYS B 58 31.31 10.76 -1.56
CA CYS B 58 32.60 10.16 -1.30
C CYS B 58 32.42 8.66 -1.11
N ASP B 59 33.55 7.95 -1.05
CA ASP B 59 33.53 6.50 -0.88
C ASP B 59 33.00 6.13 0.49
N LEU B 60 32.33 4.98 0.56
CA LEU B 60 31.80 4.47 1.82
C LEU B 60 32.65 3.28 2.25
N ASN B 61 33.58 3.55 3.17
CA ASN B 61 34.49 2.56 3.74
C ASN B 61 35.33 1.85 2.66
N GLY B 62 35.76 2.62 1.66
CA GLY B 62 36.64 2.14 0.62
C GLY B 62 35.95 1.78 -0.68
N VAL B 63 34.64 1.55 -0.66
CA VAL B 63 33.89 1.16 -1.85
C VAL B 63 33.29 2.41 -2.48
N LYS B 64 33.65 2.67 -3.73
CA LYS B 64 33.18 3.82 -4.48
C LYS B 64 31.72 3.62 -4.90
N PRO B 65 30.89 4.65 -4.79
CA PRO B 65 29.49 4.53 -5.21
C PRO B 65 29.34 4.40 -6.72
N LEU B 66 28.19 3.90 -7.12
CA LEU B 66 27.78 3.88 -8.52
C LEU B 66 27.02 5.17 -8.81
N ILE B 67 27.70 6.14 -9.40
CA ILE B 67 27.07 7.40 -9.80
C ILE B 67 26.52 7.19 -11.20
N LEU B 68 25.19 7.18 -11.32
CA LEU B 68 24.53 6.96 -12.59
C LEU B 68 24.54 8.17 -13.50
N LYS B 69 25.02 9.33 -13.00
CA LYS B 69 25.11 10.59 -13.73
C LYS B 69 23.72 10.98 -14.21
N ASP B 70 23.47 11.12 -15.51
CA ASP B 70 22.17 11.48 -16.02
C ASP B 70 21.38 10.27 -16.51
N CYS B 71 21.69 9.09 -16.02
CA CYS B 71 20.90 7.89 -16.29
C CYS B 71 20.08 7.50 -15.08
N SER B 72 19.00 6.77 -15.33
CA SER B 72 18.14 6.25 -14.30
C SER B 72 18.48 4.79 -14.01
N VAL B 73 17.73 4.19 -13.08
CA VAL B 73 17.87 2.76 -12.82
C VAL B 73 17.38 1.96 -14.03
N ALA B 74 16.25 2.34 -14.62
CA ALA B 74 15.71 1.64 -15.76
C ALA B 74 16.61 1.78 -16.99
N GLY B 75 17.17 2.97 -17.19
CA GLY B 75 18.07 3.17 -18.33
C GLY B 75 19.35 2.37 -18.22
N TRP B 76 19.89 2.27 -16.99
CA TRP B 76 21.09 1.48 -16.78
C TRP B 76 20.78 -0.01 -16.92
N LEU B 77 19.69 -0.47 -16.33
CA LEU B 77 19.40 -1.90 -16.30
C LEU B 77 18.87 -2.42 -17.63
N LEU B 78 18.30 -1.54 -18.47
CA LEU B 78 17.84 -1.97 -19.78
C LEU B 78 18.86 -1.71 -20.88
N GLY B 79 19.81 -0.81 -20.65
CA GLY B 79 20.88 -0.59 -21.60
C GLY B 79 20.63 0.55 -22.57
N ASN B 80 20.29 1.72 -22.06
CA ASN B 80 20.14 2.92 -22.88
C ASN B 80 21.46 3.20 -23.59
N PRO B 81 21.43 3.52 -24.90
CA PRO B 81 22.68 3.81 -25.62
C PRO B 81 23.44 5.02 -25.10
N MET B 82 22.78 5.94 -24.40
CA MET B 82 23.42 7.08 -23.75
C MET B 82 23.98 6.72 -22.39
N CYS B 83 23.92 5.45 -22.00
CA CYS B 83 24.35 4.98 -20.70
C CYS B 83 25.31 3.80 -20.86
N ASP B 84 26.16 3.89 -21.89
CA ASP B 84 27.13 2.82 -22.18
C ASP B 84 28.31 2.83 -21.24
N GLU B 85 28.45 3.87 -20.42
CA GLU B 85 29.47 3.91 -19.37
C GLU B 85 29.24 2.83 -18.32
N PHE B 86 27.98 2.48 -18.05
CA PHE B 86 27.63 1.53 -17.00
C PHE B 86 27.38 0.13 -17.54
N ILE B 87 28.06 -0.25 -18.62
CA ILE B 87 27.90 -1.61 -19.16
C ILE B 87 28.52 -2.62 -18.20
N ARG B 88 29.73 -2.36 -17.71
CA ARG B 88 30.37 -3.20 -16.70
C ARG B 88 30.63 -2.32 -15.48
N VAL B 89 29.86 -2.56 -14.42
CA VAL B 89 29.86 -1.73 -13.22
C VAL B 89 30.50 -2.52 -12.10
N PRO B 90 31.50 -1.97 -11.40
CA PRO B 90 32.11 -2.69 -10.27
C PRO B 90 31.20 -2.79 -9.05
N GLU B 91 31.71 -3.35 -7.97
CA GLU B 91 30.93 -3.39 -6.73
C GLU B 91 30.78 -1.99 -6.17
N TRP B 92 29.55 -1.63 -5.83
CA TRP B 92 29.23 -0.31 -5.32
C TRP B 92 28.80 -0.39 -3.86
N SER B 93 28.91 0.74 -3.17
CA SER B 93 28.42 0.86 -1.81
C SER B 93 27.02 1.46 -1.76
N TYR B 94 26.72 2.39 -2.65
CA TYR B 94 25.39 2.95 -2.81
C TYR B 94 25.28 3.49 -4.23
N ILE B 95 24.05 3.68 -4.68
CA ILE B 95 23.75 4.16 -6.02
C ILE B 95 23.29 5.61 -5.91
N VAL B 96 23.84 6.47 -6.77
CA VAL B 96 23.43 7.87 -6.86
C VAL B 96 22.64 8.05 -8.14
N GLU B 97 21.41 8.52 -8.02
CA GLU B 97 20.55 8.83 -9.14
C GLU B 97 20.10 10.28 -9.02
N ARG B 98 20.03 10.99 -10.15
CA ARG B 98 19.54 12.36 -10.07
C ARG B 98 18.04 12.39 -9.90
N ALA B 99 17.52 13.55 -9.51
CA ALA B 99 16.09 13.70 -9.24
C ALA B 99 15.28 13.52 -10.52
N ASN B 100 15.74 14.11 -11.62
CA ASN B 100 15.10 13.98 -12.92
C ASN B 100 16.17 13.61 -13.94
N PRO B 101 16.51 12.32 -14.06
CA PRO B 101 17.53 11.92 -15.03
C PRO B 101 17.03 12.05 -16.46
N ALA B 102 17.92 12.56 -17.32
CA ALA B 102 17.54 12.78 -18.72
C ALA B 102 17.42 11.46 -19.47
N ASN B 103 18.33 10.51 -19.24
CA ASN B 103 18.38 9.23 -20.01
C ASN B 103 17.74 8.09 -19.23
N ASP B 104 16.48 7.79 -19.53
CA ASP B 104 15.69 6.74 -18.85
C ASP B 104 15.26 5.73 -19.89
N LEU B 105 13.96 5.59 -20.07
CA LEU B 105 13.38 4.79 -21.15
C LEU B 105 13.37 5.68 -22.37
N CYS B 106 14.35 5.52 -23.24
CA CYS B 106 14.46 6.28 -24.50
C CYS B 106 13.23 6.05 -25.38
N TYR B 107 12.82 4.81 -25.58
CA TYR B 107 11.58 4.51 -26.28
C TYR B 107 10.49 4.65 -25.23
N PRO B 108 9.40 5.37 -25.50
CA PRO B 108 8.33 5.59 -24.52
C PRO B 108 7.68 4.28 -24.08
N GLY B 109 7.28 4.24 -22.81
CA GLY B 109 6.67 3.05 -22.25
C GLY B 109 6.70 3.01 -20.75
N SER B 110 6.92 1.83 -20.18
CA SER B 110 6.85 1.65 -18.73
C SER B 110 7.79 0.53 -18.33
N LEU B 111 8.12 0.50 -17.03
CA LEU B 111 8.77 -0.67 -16.44
C LEU B 111 7.87 -1.11 -15.29
N ASN B 112 7.30 -2.30 -15.42
CA ASN B 112 6.38 -2.83 -14.43
C ASN B 112 7.10 -3.12 -13.12
N ASP B 113 6.47 -2.72 -12.01
CA ASP B 113 7.03 -2.84 -10.66
C ASP B 113 8.42 -2.22 -10.57
N TYR B 114 8.54 -1.01 -11.12
CA TYR B 114 9.82 -0.31 -11.17
C TYR B 114 10.31 0.09 -9.78
N GLU B 115 9.41 0.55 -8.93
CA GLU B 115 9.77 0.91 -7.55
C GLU B 115 10.04 -0.29 -6.68
N GLU B 116 9.34 -1.41 -6.90
CA GLU B 116 9.70 -2.66 -6.25
C GLU B 116 11.08 -3.15 -6.71
N LEU B 117 11.40 -2.97 -7.98
CA LEU B 117 12.73 -3.28 -8.50
C LEU B 117 13.80 -2.42 -7.85
N LYS B 118 13.52 -1.13 -7.65
CA LYS B 118 14.49 -0.25 -6.99
C LYS B 118 14.62 -0.58 -5.51
N HIS B 119 13.53 -0.99 -4.86
CA HIS B 119 13.59 -1.46 -3.48
C HIS B 119 14.44 -2.72 -3.37
N MET B 120 14.32 -3.62 -4.35
CA MET B 120 15.19 -4.79 -4.39
C MET B 120 16.64 -4.39 -4.65
N LEU B 121 16.85 -3.42 -5.53
CA LEU B 121 18.17 -2.87 -5.85
C LEU B 121 18.86 -2.22 -4.66
N SER B 122 18.09 -1.68 -3.70
CA SER B 122 18.68 -1.11 -2.49
C SER B 122 19.19 -2.17 -1.51
N ARG B 123 19.20 -3.46 -1.92
CA ARG B 123 19.81 -4.50 -1.11
C ARG B 123 20.82 -5.32 -1.91
N ILE B 124 21.36 -4.78 -2.99
CA ILE B 124 22.30 -5.45 -3.87
C ILE B 124 23.52 -4.56 -4.05
N ASN B 125 24.71 -5.12 -3.87
CA ASN B 125 25.95 -4.36 -4.04
C ASN B 125 26.67 -4.62 -5.34
N HIS B 126 26.42 -5.74 -6.01
CA HIS B 126 27.16 -6.03 -7.23
C HIS B 126 26.31 -6.87 -8.16
N PHE B 127 26.45 -6.59 -9.46
CA PHE B 127 25.84 -7.37 -10.53
C PHE B 127 26.94 -7.95 -11.40
N GLU B 128 26.67 -9.10 -11.99
CA GLU B 128 27.49 -9.62 -13.07
C GLU B 128 26.59 -9.80 -14.29
N LYS B 129 26.80 -8.98 -15.31
CA LYS B 129 26.01 -9.10 -16.53
C LYS B 129 26.49 -10.30 -17.34
N ILE B 130 25.56 -11.17 -17.72
CA ILE B 130 25.88 -12.34 -18.52
C ILE B 130 24.90 -12.44 -19.68
N GLN B 131 25.43 -12.86 -20.83
CA GLN B 131 24.60 -13.14 -22.01
C GLN B 131 23.90 -14.47 -21.79
N ILE B 132 22.59 -14.42 -21.57
CA ILE B 132 21.83 -15.65 -21.37
C ILE B 132 21.29 -16.19 -22.68
N ILE B 133 20.89 -15.33 -23.60
CA ILE B 133 20.51 -15.72 -24.96
C ILE B 133 21.28 -14.83 -25.93
N PRO B 134 22.23 -15.38 -26.69
CA PRO B 134 23.00 -14.56 -27.62
C PRO B 134 22.14 -14.00 -28.74
N LYS B 135 22.53 -12.82 -29.24
CA LYS B 135 21.80 -12.18 -30.33
C LYS B 135 21.96 -12.94 -31.64
N SER B 136 23.00 -13.76 -31.77
CA SER B 136 23.22 -14.59 -32.94
C SER B 136 22.41 -15.89 -32.90
N SER B 137 21.63 -16.12 -31.85
CA SER B 137 20.81 -17.32 -31.71
C SER B 137 19.41 -17.15 -32.27
N TRP B 138 19.19 -16.14 -33.11
CA TRP B 138 17.90 -15.91 -33.76
C TRP B 138 18.10 -16.00 -35.26
N PRO B 139 18.14 -17.22 -35.82
CA PRO B 139 18.39 -17.35 -37.26
C PRO B 139 17.17 -17.08 -38.12
N ASN B 140 15.96 -17.22 -37.58
CA ASN B 140 14.74 -17.02 -38.35
C ASN B 140 14.05 -15.69 -38.05
N HIS B 141 14.70 -14.82 -37.27
CA HIS B 141 14.18 -13.51 -36.94
C HIS B 141 15.24 -12.47 -37.21
N GLU B 142 14.80 -11.24 -37.45
CA GLU B 142 15.68 -10.12 -37.72
C GLU B 142 16.08 -9.45 -36.42
N THR B 143 17.38 -9.30 -36.20
CA THR B 143 17.91 -8.70 -34.98
C THR B 143 18.60 -7.36 -35.23
N SER B 144 18.84 -6.99 -36.48
CA SER B 144 19.55 -5.76 -36.79
C SER B 144 18.66 -4.60 -37.16
N LEU B 145 17.39 -4.85 -37.48
CA LEU B 145 16.46 -3.80 -37.85
C LEU B 145 15.73 -3.19 -36.66
N GLY B 146 15.88 -3.74 -35.47
CA GLY B 146 15.13 -3.30 -34.32
C GLY B 146 15.70 -2.08 -33.63
N VAL B 147 15.66 -0.93 -34.31
CA VAL B 147 16.25 0.30 -33.81
C VAL B 147 15.22 1.41 -33.87
N SER B 148 15.50 2.48 -33.14
CA SER B 148 14.59 3.60 -32.97
C SER B 148 15.38 4.90 -32.93
N ALA B 149 14.79 5.95 -33.48
CA ALA B 149 15.31 7.30 -33.34
C ALA B 149 14.99 7.91 -31.99
N ALA B 150 14.07 7.32 -31.24
CA ALA B 150 13.85 7.69 -29.86
C ALA B 150 14.97 7.20 -28.95
N CYS B 151 15.82 6.31 -29.45
CA CYS B 151 16.93 5.74 -28.70
C CYS B 151 18.22 5.97 -29.48
N PRO B 152 18.69 7.21 -29.59
CA PRO B 152 19.85 7.48 -30.44
C PRO B 152 21.16 7.08 -29.79
N TYR B 153 22.11 6.67 -30.61
CA TYR B 153 23.50 6.46 -30.22
C TYR B 153 24.39 7.19 -31.21
N GLN B 154 25.09 8.22 -30.72
CA GLN B 154 25.88 9.19 -31.49
C GLN B 154 25.21 9.56 -32.83
N GLY B 155 23.95 9.96 -32.73
CA GLY B 155 23.16 10.40 -33.87
C GLY B 155 22.32 9.34 -34.55
N ALA B 156 22.89 8.17 -34.80
CA ALA B 156 22.20 7.10 -35.50
C ALA B 156 21.13 6.47 -34.59
N PRO B 157 20.04 5.98 -35.18
CA PRO B 157 19.04 5.25 -34.38
C PRO B 157 19.61 3.97 -33.78
N SER B 158 19.17 3.64 -32.58
CA SER B 158 19.67 2.48 -31.86
C SER B 158 18.57 1.97 -30.92
N PHE B 159 18.95 1.11 -29.99
CA PHE B 159 17.97 0.48 -29.10
C PHE B 159 18.66 0.16 -27.78
N PHE B 160 17.86 -0.29 -26.82
CA PHE B 160 18.38 -0.87 -25.58
C PHE B 160 19.30 -2.03 -25.89
N ARG B 161 20.39 -2.13 -25.14
CA ARG B 161 21.45 -3.08 -25.42
C ARG B 161 21.24 -4.43 -24.76
N ASN B 162 20.55 -4.47 -23.62
CA ASN B 162 20.35 -5.71 -22.89
C ASN B 162 19.15 -6.51 -23.38
N VAL B 163 18.35 -5.94 -24.28
CA VAL B 163 17.23 -6.64 -24.89
C VAL B 163 17.29 -6.40 -26.38
N VAL B 164 16.66 -7.28 -27.15
CA VAL B 164 16.68 -7.20 -28.61
C VAL B 164 15.24 -7.04 -29.10
N TRP B 165 15.07 -6.15 -30.07
CA TRP B 165 13.79 -5.93 -30.74
C TRP B 165 13.74 -6.84 -31.96
N LEU B 166 12.95 -7.91 -31.87
CA LEU B 166 12.89 -8.91 -32.92
C LEU B 166 11.83 -8.53 -33.95
N ILE B 167 12.19 -8.63 -35.22
CA ILE B 167 11.37 -8.22 -36.35
C ILE B 167 11.22 -9.43 -37.25
N LYS B 168 10.14 -9.45 -38.03
CA LYS B 168 9.93 -10.48 -39.04
C LYS B 168 11.08 -10.51 -40.05
N LYS B 169 11.43 -11.72 -40.47
CA LYS B 169 12.46 -11.94 -41.48
C LYS B 169 11.86 -12.77 -42.61
N ASN B 170 12.11 -12.33 -43.85
CA ASN B 170 11.52 -12.94 -45.06
C ASN B 170 10.01 -12.96 -45.00
N ASP B 171 9.42 -11.87 -44.48
CA ASP B 171 7.98 -11.66 -44.37
C ASP B 171 7.32 -12.78 -43.54
N ALA B 172 7.99 -13.19 -42.47
CA ALA B 172 7.50 -14.25 -41.61
C ALA B 172 8.02 -14.05 -40.19
N TYR B 173 7.20 -14.43 -39.21
CA TYR B 173 7.56 -14.42 -37.80
C TYR B 173 7.22 -15.78 -37.22
N PRO B 174 8.15 -16.71 -37.19
CA PRO B 174 7.90 -18.00 -36.54
C PRO B 174 7.70 -17.84 -35.04
N THR B 175 6.97 -18.78 -34.45
CA THR B 175 6.70 -18.72 -33.02
C THR B 175 7.96 -19.00 -32.21
N ILE B 176 8.42 -17.98 -31.51
CA ILE B 176 9.56 -18.07 -30.60
C ILE B 176 9.18 -18.96 -29.43
N LYS B 177 9.97 -20.00 -29.20
CA LYS B 177 9.85 -20.89 -28.04
C LYS B 177 11.26 -21.02 -27.46
N ILE B 178 11.56 -20.22 -26.45
CA ILE B 178 12.92 -20.10 -25.92
C ILE B 178 12.89 -20.39 -24.43
N SER B 179 13.80 -21.23 -23.97
CA SER B 179 13.97 -21.48 -22.55
C SER B 179 15.42 -21.24 -22.15
N TYR B 180 15.62 -20.56 -21.03
CA TYR B 180 16.93 -20.44 -20.42
C TYR B 180 16.90 -21.11 -19.06
N ASN B 181 17.96 -21.85 -18.74
CA ASN B 181 18.08 -22.56 -17.48
C ASN B 181 19.15 -21.91 -16.63
N ASN B 182 18.79 -21.53 -15.40
CA ASN B 182 19.74 -20.88 -14.49
C ASN B 182 20.61 -21.96 -13.85
N THR B 183 21.90 -21.94 -14.17
CA THR B 183 22.88 -22.88 -13.66
C THR B 183 24.06 -22.15 -13.03
N ASN B 184 23.78 -21.04 -12.33
CA ASN B 184 24.82 -20.11 -11.92
C ASN B 184 24.95 -19.92 -10.42
N ARG B 185 24.18 -20.64 -9.59
CA ARG B 185 24.21 -20.60 -8.13
C ARG B 185 23.77 -19.27 -7.54
N GLU B 186 23.36 -18.32 -8.38
CA GLU B 186 22.89 -17.02 -7.95
C GLU B 186 21.55 -16.71 -8.60
N ASP B 187 20.79 -15.81 -7.96
CA ASP B 187 19.56 -15.33 -8.55
C ASP B 187 19.87 -14.47 -9.78
N LEU B 188 19.00 -14.56 -10.78
CA LEU B 188 19.17 -13.82 -12.03
C LEU B 188 18.06 -12.79 -12.18
N LEU B 189 18.45 -11.57 -12.54
CA LEU B 189 17.48 -10.53 -12.87
C LEU B 189 17.33 -10.51 -14.39
N ILE B 190 16.16 -10.93 -14.87
CA ILE B 190 15.89 -11.05 -16.29
C ILE B 190 14.83 -10.04 -16.67
N LEU B 191 15.11 -9.26 -17.72
CA LEU B 191 14.21 -8.23 -18.21
C LEU B 191 13.80 -8.54 -19.65
N TRP B 192 12.50 -8.45 -19.92
CA TRP B 192 11.97 -8.60 -21.26
C TRP B 192 10.92 -7.51 -21.47
N GLY B 193 10.25 -7.55 -22.62
CA GLY B 193 9.28 -6.51 -22.90
C GLY B 193 8.30 -6.88 -23.99
N ILE B 194 7.30 -6.02 -24.15
CA ILE B 194 6.28 -6.13 -25.19
C ILE B 194 6.16 -4.78 -25.88
N HIS B 195 6.18 -4.77 -27.21
CA HIS B 195 5.95 -3.56 -27.99
C HIS B 195 4.45 -3.40 -28.23
N HIS B 196 3.94 -2.20 -28.01
CA HIS B 196 2.57 -1.84 -28.35
C HIS B 196 2.61 -1.00 -29.62
N SER B 197 2.03 -1.52 -30.69
CA SER B 197 2.06 -0.89 -32.00
C SER B 197 0.96 0.14 -32.13
N ASN B 198 0.98 0.87 -33.25
CA ASN B 198 0.07 1.98 -33.49
C ASN B 198 -1.18 1.58 -34.24
N ASN B 199 -1.04 0.80 -35.30
CA ASN B 199 -2.17 0.39 -36.12
C ASN B 199 -1.92 -1.03 -36.62
N ALA B 200 -2.90 -1.61 -37.30
CA ALA B 200 -2.78 -2.94 -37.86
C ALA B 200 -1.77 -2.99 -39.01
N GLU B 201 -1.66 -1.91 -39.79
CA GLU B 201 -0.66 -1.85 -40.85
C GLU B 201 0.76 -1.91 -40.29
N GLU B 202 1.03 -1.19 -39.20
CA GLU B 202 2.33 -1.28 -38.55
C GLU B 202 2.54 -2.65 -37.93
N GLN B 203 1.47 -3.25 -37.38
CA GLN B 203 1.56 -4.57 -36.77
C GLN B 203 1.95 -5.62 -37.79
N THR B 204 1.39 -5.55 -39.00
CA THR B 204 1.81 -6.46 -40.06
C THR B 204 3.15 -6.06 -40.68
N ASN B 205 3.51 -4.78 -40.67
CA ASN B 205 4.79 -4.34 -41.20
C ASN B 205 5.96 -4.71 -40.31
N LEU B 206 5.72 -4.96 -39.02
CA LEU B 206 6.78 -5.34 -38.11
C LEU B 206 6.81 -6.82 -37.80
N TYR B 207 5.65 -7.48 -37.69
CA TYR B 207 5.58 -8.84 -37.20
C TYR B 207 4.77 -9.80 -38.04
N LYS B 208 3.97 -9.31 -39.01
CA LYS B 208 3.22 -10.07 -40.01
C LYS B 208 2.01 -10.80 -39.40
N ASN B 209 1.93 -10.84 -38.09
CA ASN B 209 0.82 -11.52 -37.43
C ASN B 209 -0.09 -10.50 -36.77
N PRO B 210 -1.38 -10.46 -37.11
CA PRO B 210 -2.24 -9.40 -36.56
C PRO B 210 -2.53 -9.55 -35.08
N ILE B 211 -2.78 -10.78 -34.60
CA ILE B 211 -3.10 -11.02 -33.20
C ILE B 211 -1.95 -11.83 -32.60
N THR B 212 -1.27 -11.26 -31.63
CA THR B 212 -0.08 -11.86 -31.04
C THR B 212 -0.20 -11.90 -29.51
N TYR B 213 0.77 -12.59 -28.90
CA TYR B 213 0.82 -12.79 -27.46
C TYR B 213 2.27 -12.97 -27.06
N ILE B 214 2.54 -12.79 -25.77
CA ILE B 214 3.79 -13.21 -25.15
C ILE B 214 3.44 -13.95 -23.86
N SER B 215 3.89 -15.19 -23.73
CA SER B 215 3.68 -15.99 -22.54
C SER B 215 5.03 -16.26 -21.88
N VAL B 216 5.11 -15.99 -20.58
CA VAL B 216 6.33 -16.18 -19.80
C VAL B 216 5.99 -17.08 -18.61
N GLY B 217 6.82 -18.08 -18.36
CA GLY B 217 6.54 -18.99 -17.28
C GLY B 217 7.72 -19.52 -16.51
N THR B 218 7.70 -19.33 -15.19
CA THR B 218 8.70 -19.89 -14.28
C THR B 218 7.96 -20.71 -13.22
N SER B 219 8.67 -21.11 -12.17
CA SER B 219 8.04 -21.79 -11.04
C SER B 219 7.03 -20.91 -10.31
N THR B 220 7.17 -19.59 -10.37
CA THR B 220 6.25 -18.68 -9.71
C THR B 220 5.61 -17.65 -10.63
N LEU B 221 6.05 -17.54 -11.87
CA LEU B 221 5.55 -16.54 -12.81
C LEU B 221 4.71 -17.20 -13.88
N ASN B 222 3.55 -16.60 -14.17
CA ASN B 222 2.64 -17.09 -15.21
C ASN B 222 2.03 -15.85 -15.86
N GLN B 223 2.66 -15.39 -16.95
CA GLN B 223 2.31 -14.14 -17.58
C GLN B 223 1.85 -14.37 -19.01
N ARG B 224 0.73 -13.75 -19.38
CA ARG B 224 0.25 -13.70 -20.75
C ARG B 224 -0.04 -12.26 -21.12
N LEU B 225 0.53 -11.80 -22.23
CA LEU B 225 0.39 -10.43 -22.69
C LEU B 225 -0.09 -10.40 -24.13
N ALA B 226 -0.83 -9.35 -24.46
CA ALA B 226 -1.16 -9.00 -25.82
C ALA B 226 -0.84 -7.53 -26.05
N PRO B 227 -0.42 -7.16 -27.25
CA PRO B 227 -0.21 -5.74 -27.54
C PRO B 227 -1.51 -4.97 -27.53
N LYS B 228 -1.44 -3.73 -27.06
CA LYS B 228 -2.57 -2.81 -27.06
C LYS B 228 -2.38 -1.86 -28.23
N ILE B 229 -2.93 -2.23 -29.37
CA ILE B 229 -2.81 -1.43 -30.58
C ILE B 229 -3.82 -0.30 -30.55
N ALA B 230 -3.35 0.93 -30.43
CA ALA B 230 -4.20 2.09 -30.27
C ALA B 230 -3.45 3.34 -30.67
N THR B 231 -4.20 4.41 -30.96
CA THR B 231 -3.60 5.71 -31.20
C THR B 231 -3.25 6.38 -29.88
N ARG B 232 -2.02 6.88 -29.77
CA ARG B 232 -1.54 7.55 -28.58
C ARG B 232 -0.81 8.82 -28.98
N SER B 233 -0.33 9.55 -27.98
CA SER B 233 0.43 10.76 -28.23
C SER B 233 1.89 10.41 -28.50
N GLN B 234 2.58 11.35 -29.14
CA GLN B 234 4.00 11.18 -29.46
C GLN B 234 4.84 11.54 -28.24
N VAL B 235 5.59 10.57 -27.74
CA VAL B 235 6.60 10.80 -26.71
C VAL B 235 7.93 10.40 -27.32
N ASN B 236 8.89 11.33 -27.31
CA ASN B 236 10.17 11.21 -28.01
C ASN B 236 9.98 10.92 -29.50
N GLY B 237 8.91 11.44 -30.08
CA GLY B 237 8.62 11.26 -31.49
C GLY B 237 7.86 10.00 -31.84
N GLN B 238 7.59 9.12 -30.89
CA GLN B 238 6.97 7.83 -31.17
C GLN B 238 5.63 7.73 -30.46
N ARG B 239 4.61 7.29 -31.20
CA ARG B 239 3.32 7.00 -30.61
C ARG B 239 3.24 5.59 -30.03
N GLY B 240 4.12 4.68 -30.45
CA GLY B 240 4.11 3.34 -29.91
C GLY B 240 4.73 3.26 -28.53
N ARG B 241 4.48 2.15 -27.84
CA ARG B 241 4.94 2.00 -26.47
C ARG B 241 5.74 0.71 -26.32
N MET B 242 6.46 0.61 -25.21
CA MET B 242 7.18 -0.61 -24.85
C MET B 242 7.06 -0.84 -23.35
N ASP B 243 6.34 -1.89 -22.97
CA ASP B 243 6.17 -2.25 -21.58
C ASP B 243 7.20 -3.30 -21.21
N PHE B 244 8.03 -3.01 -20.22
CA PHE B 244 9.11 -3.89 -19.82
C PHE B 244 8.77 -4.56 -18.49
N PHE B 245 9.21 -5.80 -18.35
CA PHE B 245 8.95 -6.62 -17.19
C PHE B 245 10.25 -7.26 -16.73
N TRP B 246 10.33 -7.53 -15.44
CA TRP B 246 11.51 -8.15 -14.85
C TRP B 246 11.08 -9.30 -13.96
N THR B 247 11.99 -10.24 -13.76
CA THR B 247 11.76 -11.35 -12.86
C THR B 247 13.09 -11.77 -12.27
N ILE B 248 13.00 -12.49 -11.15
CA ILE B 248 14.16 -13.09 -10.50
C ILE B 248 14.07 -14.60 -10.69
N LEU B 249 15.07 -15.16 -11.34
CA LEU B 249 15.17 -16.59 -11.56
C LEU B 249 16.05 -17.23 -10.49
N LYS B 250 15.49 -18.21 -9.79
CA LYS B 250 16.22 -18.94 -8.76
C LYS B 250 17.26 -19.85 -9.41
N PRO B 251 18.30 -20.24 -8.66
CA PRO B 251 19.44 -20.95 -9.27
C PRO B 251 19.20 -22.35 -9.86
N ASP B 252 17.96 -22.85 -9.90
CA ASP B 252 17.70 -24.11 -10.59
C ASP B 252 16.39 -24.05 -11.37
N ASP B 253 16.01 -22.87 -11.85
CA ASP B 253 14.72 -22.65 -12.49
C ASP B 253 14.91 -22.31 -13.97
N ALA B 254 13.80 -22.33 -14.70
CA ALA B 254 13.78 -21.97 -16.11
C ALA B 254 12.78 -20.85 -16.35
N ILE B 255 13.02 -20.13 -17.42
CA ILE B 255 12.08 -19.12 -17.84
C ILE B 255 11.78 -19.65 -19.22
N HIS B 256 10.52 -19.77 -19.50
CA HIS B 256 10.06 -20.23 -20.80
C HIS B 256 9.38 -19.03 -21.37
N PHE B 257 9.76 -18.71 -22.58
CA PHE B 257 9.18 -17.56 -23.27
C PHE B 257 8.64 -18.12 -24.55
N GLU B 258 7.44 -17.79 -24.81
CA GLU B 258 6.81 -18.19 -26.07
C GLU B 258 6.02 -17.01 -26.63
N SER B 259 6.28 -16.64 -27.88
CA SER B 259 5.60 -15.49 -28.46
C SER B 259 5.60 -15.60 -29.97
N ASN B 260 4.57 -15.04 -30.61
CA ASN B 260 4.52 -14.93 -32.05
C ASN B 260 4.50 -13.49 -32.54
N GLY B 261 4.95 -12.54 -31.72
CA GLY B 261 5.09 -11.17 -32.17
C GLY B 261 5.23 -10.24 -30.98
N ASN B 262 5.71 -9.03 -31.30
CA ASN B 262 5.85 -7.91 -30.38
C ASN B 262 6.74 -8.22 -29.19
N PHE B 263 7.73 -9.07 -29.37
CA PHE B 263 8.57 -9.54 -28.27
C PHE B 263 9.89 -8.78 -28.24
N ILE B 264 10.19 -8.18 -27.10
CA ILE B 264 11.50 -7.60 -26.83
C ILE B 264 12.23 -8.64 -26.00
N ALA B 265 13.04 -9.44 -26.64
CA ALA B 265 13.64 -10.61 -26.03
C ALA B 265 14.82 -10.23 -25.13
N PRO B 266 15.03 -10.97 -24.05
CA PRO B 266 16.24 -10.72 -23.25
C PRO B 266 17.49 -11.23 -23.94
N GLU B 267 18.56 -10.45 -23.84
CA GLU B 267 19.89 -10.88 -24.25
C GLU B 267 20.85 -10.98 -23.07
N TYR B 268 20.83 -10.00 -22.17
CA TYR B 268 21.69 -9.96 -21.00
C TYR B 268 20.86 -9.98 -19.73
N ALA B 269 21.29 -10.77 -18.77
CA ALA B 269 20.71 -10.78 -17.44
C ALA B 269 21.80 -10.42 -16.44
N TYR B 270 21.39 -10.30 -15.17
CA TYR B 270 22.28 -9.85 -14.11
C TYR B 270 22.30 -10.89 -12.99
N LYS B 271 23.46 -11.52 -12.78
CA LYS B 271 23.68 -12.34 -11.59
C LYS B 271 23.82 -11.43 -10.38
N ILE B 272 23.07 -11.73 -9.33
CA ILE B 272 23.17 -10.99 -8.07
C ILE B 272 24.28 -11.68 -7.27
N VAL B 273 25.50 -11.16 -7.42
CA VAL B 273 26.67 -11.81 -6.84
C VAL B 273 27.02 -11.26 -5.46
N LYS B 274 26.44 -10.14 -5.05
CA LYS B 274 26.69 -9.57 -3.73
C LYS B 274 25.44 -8.85 -3.27
N LYS B 275 25.11 -8.98 -1.99
CA LYS B 275 23.89 -8.43 -1.42
C LYS B 275 24.19 -7.76 -0.08
N GLY B 276 23.35 -6.81 0.29
CA GLY B 276 23.33 -6.29 1.65
C GLY B 276 23.65 -4.82 1.83
N ASP B 277 22.66 -4.06 2.33
CA ASP B 277 22.83 -2.69 2.80
C ASP B 277 23.36 -1.72 1.74
N SER B 278 22.56 -1.48 0.71
CA SER B 278 22.82 -0.41 -0.25
C SER B 278 21.69 0.60 -0.10
N THR B 279 21.74 1.67 -0.90
CA THR B 279 20.63 2.60 -0.99
C THR B 279 20.67 3.26 -2.35
N ILE B 280 19.57 3.89 -2.73
CA ILE B 280 19.51 4.76 -3.89
C ILE B 280 19.29 6.19 -3.40
N MET B 281 20.21 7.07 -3.76
CA MET B 281 20.30 8.42 -3.20
C MET B 281 20.04 9.43 -4.29
N LYS B 282 19.06 10.32 -4.06
CA LYS B 282 18.74 11.39 -4.99
C LYS B 282 19.64 12.58 -4.69
N SER B 283 20.59 12.84 -5.56
CA SER B 283 21.60 13.85 -5.30
C SER B 283 22.19 14.36 -6.61
N GLY B 284 22.37 15.68 -6.69
CA GLY B 284 23.11 16.30 -7.75
C GLY B 284 24.53 16.67 -7.38
N VAL B 285 24.98 16.32 -6.18
CA VAL B 285 26.34 16.64 -5.75
C VAL B 285 27.33 15.78 -6.54
N GLU B 286 28.54 16.32 -6.72
CA GLU B 286 29.57 15.68 -7.52
C GLU B 286 30.45 14.78 -6.65
N TYR B 287 31.01 13.77 -7.29
CA TYR B 287 31.93 12.85 -6.61
C TYR B 287 33.26 13.54 -6.35
N GLY B 288 33.73 13.48 -5.10
CA GLY B 288 34.89 14.25 -4.69
C GLY B 288 36.12 13.44 -4.31
N HIS B 289 36.10 12.13 -4.62
CA HIS B 289 37.22 11.22 -4.41
C HIS B 289 37.67 11.15 -2.95
N CYS B 290 36.73 10.92 -2.03
CA CYS B 290 37.04 10.94 -0.62
C CYS B 290 37.01 9.52 -0.08
N ASN B 291 37.12 9.44 1.25
CA ASN B 291 36.61 8.32 2.03
C ASN B 291 35.83 8.85 3.21
N THR B 292 34.76 8.15 3.56
CA THR B 292 33.89 8.57 4.65
C THR B 292 33.20 7.34 5.22
N LYS B 293 32.63 7.53 6.41
CA LYS B 293 31.84 6.50 7.05
C LYS B 293 30.36 6.86 7.12
N CYS B 294 29.96 8.05 6.68
CA CYS B 294 28.57 8.48 6.68
C CYS B 294 28.34 9.41 5.51
N GLN B 295 27.35 9.07 4.68
CA GLN B 295 27.02 9.84 3.49
C GLN B 295 25.55 10.25 3.51
N THR B 296 25.29 11.50 3.15
CA THR B 296 23.98 12.10 2.99
C THR B 296 23.91 12.67 1.58
N PRO B 297 22.70 12.85 1.01
CA PRO B 297 22.58 13.37 -0.37
C PRO B 297 23.14 14.76 -0.62
N VAL B 298 23.57 15.47 0.42
CA VAL B 298 24.23 16.76 0.24
C VAL B 298 25.70 16.74 0.66
N GLY B 299 26.21 15.66 1.22
CA GLY B 299 27.60 15.61 1.60
C GLY B 299 27.90 14.52 2.58
N ALA B 300 29.18 14.38 2.90
CA ALA B 300 29.65 13.36 3.81
C ALA B 300 29.88 13.95 5.19
N ILE B 301 29.61 13.15 6.22
CA ILE B 301 29.71 13.57 7.61
C ILE B 301 30.95 12.94 8.23
N ASN B 302 31.81 13.78 8.81
CA ASN B 302 32.98 13.36 9.58
C ASN B 302 32.74 13.85 11.01
N SER B 303 32.18 12.99 11.85
CA SER B 303 31.75 13.45 13.16
C SER B 303 31.69 12.31 14.15
N SER B 304 31.97 12.62 15.42
CA SER B 304 31.70 11.75 16.54
C SER B 304 30.52 12.24 17.37
N MET B 305 29.84 13.29 16.92
CA MET B 305 28.68 13.80 17.63
C MET B 305 27.53 12.81 17.54
N PRO B 306 26.66 12.75 18.56
CA PRO B 306 25.52 11.82 18.49
C PRO B 306 24.42 12.28 17.55
N PHE B 307 24.40 13.55 17.16
CA PHE B 307 23.29 14.09 16.39
C PHE B 307 23.84 14.85 15.19
N HIS B 308 22.97 15.05 14.19
CA HIS B 308 23.24 15.92 13.07
C HIS B 308 21.92 16.44 12.52
N ASN B 309 21.99 17.55 11.80
CA ASN B 309 20.82 18.15 11.18
C ASN B 309 21.01 18.30 9.67
N ILE B 310 21.83 17.43 9.07
CA ILE B 310 22.23 17.57 7.68
C ILE B 310 21.11 17.11 6.75
N HIS B 311 20.74 15.83 6.84
CA HIS B 311 19.75 15.25 5.96
C HIS B 311 19.18 14.01 6.61
N PRO B 312 17.86 13.79 6.53
CA PRO B 312 17.27 12.59 7.14
C PRO B 312 17.78 11.28 6.55
N LEU B 313 18.05 11.24 5.24
CA LEU B 313 18.48 10.02 4.57
C LEU B 313 19.99 9.90 4.65
N THR B 314 20.48 8.80 5.20
CA THR B 314 21.90 8.60 5.42
C THR B 314 22.27 7.16 5.10
N ILE B 315 23.55 6.93 4.83
CA ILE B 315 24.09 5.59 4.71
C ILE B 315 25.43 5.54 5.46
N GLY B 316 25.69 4.43 6.13
CA GLY B 316 26.87 4.24 6.95
C GLY B 316 26.59 4.40 8.42
N GLU B 317 27.65 4.41 9.21
CA GLU B 317 27.55 4.68 10.64
C GLU B 317 27.41 6.20 10.81
N CYS B 318 26.24 6.63 11.24
CA CYS B 318 25.86 8.03 11.19
C CYS B 318 25.30 8.50 12.53
N PRO B 319 25.37 9.78 12.82
CA PRO B 319 24.62 10.34 13.94
C PRO B 319 23.13 10.30 13.66
N LYS B 320 22.35 10.49 14.72
CA LYS B 320 20.90 10.48 14.60
C LYS B 320 20.42 11.84 14.10
N TYR B 321 19.50 11.82 13.15
CA TYR B 321 19.01 13.06 12.54
C TYR B 321 17.96 13.71 13.42
N VAL B 322 18.10 15.01 13.64
CA VAL B 322 17.09 15.83 14.30
C VAL B 322 16.97 17.13 13.52
N LYS B 323 15.74 17.65 13.42
CA LYS B 323 15.51 18.92 12.76
C LYS B 323 15.72 20.09 13.72
N SER B 324 16.87 20.12 14.36
CA SER B 324 17.21 21.16 15.32
C SER B 324 18.39 21.98 14.82
N ASN B 325 18.38 23.27 15.18
CA ASN B 325 19.48 24.16 14.85
C ASN B 325 20.50 24.29 15.97
N LYS B 326 20.16 23.86 17.18
CA LYS B 326 21.05 23.98 18.33
C LYS B 326 20.74 22.87 19.31
N LEU B 327 21.77 22.12 19.69
CA LEU B 327 21.65 21.05 20.68
C LEU B 327 22.96 21.05 21.48
N VAL B 328 22.94 21.76 22.60
CA VAL B 328 24.13 21.95 23.43
C VAL B 328 23.80 21.49 24.84
N LEU B 329 24.56 20.52 25.34
CA LEU B 329 24.40 20.05 26.72
C LEU B 329 25.33 20.84 27.62
N ALA B 330 24.75 21.51 28.61
CA ALA B 330 25.57 22.17 29.63
C ALA B 330 26.27 21.12 30.47
N THR B 331 27.59 21.18 30.53
CA THR B 331 28.36 20.27 31.36
C THR B 331 28.89 20.92 32.62
N GLY B 332 29.25 22.20 32.56
CA GLY B 332 29.66 22.96 33.73
C GLY B 332 28.54 23.87 34.20
N LEU B 333 28.86 24.62 35.25
CA LEU B 333 27.91 25.53 35.88
C LEU B 333 27.77 26.79 35.01
N ARG B 334 27.05 27.78 35.52
CA ARG B 334 26.78 29.00 34.77
C ARG B 334 27.85 30.06 35.05
N ASN B 335 28.08 30.91 34.06
CA ASN B 335 29.15 31.89 34.06
C ASN B 335 28.66 33.23 34.63
N SER B 336 29.59 33.95 35.24
CA SER B 336 29.30 35.29 35.72
C SER B 336 29.27 36.27 34.55
N PRO B 337 28.47 37.35 34.66
CA PRO B 337 28.45 38.37 33.61
C PRO B 337 29.69 39.25 33.63
N LEU B 346 17.04 26.82 41.50
CA LEU B 346 16.32 26.14 42.57
C LEU B 346 17.02 26.37 43.90
N PHE B 347 18.18 25.75 44.05
CA PHE B 347 19.02 25.97 45.22
C PHE B 347 19.63 27.35 45.12
N GLY B 348 19.98 27.91 46.28
CA GLY B 348 20.28 29.33 46.32
C GLY B 348 21.71 29.74 46.50
N ALA B 349 22.66 28.93 45.99
CA ALA B 349 24.08 29.20 46.19
C ALA B 349 24.73 29.84 44.95
N ILE B 350 24.64 29.19 43.80
CA ILE B 350 25.18 29.76 42.57
C ILE B 350 24.25 30.87 42.10
N ALA B 351 24.82 32.07 41.93
CA ALA B 351 24.06 33.32 41.70
C ALA B 351 23.03 33.54 42.81
N GLY B 352 23.44 33.25 44.04
CA GLY B 352 22.61 33.40 45.21
C GLY B 352 23.30 34.24 46.26
N PHE B 353 23.49 33.69 47.46
CA PHE B 353 24.27 34.41 48.47
C PHE B 353 25.74 34.48 48.08
N ILE B 354 26.26 33.46 47.40
CA ILE B 354 27.55 33.58 46.73
C ILE B 354 27.27 34.29 45.41
N GLU B 355 27.74 35.54 45.29
CA GLU B 355 27.27 36.42 44.22
C GLU B 355 27.81 36.00 42.86
N GLY B 356 29.10 35.67 42.79
CA GLY B 356 29.71 35.36 41.51
C GLY B 356 30.79 34.33 41.64
N GLY B 357 31.26 33.86 40.48
CA GLY B 357 32.31 32.87 40.44
C GLY B 357 33.69 33.48 40.60
N TRP B 358 34.68 32.60 40.67
CA TRP B 358 36.07 32.97 40.90
C TRP B 358 36.87 32.61 39.65
N GLN B 359 37.43 33.63 39.00
CA GLN B 359 38.21 33.40 37.79
C GLN B 359 39.59 32.81 38.08
N GLY B 360 40.19 33.16 39.21
CA GLY B 360 41.52 32.69 39.52
C GLY B 360 41.59 31.20 39.80
N MET B 361 40.60 30.67 40.50
CA MET B 361 40.62 29.27 40.92
C MET B 361 40.18 28.40 39.75
N VAL B 362 41.15 27.75 39.11
CA VAL B 362 40.93 27.00 37.88
C VAL B 362 41.20 25.51 38.04
N ASP B 363 41.54 25.05 39.24
CA ASP B 363 41.87 23.64 39.44
C ASP B 363 40.63 22.76 39.38
N GLY B 364 39.51 23.20 39.97
CA GLY B 364 38.31 22.41 40.01
C GLY B 364 37.10 23.24 39.64
N TRP B 365 35.92 22.61 39.73
CA TRP B 365 34.67 23.31 39.50
C TRP B 365 34.23 24.05 40.76
N TYR B 366 34.44 23.45 41.92
CA TYR B 366 34.16 24.08 43.20
C TYR B 366 35.42 24.03 44.06
N GLY B 367 35.56 25.00 44.95
CA GLY B 367 36.74 25.04 45.78
C GLY B 367 36.62 26.07 46.87
N TYR B 368 37.77 26.38 47.47
CA TYR B 368 37.86 27.31 48.57
C TYR B 368 38.67 28.54 48.16
N HIS B 369 38.76 29.50 49.07
CA HIS B 369 39.67 30.63 48.95
C HIS B 369 40.03 31.09 50.35
N HIS B 370 41.19 30.67 50.84
CA HIS B 370 41.60 31.04 52.18
C HIS B 370 42.38 32.35 52.14
N SER B 371 42.19 33.17 53.17
CA SER B 371 42.94 34.42 53.30
C SER B 371 43.37 34.62 54.75
N ASN B 372 44.53 34.09 55.11
CA ASN B 372 45.07 34.26 56.45
C ASN B 372 46.31 35.13 56.41
N GLU B 373 47.00 35.24 57.56
CA GLU B 373 48.24 36.01 57.65
C GLU B 373 49.40 35.36 56.92
N GLN B 374 49.30 34.08 56.57
CA GLN B 374 50.36 33.37 55.89
C GLN B 374 50.22 33.36 54.37
N GLY B 375 49.16 33.97 53.83
CA GLY B 375 49.01 34.05 52.40
C GLY B 375 47.53 34.04 52.00
N SER B 376 47.31 33.95 50.70
CA SER B 376 45.96 33.92 50.16
C SER B 376 45.88 33.08 48.89
N GLY B 377 45.49 31.80 49.05
CA GLY B 377 45.43 30.90 47.91
C GLY B 377 44.00 30.58 47.49
N TYR B 378 43.88 30.08 46.26
CA TYR B 378 42.61 29.66 45.69
C TYR B 378 42.67 28.16 45.43
N ALA B 379 42.34 27.39 46.46
CA ALA B 379 42.40 25.93 46.35
C ALA B 379 41.11 25.40 45.73
N ALA B 380 41.10 24.10 45.43
CA ALA B 380 39.94 23.43 44.89
C ALA B 380 39.59 22.23 45.76
N ASP B 381 38.29 22.03 45.97
CA ASP B 381 37.80 20.91 46.78
C ASP B 381 37.64 19.70 45.87
N LYS B 382 38.58 18.77 45.95
CA LYS B 382 38.43 17.49 45.28
C LYS B 382 37.43 16.62 46.05
N GLU B 383 37.00 15.53 45.40
CA GLU B 383 35.93 14.56 45.69
C GLU B 383 34.55 15.22 45.66
N SER B 384 34.50 16.52 45.38
CA SER B 384 33.24 17.16 45.01
C SER B 384 33.26 17.50 43.52
N THR B 385 34.38 18.06 43.05
CA THR B 385 34.59 18.27 41.62
C THR B 385 34.59 16.95 40.86
N GLN B 386 35.28 15.95 41.38
CA GLN B 386 35.35 14.66 40.69
C GLN B 386 33.99 13.97 40.67
N LYS B 387 33.24 14.05 41.77
CA LYS B 387 31.89 13.51 41.81
C LYS B 387 30.97 14.23 40.83
N ALA B 388 31.09 15.55 40.74
CA ALA B 388 30.29 16.32 39.80
C ALA B 388 30.62 15.98 38.36
N ILE B 389 31.92 15.84 38.06
CA ILE B 389 32.35 15.48 36.71
C ILE B 389 31.88 14.09 36.35
N ASP B 390 31.99 13.14 37.28
CA ASP B 390 31.53 11.77 37.03
C ASP B 390 30.03 11.74 36.78
N GLY B 391 29.26 12.48 37.57
CA GLY B 391 27.82 12.55 37.36
C GLY B 391 27.45 13.20 36.04
N VAL B 392 28.17 14.25 35.66
CA VAL B 392 27.85 14.97 34.42
C VAL B 392 28.18 14.11 33.20
N THR B 393 29.35 13.47 33.19
CA THR B 393 29.70 12.60 32.07
C THR B 393 28.81 11.37 32.03
N ASN B 394 28.39 10.86 33.19
CA ASN B 394 27.45 9.74 33.22
C ASN B 394 26.09 10.15 32.63
N LYS B 395 25.62 11.35 32.98
CA LYS B 395 24.37 11.86 32.42
C LYS B 395 24.47 12.04 30.91
N VAL B 396 25.57 12.62 30.44
CA VAL B 396 25.76 12.81 29.00
C VAL B 396 25.82 11.48 28.28
N ASN B 397 26.55 10.51 28.82
CA ASN B 397 26.65 9.19 28.22
C ASN B 397 25.32 8.46 28.19
N SER B 398 24.48 8.66 29.22
CA SER B 398 23.13 8.09 29.20
C SER B 398 22.28 8.74 28.12
N ILE B 399 22.45 10.05 27.90
CA ILE B 399 21.73 10.71 26.81
C ILE B 399 22.18 10.17 25.46
N ILE B 400 23.47 9.87 25.30
CA ILE B 400 23.91 9.25 24.04
C ILE B 400 23.35 7.83 23.92
N ASP B 401 23.32 7.08 25.03
CA ASP B 401 22.92 5.68 25.00
C ASP B 401 21.44 5.52 24.69
N LYS B 402 20.60 6.38 25.28
CA LYS B 402 19.15 6.25 25.10
C LYS B 402 18.69 6.65 23.70
N MET B 403 19.55 7.29 22.91
CA MET B 403 19.16 7.77 21.59
C MET B 403 19.77 6.96 20.45
N ASN B 404 20.36 5.81 20.74
CA ASN B 404 20.91 4.96 19.68
C ASN B 404 19.79 4.37 18.82
N THR B 405 18.69 3.99 19.45
CA THR B 405 17.55 3.39 18.74
C THR B 405 16.54 4.47 18.40
N GLN B 406 16.95 5.38 17.52
CA GLN B 406 16.05 6.38 16.98
C GLN B 406 15.39 5.84 15.71
N PHE B 407 14.73 6.69 14.95
CA PHE B 407 14.15 6.32 13.67
C PHE B 407 15.11 6.72 12.56
N GLU B 408 15.37 5.79 11.65
CA GLU B 408 16.21 6.04 10.48
C GLU B 408 15.32 6.04 9.25
N ALA B 409 15.28 7.18 8.56
CA ALA B 409 14.47 7.28 7.36
C ALA B 409 15.15 6.61 6.17
N VAL B 410 14.40 5.77 5.47
CA VAL B 410 14.89 5.10 4.27
C VAL B 410 14.13 5.67 3.08
N GLY B 411 14.74 5.55 1.90
CA GLY B 411 14.12 6.04 0.68
C GLY B 411 13.21 5.02 0.03
N ARG B 412 11.91 5.28 0.04
CA ARG B 412 10.92 4.46 -0.64
C ARG B 412 10.26 5.29 -1.73
N GLU B 413 10.14 4.71 -2.93
CA GLU B 413 9.62 5.40 -4.09
C GLU B 413 8.27 4.83 -4.49
N PHE B 414 7.40 5.69 -5.01
CA PHE B 414 6.04 5.34 -5.41
C PHE B 414 5.71 6.04 -6.71
N ASN B 415 4.77 5.46 -7.47
CA ASN B 415 4.36 6.06 -8.73
C ASN B 415 3.15 6.99 -8.52
N ASN B 416 2.61 7.49 -9.63
CA ASN B 416 1.60 8.55 -9.56
C ASN B 416 0.23 8.04 -9.14
N LEU B 417 -0.02 6.73 -9.23
CA LEU B 417 -1.25 6.13 -8.73
C LEU B 417 -1.02 5.46 -7.38
N GLU B 418 0.02 5.88 -6.68
CA GLU B 418 0.33 5.42 -5.33
C GLU B 418 0.55 6.61 -4.42
N ARG B 419 -0.23 7.67 -4.63
CA ARG B 419 -0.06 8.92 -3.92
C ARG B 419 -0.55 8.87 -2.48
N ARG B 420 -1.57 8.05 -2.18
CA ARG B 420 -1.94 7.83 -0.79
C ARG B 420 -0.87 7.11 0.00
N ILE B 421 -0.25 6.10 -0.60
CA ILE B 421 0.82 5.38 0.10
C ILE B 421 2.06 6.27 0.22
N GLU B 422 2.32 7.10 -0.79
CA GLU B 422 3.41 8.08 -0.70
C GLU B 422 3.16 9.11 0.40
N ASN B 423 1.92 9.60 0.51
CA ASN B 423 1.57 10.52 1.59
C ASN B 423 1.67 9.85 2.95
N LEU B 424 1.26 8.58 3.04
CA LEU B 424 1.38 7.83 4.28
C LEU B 424 2.84 7.65 4.69
N ASN B 425 3.70 7.32 3.73
CA ASN B 425 5.13 7.17 4.00
C ASN B 425 5.75 8.49 4.43
N LYS B 426 5.41 9.58 3.74
CA LYS B 426 5.92 10.90 4.10
C LYS B 426 5.49 11.31 5.49
N LYS B 427 4.21 11.11 5.82
CA LYS B 427 3.71 11.43 7.15
C LYS B 427 4.31 10.56 8.24
N MET B 428 4.52 9.26 7.99
CA MET B 428 5.18 8.38 8.96
C MET B 428 6.61 8.82 9.24
N GLU B 429 7.41 9.02 8.19
CA GLU B 429 8.80 9.41 8.38
C GLU B 429 8.91 10.78 9.03
N ASP B 430 8.11 11.75 8.57
CA ASP B 430 8.14 13.09 9.16
C ASP B 430 7.62 13.10 10.59
N GLY B 431 6.61 12.29 10.93
CA GLY B 431 6.16 12.21 12.30
C GLY B 431 7.16 11.58 13.22
N PHE B 432 7.87 10.55 12.77
CA PHE B 432 8.93 9.97 13.59
C PHE B 432 10.12 10.90 13.76
N LEU B 433 10.51 11.64 12.71
CA LEU B 433 11.55 12.65 12.87
C LEU B 433 11.13 13.77 13.80
N ASP B 434 9.87 14.21 13.73
CA ASP B 434 9.35 15.19 14.68
C ASP B 434 9.33 14.68 16.11
N VAL B 435 8.95 13.43 16.31
CA VAL B 435 8.92 12.83 17.65
C VAL B 435 10.33 12.77 18.23
N TRP B 436 11.31 12.32 17.45
CA TRP B 436 12.67 12.25 17.98
C TRP B 436 13.34 13.62 18.10
N THR B 437 12.97 14.59 17.26
CA THR B 437 13.45 15.96 17.44
C THR B 437 12.91 16.56 18.74
N TYR B 438 11.62 16.37 19.01
CA TYR B 438 11.04 16.80 20.28
C TYR B 438 11.72 16.11 21.45
N ASN B 439 11.98 14.80 21.33
CA ASN B 439 12.64 14.05 22.39
C ASN B 439 14.02 14.62 22.69
N ALA B 440 14.83 14.84 21.64
CA ALA B 440 16.19 15.35 21.82
C ALA B 440 16.19 16.76 22.39
N GLU B 441 15.41 17.66 21.80
CA GLU B 441 15.41 19.05 22.24
C GLU B 441 14.88 19.21 23.65
N LEU B 442 13.77 18.54 23.97
CA LEU B 442 13.19 18.62 25.29
C LEU B 442 14.07 17.96 26.34
N LEU B 443 14.70 16.81 26.03
CA LEU B 443 15.64 16.19 26.95
C LEU B 443 16.83 17.10 27.21
N VAL B 444 17.32 17.80 26.17
CA VAL B 444 18.41 18.75 26.36
C VAL B 444 17.98 19.86 27.31
N LEU B 445 16.76 20.37 27.15
CA LEU B 445 16.27 21.43 28.04
C LEU B 445 16.19 20.98 29.50
N MET B 446 15.55 19.82 29.75
CA MET B 446 15.43 19.35 31.13
C MET B 446 16.79 19.04 31.73
N GLU B 447 17.64 18.31 31.02
CA GLU B 447 18.93 17.96 31.59
C GLU B 447 19.85 19.16 31.73
N ASN B 448 19.66 20.22 30.94
CA ASN B 448 20.40 21.45 31.16
C ASN B 448 20.00 22.12 32.46
N GLU B 449 18.69 22.24 32.72
CA GLU B 449 18.29 22.81 34.00
C GLU B 449 18.67 21.91 35.18
N ARG B 450 18.62 20.58 34.99
CA ARG B 450 19.03 19.66 36.04
C ARG B 450 20.53 19.77 36.32
N THR B 451 21.35 19.95 35.27
CA THR B 451 22.78 20.13 35.47
C THR B 451 23.07 21.42 36.22
N LEU B 452 22.40 22.51 35.86
CA LEU B 452 22.58 23.76 36.59
C LEU B 452 22.15 23.65 38.04
N ASP B 453 21.00 23.01 38.32
CA ASP B 453 20.59 22.77 39.70
C ASP B 453 21.53 21.81 40.43
N PHE B 454 22.15 20.88 39.72
CA PHE B 454 23.11 19.96 40.32
C PHE B 454 24.37 20.70 40.75
N HIS B 455 24.88 21.58 39.90
CA HIS B 455 26.03 22.41 40.28
C HIS B 455 25.68 23.32 41.45
N ASP B 456 24.48 23.89 41.43
CA ASP B 456 24.02 24.74 42.54
C ASP B 456 23.92 23.96 43.84
N SER B 457 23.38 22.75 43.80
CA SER B 457 23.23 21.95 45.01
C SER B 457 24.59 21.45 45.50
N ASN B 458 25.53 21.22 44.58
CA ASN B 458 26.88 20.85 44.99
C ASN B 458 27.57 21.99 45.72
N VAL B 459 27.43 23.21 45.22
CA VAL B 459 27.99 24.37 45.91
C VAL B 459 27.32 24.58 47.27
N LYS B 460 26.00 24.45 47.35
CA LYS B 460 25.31 24.61 48.63
C LYS B 460 25.65 23.49 49.61
N ASN B 461 25.87 22.27 49.13
CA ASN B 461 26.25 21.16 50.00
C ASN B 461 27.66 21.34 50.53
N LEU B 462 28.58 21.85 49.71
CA LEU B 462 29.90 22.22 50.22
C LEU B 462 29.82 23.32 51.28
N TYR B 463 29.00 24.34 51.03
CA TYR B 463 28.76 25.40 52.01
C TYR B 463 28.25 24.84 53.33
N ASP B 464 27.25 23.95 53.26
CA ASP B 464 26.66 23.37 54.45
C ASP B 464 27.63 22.44 55.16
N LYS B 465 28.51 21.74 54.42
CA LYS B 465 29.51 20.90 55.04
C LYS B 465 30.48 21.74 55.88
N VAL B 466 30.96 22.85 55.32
CA VAL B 466 31.81 23.75 56.12
C VAL B 466 31.05 24.37 57.29
N ARG B 467 29.77 24.70 57.09
CA ARG B 467 28.98 25.30 58.16
C ARG B 467 28.78 24.33 59.32
N LEU B 468 28.55 23.05 58.99
CA LEU B 468 28.28 22.04 60.05
C LEU B 468 29.57 21.66 60.78
N GLN B 469 30.74 21.91 60.17
CA GLN B 469 32.04 21.57 60.79
C GLN B 469 32.50 22.70 61.71
N LEU B 470 32.51 23.95 61.21
CA LEU B 470 33.01 25.10 62.00
C LEU B 470 32.06 25.40 63.16
N ARG B 471 30.76 25.17 62.98
CA ARG B 471 29.75 25.40 64.05
C ARG B 471 29.81 26.86 64.50
N ASP B 472 30.11 27.11 65.78
CA ASP B 472 30.13 28.50 66.33
C ASP B 472 31.55 29.06 66.33
N ASN B 473 32.55 28.25 65.97
CA ASN B 473 33.97 28.72 65.99
C ASN B 473 34.22 29.70 64.84
N ALA B 474 33.17 30.06 64.09
CA ALA B 474 33.36 30.94 62.94
C ALA B 474 32.16 31.88 62.89
N LYS B 475 32.03 32.61 61.78
CA LYS B 475 30.93 33.57 61.62
C LYS B 475 30.56 33.61 60.14
N GLU B 476 29.32 33.24 59.84
CA GLU B 476 28.83 33.31 58.46
C GLU B 476 28.66 34.76 58.05
N LEU B 477 29.50 35.21 57.11
CA LEU B 477 29.45 36.59 56.66
C LEU B 477 28.31 36.84 55.68
N GLY B 478 27.68 35.79 55.15
CA GLY B 478 26.52 35.90 54.31
C GLY B 478 26.80 35.73 52.84
N ASN B 479 28.05 35.92 52.40
CA ASN B 479 28.40 35.76 51.00
C ASN B 479 29.08 34.42 50.70
N GLY B 480 29.11 33.51 51.67
CA GLY B 480 29.77 32.23 51.48
C GLY B 480 31.04 32.11 52.26
N CYS B 481 31.38 33.16 53.00
CA CYS B 481 32.61 33.19 53.79
C CYS B 481 32.33 32.79 55.23
N PHE B 482 33.41 32.33 55.91
CA PHE B 482 33.40 32.04 57.33
C PHE B 482 34.61 32.75 57.95
N GLU B 483 34.38 33.94 58.47
CA GLU B 483 35.44 34.63 59.21
C GLU B 483 35.69 33.92 60.53
N PHE B 484 36.87 33.31 60.64
CA PHE B 484 37.22 32.54 61.82
C PHE B 484 37.36 33.44 63.05
N TYR B 485 36.92 32.92 64.19
CA TYR B 485 36.99 33.65 65.45
C TYR B 485 38.23 33.34 66.26
N HIS B 486 38.84 32.17 66.08
CA HIS B 486 40.12 31.86 66.71
C HIS B 486 41.25 32.13 65.71
N LYS B 487 42.48 31.76 66.07
CA LYS B 487 43.64 31.91 65.21
C LYS B 487 43.75 30.67 64.35
N CYS B 488 43.39 30.78 63.06
CA CYS B 488 43.40 29.65 62.15
C CYS B 488 44.42 29.91 61.06
N ASP B 489 45.41 29.03 60.96
CA ASP B 489 46.48 29.03 59.98
C ASP B 489 46.22 27.93 58.96
N ASN B 490 47.24 27.66 58.12
CA ASN B 490 47.17 26.63 57.09
C ASN B 490 46.83 25.25 57.63
N GLU B 491 47.24 24.96 58.87
CA GLU B 491 47.03 23.63 59.44
C GLU B 491 45.56 23.34 59.68
N CYS B 492 44.79 24.35 60.10
CA CYS B 492 43.34 24.13 60.21
C CYS B 492 42.63 24.47 58.90
N MET B 493 43.28 25.25 58.02
CA MET B 493 42.73 25.47 56.69
C MET B 493 42.64 24.17 55.90
N GLU B 494 43.68 23.33 55.97
CA GLU B 494 43.66 22.07 55.26
C GLU B 494 42.69 21.08 55.90
N SER B 495 42.43 21.24 57.21
CA SER B 495 41.45 20.35 57.85
C SER B 495 40.02 20.77 57.51
N VAL B 496 39.79 22.07 57.36
CA VAL B 496 38.49 22.54 56.83
C VAL B 496 38.30 22.06 55.40
N ARG B 497 39.33 22.16 54.57
CA ARG B 497 39.23 21.67 53.19
C ARG B 497 39.18 20.15 53.12
N ASN B 498 39.58 19.45 54.17
CA ASN B 498 39.60 17.99 54.20
C ASN B 498 38.24 17.43 54.61
N GLY B 499 37.76 17.79 55.79
CA GLY B 499 36.59 17.17 56.38
C GLY B 499 36.91 16.67 57.77
N THR B 500 38.13 16.93 58.23
CA THR B 500 38.61 16.49 59.54
C THR B 500 38.83 17.64 60.50
N TYR B 501 37.97 18.67 60.45
CA TYR B 501 38.08 19.79 61.38
C TYR B 501 37.76 19.34 62.80
N ASP B 502 38.58 19.78 63.74
CA ASP B 502 38.49 19.34 65.14
C ASP B 502 37.90 20.49 65.96
N TYR B 503 36.61 20.35 66.28
CA TYR B 503 35.89 21.36 67.06
C TYR B 503 36.41 21.56 68.49
N PRO B 504 36.72 20.52 69.30
CA PRO B 504 37.18 20.81 70.67
C PRO B 504 38.54 21.49 70.77
N GLN B 505 39.35 21.49 69.72
CA GLN B 505 40.70 22.05 69.80
C GLN B 505 40.68 23.57 69.98
N TYR B 506 39.75 24.27 69.33
CA TYR B 506 39.74 25.72 69.29
C TYR B 506 38.50 26.27 69.97
N SER B 507 38.56 26.43 71.30
CA SER B 507 37.60 27.31 71.95
C SER B 507 38.19 27.93 73.21
N GLU B 508 38.95 29.01 73.05
CA GLU B 508 39.20 29.96 74.13
C GLU B 508 39.16 31.41 73.66
N GLU B 509 39.73 31.65 72.48
CA GLU B 509 39.96 33.00 71.98
C GLU B 509 38.69 33.60 71.39
N ALA B 510 37.79 32.75 70.91
CA ALA B 510 36.54 33.21 70.31
C ALA B 510 35.66 33.95 71.31
N ARG B 511 35.58 33.42 72.54
CA ARG B 511 34.78 34.05 73.59
C ARG B 511 35.37 35.40 74.02
N LEU B 512 36.71 35.47 74.10
CA LEU B 512 37.36 36.71 74.52
C LEU B 512 37.24 37.78 73.44
N LYS B 513 37.34 37.38 72.17
CA LYS B 513 37.24 38.36 71.08
C LYS B 513 35.84 38.96 70.96
N ARG B 514 34.80 38.20 71.33
CA ARG B 514 33.44 38.71 71.31
C ARG B 514 33.27 39.74 72.43
N GLU B 515 33.28 41.01 72.06
CA GLU B 515 33.21 42.16 72.99
C GLU B 515 34.26 42.08 74.10
N ASP C 17 7.65 43.30 66.80
CA ASP C 17 8.39 43.62 65.58
C ASP C 17 8.74 42.36 64.81
N GLN C 18 7.83 41.96 63.91
CA GLN C 18 7.98 40.76 63.11
C GLN C 18 7.92 41.17 61.64
N ILE C 19 8.79 40.55 60.84
CA ILE C 19 8.93 40.93 59.43
C ILE C 19 8.70 39.68 58.56
N CYS C 20 7.65 38.92 58.92
CA CYS C 20 7.38 37.58 58.41
C CYS C 20 7.43 37.50 56.89
N ILE C 21 7.79 36.33 56.39
CA ILE C 21 7.96 36.11 54.96
C ILE C 21 6.93 35.09 54.50
N GLY C 22 6.26 35.39 53.39
CA GLY C 22 5.20 34.51 52.94
C GLY C 22 4.88 34.71 51.47
N TYR C 23 3.79 34.06 51.07
CA TYR C 23 3.35 34.00 49.69
C TYR C 23 1.85 34.32 49.63
N HIS C 24 1.38 34.68 48.44
CA HIS C 24 -0.01 35.10 48.30
C HIS C 24 -0.93 33.89 48.16
N ALA C 25 -2.19 34.05 48.56
CA ALA C 25 -3.21 33.02 48.48
C ALA C 25 -4.54 33.63 48.09
N ASN C 26 -5.45 32.81 47.55
CA ASN C 26 -6.77 33.29 47.20
C ASN C 26 -7.83 32.18 47.30
N ASN C 27 -9.02 32.40 46.73
CA ASN C 27 -10.24 31.78 47.23
C ASN C 27 -10.79 30.67 46.33
N SER C 28 -10.26 30.47 45.14
CA SER C 28 -10.95 29.59 44.21
C SER C 28 -10.45 28.15 44.33
N THR C 29 -10.98 27.30 43.43
CA THR C 29 -10.73 25.86 43.47
C THR C 29 -10.21 25.33 42.13
N GLU C 30 -9.44 26.14 41.42
CA GLU C 30 -8.79 25.67 40.19
C GLU C 30 -7.68 24.70 40.57
N GLN C 31 -7.64 23.55 39.91
CA GLN C 31 -6.78 22.45 40.31
C GLN C 31 -5.88 21.98 39.18
N VAL C 32 -4.71 21.47 39.54
CA VAL C 32 -3.75 20.92 38.59
C VAL C 32 -3.40 19.51 39.03
N ASP C 33 -2.72 18.79 38.14
CA ASP C 33 -2.25 17.44 38.41
C ASP C 33 -0.74 17.36 38.33
N THR C 34 -0.14 16.65 39.28
CA THR C 34 1.30 16.41 39.27
C THR C 34 1.56 14.90 39.20
N ILE C 35 2.82 14.48 39.28
CA ILE C 35 3.11 13.05 39.26
C ILE C 35 2.71 12.37 40.56
N MET C 36 3.04 12.98 41.70
CA MET C 36 2.86 12.34 43.00
C MET C 36 1.53 12.70 43.67
N GLU C 37 0.72 13.56 43.07
CA GLU C 37 -0.48 14.00 43.76
C GLU C 37 -1.46 14.56 42.74
N LYS C 38 -2.76 14.29 42.95
CA LYS C 38 -3.82 14.82 42.12
C LYS C 38 -4.60 15.88 42.88
N ASN C 39 -5.31 16.71 42.10
CA ASN C 39 -6.26 17.72 42.62
C ASN C 39 -5.58 18.74 43.54
N VAL C 40 -4.43 19.27 43.12
CA VAL C 40 -3.74 20.29 43.92
C VAL C 40 -4.37 21.63 43.60
N THR C 41 -4.91 22.30 44.61
CA THR C 41 -5.43 23.64 44.43
C THR C 41 -4.27 24.61 44.32
N VAL C 42 -4.38 25.56 43.39
CA VAL C 42 -3.28 26.49 43.13
C VAL C 42 -3.76 27.92 43.34
N THR C 43 -2.83 28.88 43.23
CA THR C 43 -3.15 30.29 43.30
C THR C 43 -3.28 30.93 41.93
N HIS C 44 -2.72 30.30 40.89
CA HIS C 44 -2.90 30.71 39.51
C HIS C 44 -2.67 29.50 38.63
N ALA C 45 -3.50 29.35 37.59
CA ALA C 45 -3.37 28.25 36.67
C ALA C 45 -3.88 28.68 35.31
N GLN C 46 -3.35 28.07 34.25
CA GLN C 46 -3.72 28.38 32.88
C GLN C 46 -4.16 27.10 32.20
N ASP C 47 -5.41 27.05 31.77
CA ASP C 47 -5.85 25.96 30.91
C ASP C 47 -5.23 26.13 29.53
N ILE C 48 -4.83 25.02 28.93
CA ILE C 48 -4.19 25.08 27.60
C ILE C 48 -4.89 24.10 26.67
N LEU C 49 -6.05 23.59 27.07
CA LEU C 49 -6.82 22.65 26.27
C LEU C 49 -8.19 23.24 25.96
N GLU C 50 -8.53 23.29 24.68
CA GLU C 50 -9.85 23.74 24.27
C GLU C 50 -10.78 22.56 24.10
N LYS C 51 -11.98 22.65 24.70
CA LYS C 51 -12.94 21.56 24.68
C LYS C 51 -14.28 21.93 24.08
N THR C 52 -14.41 23.15 23.52
CA THR C 52 -15.68 23.63 23.02
C THR C 52 -15.57 23.99 21.54
N HIS C 53 -16.66 23.76 20.81
CA HIS C 53 -16.82 24.14 19.42
C HIS C 53 -18.23 24.63 19.20
N ASN C 54 -18.45 25.36 18.10
CA ASN C 54 -19.78 25.92 17.87
C ASN C 54 -20.74 24.88 17.30
N GLY C 55 -20.24 23.72 16.90
CA GLY C 55 -21.10 22.67 16.39
C GLY C 55 -21.69 22.92 15.04
N LYS C 56 -21.01 23.69 14.18
CA LYS C 56 -21.50 24.03 12.85
C LYS C 56 -20.34 23.98 11.87
N LEU C 57 -20.67 23.70 10.61
CA LEU C 57 -19.71 23.86 9.53
C LEU C 57 -19.76 25.29 9.02
N CYS C 58 -18.60 25.93 8.98
CA CYS C 58 -18.52 27.36 8.72
C CYS C 58 -17.46 27.62 7.66
N ASP C 59 -17.41 28.87 7.20
CA ASP C 59 -16.45 29.26 6.17
C ASP C 59 -15.04 29.23 6.72
N LEU C 60 -14.10 28.89 5.85
CA LEU C 60 -12.67 28.84 6.20
C LEU C 60 -12.00 30.06 5.59
N ASN C 61 -11.79 31.09 6.42
CA ASN C 61 -11.14 32.34 6.03
C ASN C 61 -11.84 33.04 4.87
N GLY C 62 -13.17 32.98 4.84
CA GLY C 62 -13.98 33.66 3.86
C GLY C 62 -14.50 32.80 2.73
N VAL C 63 -13.88 31.65 2.50
CA VAL C 63 -14.28 30.76 1.42
C VAL C 63 -15.24 29.71 1.98
N LYS C 64 -16.44 29.65 1.41
CA LYS C 64 -17.47 28.71 1.82
C LYS C 64 -17.14 27.31 1.34
N PRO C 65 -17.36 26.29 2.17
CA PRO C 65 -17.10 24.91 1.76
C PRO C 65 -18.10 24.43 0.71
N LEU C 66 -17.70 23.36 0.02
CA LEU C 66 -18.57 22.64 -0.90
C LEU C 66 -19.25 21.53 -0.11
N ILE C 67 -20.48 21.78 0.32
CA ILE C 67 -21.26 20.77 1.03
C ILE C 67 -22.00 19.96 -0.03
N LEU C 68 -21.59 18.69 -0.19
CA LEU C 68 -22.18 17.81 -1.18
C LEU C 68 -23.55 17.29 -0.79
N LYS C 69 -23.97 17.50 0.48
CA LYS C 69 -25.24 17.03 1.04
C LYS C 69 -25.29 15.52 0.90
N ASP C 70 -26.27 14.96 0.18
CA ASP C 70 -26.41 13.52 0.07
C ASP C 70 -25.79 12.97 -1.21
N CYS C 71 -24.85 13.67 -1.82
CA CYS C 71 -24.07 13.14 -2.92
C CYS C 71 -22.65 12.83 -2.48
N SER C 72 -21.98 12.05 -3.32
CA SER C 72 -20.60 11.64 -3.12
C SER C 72 -19.70 12.40 -4.09
N VAL C 73 -18.40 12.10 -4.01
CA VAL C 73 -17.46 12.64 -4.98
C VAL C 73 -17.72 12.09 -6.36
N ALA C 74 -17.96 10.77 -6.47
CA ALA C 74 -18.21 10.15 -7.77
C ALA C 74 -19.52 10.63 -8.38
N GLY C 75 -20.56 10.79 -7.55
CA GLY C 75 -21.84 11.27 -8.05
C GLY C 75 -21.78 12.70 -8.53
N TRP C 76 -20.99 13.53 -7.83
CA TRP C 76 -20.83 14.92 -8.25
C TRP C 76 -19.99 15.02 -9.52
N LEU C 77 -18.89 14.29 -9.58
CA LEU C 77 -17.97 14.44 -10.71
C LEU C 77 -18.49 13.73 -11.96
N LEU C 78 -19.37 12.74 -11.81
CA LEU C 78 -19.96 12.10 -12.97
C LEU C 78 -21.28 12.70 -13.38
N GLY C 79 -21.93 13.44 -12.50
CA GLY C 79 -23.16 14.14 -12.85
C GLY C 79 -24.42 13.35 -12.60
N ASN C 80 -24.60 12.86 -11.37
CA ASN C 80 -25.83 12.19 -10.99
C ASN C 80 -27.00 13.16 -11.17
N PRO C 81 -28.11 12.75 -11.80
CA PRO C 81 -29.24 13.66 -11.98
C PRO C 81 -29.92 14.08 -10.68
N MET C 82 -29.67 13.38 -9.58
CA MET C 82 -30.15 13.79 -8.27
C MET C 82 -29.24 14.80 -7.60
N CYS C 83 -28.20 15.25 -8.29
CA CYS C 83 -27.21 16.17 -7.75
C CYS C 83 -26.93 17.28 -8.76
N ASP C 84 -27.99 17.85 -9.32
CA ASP C 84 -27.88 18.91 -10.31
C ASP C 84 -27.60 20.26 -9.68
N GLU C 85 -27.59 20.36 -8.35
CA GLU C 85 -27.20 21.59 -7.69
C GLU C 85 -25.72 21.90 -7.89
N PHE C 86 -24.88 20.85 -7.98
CA PHE C 86 -23.43 21.00 -8.09
C PHE C 86 -22.95 20.98 -9.54
N ILE C 87 -23.79 21.40 -10.48
CA ILE C 87 -23.35 21.49 -11.88
C ILE C 87 -22.28 22.57 -12.03
N ARG C 88 -22.52 23.76 -11.48
CA ARG C 88 -21.51 24.81 -11.43
C ARG C 88 -21.22 25.09 -9.96
N VAL C 89 -19.99 24.82 -9.55
CA VAL C 89 -19.58 24.88 -8.15
C VAL C 89 -18.52 25.97 -8.02
N PRO C 90 -18.68 26.93 -7.10
CA PRO C 90 -17.67 27.98 -6.93
C PRO C 90 -16.38 27.47 -6.29
N GLU C 91 -15.44 28.38 -6.02
CA GLU C 91 -14.24 28.00 -5.30
C GLU C 91 -14.58 27.62 -3.86
N TRP C 92 -14.06 26.47 -3.44
CA TRP C 92 -14.33 25.95 -2.11
C TRP C 92 -13.05 25.93 -1.28
N SER C 93 -13.22 25.94 0.04
CA SER C 93 -12.12 25.78 0.97
C SER C 93 -11.91 24.34 1.39
N TYR C 94 -13.00 23.58 1.53
CA TYR C 94 -12.93 22.15 1.79
C TYR C 94 -14.25 21.55 1.32
N ILE C 95 -14.23 20.24 1.10
CA ILE C 95 -15.39 19.49 0.63
C ILE C 95 -15.97 18.73 1.80
N VAL C 96 -17.29 18.77 1.96
CA VAL C 96 -17.99 18.01 2.99
C VAL C 96 -18.77 16.90 2.30
N GLU C 97 -18.45 15.66 2.66
CA GLU C 97 -19.15 14.48 2.20
C GLU C 97 -19.77 13.78 3.40
N ARG C 98 -20.91 13.12 3.19
CA ARG C 98 -21.45 12.35 4.31
C ARG C 98 -20.81 10.99 4.39
N ALA C 99 -21.02 10.32 5.53
CA ALA C 99 -20.41 9.01 5.76
C ALA C 99 -20.97 7.97 4.79
N ASN C 100 -22.28 7.98 4.57
CA ASN C 100 -22.94 7.09 3.64
C ASN C 100 -23.86 7.92 2.76
N PRO C 101 -23.36 8.56 1.65
CA PRO C 101 -24.20 9.43 0.82
C PRO C 101 -25.19 8.61 -0.04
N ALA C 102 -26.45 9.05 -0.09
CA ALA C 102 -27.49 8.29 -0.84
C ALA C 102 -27.20 8.31 -2.35
N ASN C 103 -26.85 9.47 -2.90
CA ASN C 103 -26.65 9.59 -4.37
C ASN C 103 -25.17 9.38 -4.73
N ASP C 104 -24.78 8.13 -5.02
CA ASP C 104 -23.38 7.85 -5.44
C ASP C 104 -23.41 7.47 -6.92
N LEU C 105 -23.06 6.23 -7.25
CA LEU C 105 -23.16 5.76 -8.67
C LEU C 105 -24.58 5.22 -8.87
N CYS C 106 -25.48 6.05 -9.40
CA CYS C 106 -26.90 5.64 -9.57
C CYS C 106 -26.94 4.34 -10.38
N TYR C 107 -26.20 4.26 -11.48
CA TYR C 107 -26.11 2.97 -12.23
C TYR C 107 -25.02 2.13 -11.56
N PRO C 108 -25.28 0.85 -11.20
CA PRO C 108 -24.30 0.03 -10.48
C PRO C 108 -23.00 -0.15 -11.25
N GLY C 109 -21.91 -0.21 -10.52
CA GLY C 109 -20.59 -0.32 -11.11
C GLY C 109 -19.54 0.20 -10.14
N SER C 110 -18.45 0.71 -10.68
CA SER C 110 -17.34 1.18 -9.87
C SER C 110 -16.67 2.35 -10.58
N LEU C 111 -15.93 3.13 -9.80
CA LEU C 111 -15.02 4.15 -10.31
C LEU C 111 -13.60 3.72 -10.00
N ASN C 112 -12.80 3.52 -11.03
CA ASN C 112 -11.45 3.02 -10.87
C ASN C 112 -10.55 4.07 -10.26
N ASP C 113 -9.75 3.66 -9.28
CA ASP C 113 -8.88 4.54 -8.49
C ASP C 113 -9.67 5.69 -7.89
N TYR C 114 -10.79 5.35 -7.25
CA TYR C 114 -11.67 6.36 -6.68
C TYR C 114 -11.03 7.06 -5.48
N GLU C 115 -10.31 6.29 -4.65
CA GLU C 115 -9.63 6.86 -3.50
C GLU C 115 -8.41 7.67 -3.89
N GLU C 116 -7.68 7.26 -4.94
CA GLU C 116 -6.63 8.09 -5.49
C GLU C 116 -7.18 9.38 -6.09
N LEU C 117 -8.36 9.30 -6.73
CA LEU C 117 -9.04 10.49 -7.21
C LEU C 117 -9.43 11.43 -6.08
N LYS C 118 -9.91 10.89 -4.96
CA LYS C 118 -10.26 11.74 -3.82
C LYS C 118 -9.02 12.32 -3.15
N HIS C 119 -7.91 11.57 -3.13
CA HIS C 119 -6.66 12.11 -2.64
C HIS C 119 -6.15 13.24 -3.53
N MET C 120 -6.34 13.12 -4.84
CA MET C 120 -6.00 14.22 -5.73
C MET C 120 -6.94 15.40 -5.55
N LEU C 121 -8.21 15.13 -5.28
CA LEU C 121 -9.23 16.13 -5.01
C LEU C 121 -8.97 16.91 -3.73
N SER C 122 -8.30 16.32 -2.75
CA SER C 122 -7.97 17.02 -1.51
C SER C 122 -6.82 18.02 -1.68
N ARG C 123 -6.38 18.27 -2.92
CA ARG C 123 -5.42 19.32 -3.21
C ARG C 123 -5.92 20.26 -4.31
N ILE C 124 -7.23 20.32 -4.54
CA ILE C 124 -7.83 21.17 -5.56
C ILE C 124 -8.91 22.01 -4.92
N ASN C 125 -8.89 23.32 -5.18
CA ASN C 125 -9.90 24.22 -4.63
C ASN C 125 -10.97 24.67 -5.61
N HIS C 126 -10.74 24.56 -6.91
CA HIS C 126 -11.73 25.03 -7.86
C HIS C 126 -11.64 24.23 -9.15
N PHE C 127 -12.81 23.92 -9.71
CA PHE C 127 -12.94 23.29 -11.01
C PHE C 127 -13.66 24.26 -11.94
N GLU C 128 -13.35 24.17 -13.22
CA GLU C 128 -14.15 24.79 -14.27
C GLU C 128 -14.63 23.70 -15.22
N LYS C 129 -15.93 23.40 -15.18
CA LYS C 129 -16.46 22.39 -16.07
C LYS C 129 -16.58 22.96 -17.49
N ILE C 130 -16.03 22.22 -18.46
CA ILE C 130 -16.10 22.63 -19.86
C ILE C 130 -16.57 21.46 -20.69
N GLN C 131 -17.22 21.78 -21.81
CA GLN C 131 -17.64 20.77 -22.78
C GLN C 131 -16.49 20.51 -23.74
N ILE C 132 -15.93 19.30 -23.67
CA ILE C 132 -14.78 18.95 -24.50
C ILE C 132 -15.27 18.25 -25.76
N ILE C 133 -16.33 17.46 -25.65
CA ILE C 133 -16.97 16.82 -26.79
C ILE C 133 -18.47 17.05 -26.66
N PRO C 134 -19.07 17.87 -27.51
CA PRO C 134 -20.51 18.15 -27.40
C PRO C 134 -21.36 16.92 -27.70
N LYS C 135 -22.53 16.86 -27.09
CA LYS C 135 -23.45 15.74 -27.33
C LYS C 135 -24.03 15.77 -28.73
N SER C 136 -23.99 16.91 -29.41
CA SER C 136 -24.44 17.02 -30.79
C SER C 136 -23.39 16.62 -31.80
N SER C 137 -22.21 16.19 -31.34
CA SER C 137 -21.12 15.78 -32.22
C SER C 137 -21.13 14.28 -32.51
N TRP C 138 -22.27 13.61 -32.29
CA TRP C 138 -22.41 12.19 -32.59
C TRP C 138 -23.57 12.03 -33.57
N PRO C 139 -23.33 12.27 -34.87
CA PRO C 139 -24.42 12.15 -35.84
C PRO C 139 -24.76 10.73 -36.23
N ASN C 140 -23.84 9.78 -36.06
CA ASN C 140 -24.05 8.39 -36.44
C ASN C 140 -24.33 7.50 -35.25
N HIS C 141 -24.48 8.07 -34.06
CA HIS C 141 -24.79 7.32 -32.85
C HIS C 141 -25.97 7.97 -32.15
N GLU C 142 -26.68 7.17 -31.37
CA GLU C 142 -27.83 7.64 -30.63
C GLU C 142 -27.40 8.15 -29.26
N THR C 143 -27.76 9.40 -28.96
CA THR C 143 -27.39 10.04 -27.70
C THR C 143 -28.57 10.31 -26.79
N SER C 144 -29.79 10.04 -27.24
CA SER C 144 -30.98 10.32 -26.46
C SER C 144 -31.62 9.09 -25.84
N LEU C 145 -31.24 7.89 -26.27
CA LEU C 145 -31.80 6.66 -25.73
C LEU C 145 -31.03 6.12 -24.54
N GLY C 146 -29.88 6.71 -24.21
CA GLY C 146 -29.01 6.19 -23.18
C GLY C 146 -29.41 6.59 -21.77
N VAL C 147 -30.56 6.11 -21.31
CA VAL C 147 -31.10 6.46 -20.01
C VAL C 147 -31.38 5.19 -19.22
N SER C 148 -31.54 5.36 -17.92
CA SER C 148 -31.70 4.26 -16.97
C SER C 148 -32.70 4.67 -15.91
N ALA C 149 -33.48 3.69 -15.46
CA ALA C 149 -34.34 3.87 -14.29
C ALA C 149 -33.57 3.76 -12.99
N ALA C 150 -32.33 3.25 -13.03
CA ALA C 150 -31.44 3.33 -11.89
C ALA C 150 -30.89 4.74 -11.66
N CYS C 151 -31.08 5.63 -12.63
CA CYS C 151 -30.62 7.01 -12.55
C CYS C 151 -31.80 7.94 -12.80
N PRO C 152 -32.77 8.02 -11.88
CA PRO C 152 -33.96 8.81 -12.15
C PRO C 152 -33.73 10.30 -11.98
N TYR C 153 -34.47 11.08 -12.76
CA TYR C 153 -34.52 12.53 -12.63
C TYR C 153 -35.99 12.93 -12.63
N GLN C 154 -36.52 13.28 -11.45
CA GLN C 154 -37.93 13.60 -11.24
C GLN C 154 -38.84 12.49 -11.73
N GLY C 155 -38.46 11.26 -11.41
CA GLY C 155 -39.23 10.08 -11.76
C GLY C 155 -38.86 9.41 -13.07
N ALA C 156 -38.65 10.22 -14.12
CA ALA C 156 -38.31 9.70 -15.43
C ALA C 156 -36.89 9.13 -15.44
N PRO C 157 -36.65 8.10 -16.24
CA PRO C 157 -35.28 7.58 -16.39
C PRO C 157 -34.34 8.61 -16.99
N SER C 158 -33.10 8.60 -16.52
CA SER C 158 -32.09 9.56 -16.95
C SER C 158 -30.71 8.92 -16.81
N PHE C 159 -29.66 9.73 -16.88
CA PHE C 159 -28.30 9.22 -16.86
C PHE C 159 -27.39 10.25 -16.21
N PHE C 160 -26.12 9.86 -16.02
CA PHE C 160 -25.08 10.80 -15.68
C PHE C 160 -24.98 11.89 -16.75
N ARG C 161 -24.77 13.13 -16.31
CA ARG C 161 -24.83 14.29 -17.18
C ARG C 161 -23.50 14.62 -17.83
N ASN C 162 -22.38 14.29 -17.20
CA ASN C 162 -21.07 14.61 -17.73
C ASN C 162 -20.54 13.58 -18.70
N VAL C 163 -21.25 12.45 -18.86
CA VAL C 163 -20.88 11.43 -19.84
C VAL C 163 -22.15 11.05 -20.58
N VAL C 164 -21.98 10.50 -21.79
CA VAL C 164 -23.10 10.11 -22.62
C VAL C 164 -23.05 8.61 -22.87
N TRP C 165 -24.21 7.97 -22.76
CA TRP C 165 -24.38 6.56 -23.08
C TRP C 165 -24.72 6.45 -24.56
N LEU C 166 -23.76 6.01 -25.36
CA LEU C 166 -23.92 5.93 -26.80
C LEU C 166 -24.51 4.57 -27.19
N ILE C 167 -25.51 4.62 -28.06
CA ILE C 167 -26.29 3.46 -28.47
C ILE C 167 -26.24 3.42 -29.99
N LYS C 168 -26.42 2.22 -30.56
CA LYS C 168 -26.54 2.05 -32.00
C LYS C 168 -27.65 2.92 -32.58
N LYS C 169 -27.43 3.38 -33.81
CA LYS C 169 -28.43 4.15 -34.54
C LYS C 169 -28.58 3.53 -35.92
N ASN C 170 -29.84 3.31 -36.34
CA ASN C 170 -30.18 2.63 -37.59
C ASN C 170 -29.56 1.23 -37.65
N ASP C 171 -29.58 0.54 -36.51
CA ASP C 171 -29.07 -0.83 -36.36
C ASP C 171 -27.60 -0.93 -36.74
N ALA C 172 -26.82 0.08 -36.36
CA ALA C 172 -25.40 0.12 -36.68
C ALA C 172 -24.66 0.91 -35.62
N TYR C 173 -23.42 0.51 -35.35
CA TYR C 173 -22.53 1.20 -34.42
C TYR C 173 -21.19 1.36 -35.13
N PRO C 174 -20.97 2.49 -35.80
CA PRO C 174 -19.67 2.74 -36.41
C PRO C 174 -18.58 2.91 -35.35
N THR C 175 -17.34 2.65 -35.76
CA THR C 175 -16.23 2.74 -34.83
C THR C 175 -15.94 4.20 -34.48
N ILE C 176 -16.18 4.54 -33.22
CA ILE C 176 -15.87 5.85 -32.66
C ILE C 176 -14.36 6.03 -32.66
N LYS C 177 -13.90 7.09 -33.30
CA LYS C 177 -12.49 7.50 -33.27
C LYS C 177 -12.48 8.98 -32.93
N ILE C 178 -12.30 9.30 -31.65
CA ILE C 178 -12.46 10.66 -31.14
C ILE C 178 -11.17 11.08 -30.48
N SER C 179 -10.69 12.27 -30.82
CA SER C 179 -9.53 12.85 -30.16
C SER C 179 -9.88 14.24 -29.66
N TYR C 180 -9.49 14.53 -28.41
CA TYR C 180 -9.59 15.87 -27.86
C TYR C 180 -8.19 16.34 -27.48
N ASN C 181 -7.87 17.58 -27.81
CA ASN C 181 -6.59 18.17 -27.49
C ASN C 181 -6.75 19.27 -26.45
N ASN C 182 -5.94 19.21 -25.40
CA ASN C 182 -5.98 20.19 -24.33
C ASN C 182 -5.24 21.45 -24.75
N THR C 183 -5.96 22.56 -24.87
CA THR C 183 -5.42 23.85 -25.25
C THR C 183 -5.74 24.90 -24.19
N ASN C 184 -5.78 24.50 -22.93
CA ASN C 184 -6.37 25.32 -21.89
C ASN C 184 -5.38 25.79 -20.82
N ARG C 185 -4.10 25.40 -20.91
CA ARG C 185 -3.03 25.76 -19.98
C ARG C 185 -3.24 25.20 -18.56
N GLU C 186 -4.26 24.40 -18.36
CA GLU C 186 -4.52 23.73 -17.10
C GLU C 186 -4.68 22.23 -17.32
N ASP C 187 -4.45 21.47 -16.26
CA ASP C 187 -4.72 20.03 -16.30
C ASP C 187 -6.21 19.77 -16.38
N LEU C 188 -6.58 18.72 -17.10
CA LEU C 188 -7.97 18.36 -17.31
C LEU C 188 -8.28 17.04 -16.63
N LEU C 189 -9.38 16.99 -15.88
CA LEU C 189 -9.87 15.74 -15.33
C LEU C 189 -10.93 15.20 -16.29
N ILE C 190 -10.61 14.12 -16.99
CA ILE C 190 -11.49 13.54 -17.99
C ILE C 190 -11.98 12.19 -17.48
N LEU C 191 -13.28 11.98 -17.51
CA LEU C 191 -13.92 10.76 -17.06
C LEU C 191 -14.68 10.11 -18.21
N TRP C 192 -14.49 8.80 -18.36
CA TRP C 192 -15.21 8.02 -19.35
C TRP C 192 -15.61 6.70 -18.71
N GLY C 193 -16.18 5.80 -19.49
CA GLY C 193 -16.62 4.54 -18.93
C GLY C 193 -16.86 3.41 -19.91
N ILE C 194 -17.15 2.23 -19.37
CA ILE C 194 -17.48 1.04 -20.15
C ILE C 194 -18.70 0.38 -19.52
N HIS C 195 -19.70 0.09 -20.35
CA HIS C 195 -20.87 -0.65 -19.89
C HIS C 195 -20.61 -2.15 -20.02
N HIS C 196 -20.96 -2.90 -18.97
CA HIS C 196 -20.94 -4.36 -18.99
C HIS C 196 -22.36 -4.85 -19.11
N SER C 197 -22.68 -5.44 -20.27
CA SER C 197 -23.97 -6.06 -20.51
C SER C 197 -24.08 -7.37 -19.76
N ASN C 198 -25.30 -7.89 -19.66
CA ASN C 198 -25.53 -9.09 -18.87
C ASN C 198 -25.79 -10.33 -19.72
N ASN C 199 -26.11 -10.18 -20.99
CA ASN C 199 -26.21 -11.32 -21.90
C ASN C 199 -25.88 -10.85 -23.31
N ALA C 200 -25.75 -11.82 -24.23
CA ALA C 200 -25.37 -11.53 -25.60
C ALA C 200 -26.48 -10.90 -26.42
N GLU C 201 -27.75 -11.18 -26.08
CA GLU C 201 -28.86 -10.56 -26.78
C GLU C 201 -28.94 -9.06 -26.49
N GLU C 202 -28.69 -8.67 -25.23
CA GLU C 202 -28.65 -7.26 -24.88
C GLU C 202 -27.50 -6.54 -25.56
N GLN C 203 -26.37 -7.24 -25.73
CA GLN C 203 -25.20 -6.66 -26.38
C GLN C 203 -25.51 -6.26 -27.82
N THR C 204 -26.20 -7.12 -28.56
CA THR C 204 -26.63 -6.77 -29.91
C THR C 204 -27.81 -5.82 -29.93
N ASN C 205 -28.66 -5.83 -28.89
CA ASN C 205 -29.76 -4.89 -28.81
C ASN C 205 -29.31 -3.47 -28.51
N LEU C 206 -28.14 -3.31 -27.91
CA LEU C 206 -27.61 -1.98 -27.60
C LEU C 206 -26.54 -1.49 -28.54
N TYR C 207 -25.66 -2.38 -29.02
CA TYR C 207 -24.50 -1.94 -29.78
C TYR C 207 -24.29 -2.69 -31.09
N LYS C 208 -25.00 -3.79 -31.32
CA LYS C 208 -25.06 -4.56 -32.58
C LYS C 208 -23.78 -5.35 -32.83
N ASN C 209 -22.73 -5.10 -32.07
CA ASN C 209 -21.48 -5.80 -32.26
C ASN C 209 -21.25 -6.73 -31.08
N PRO C 210 -21.02 -8.02 -31.31
CA PRO C 210 -20.90 -8.96 -30.19
C PRO C 210 -19.61 -8.80 -29.39
N ILE C 211 -18.48 -8.57 -30.07
CA ILE C 211 -17.18 -8.46 -29.42
C ILE C 211 -16.69 -7.03 -29.63
N THR C 212 -16.57 -6.28 -28.54
CA THR C 212 -16.22 -4.87 -28.59
C THR C 212 -15.03 -4.58 -27.69
N TYR C 213 -14.55 -3.33 -27.79
CA TYR C 213 -13.38 -2.87 -27.06
C TYR C 213 -13.49 -1.36 -26.87
N ILE C 214 -12.71 -0.85 -25.91
CA ILE C 214 -12.47 0.58 -25.77
C ILE C 214 -10.97 0.77 -25.57
N SER C 215 -10.33 1.55 -26.43
CA SER C 215 -8.92 1.86 -26.31
C SER C 215 -8.77 3.36 -26.06
N VAL C 216 -8.04 3.71 -25.01
CA VAL C 216 -7.77 5.09 -24.63
C VAL C 216 -6.27 5.30 -24.60
N GLY C 217 -5.79 6.35 -25.26
CA GLY C 217 -4.37 6.59 -25.29
C GLY C 217 -3.91 8.04 -25.19
N THR C 218 -3.14 8.34 -24.16
CA THR C 218 -2.51 9.64 -23.99
C THR C 218 -1.00 9.44 -23.99
N SER C 219 -0.23 10.47 -23.63
CA SER C 219 1.22 10.34 -23.51
C SER C 219 1.64 9.38 -22.40
N THR C 220 0.79 9.16 -21.40
CA THR C 220 1.11 8.24 -20.30
C THR C 220 0.08 7.14 -20.11
N LEU C 221 -1.07 7.20 -20.76
CA LEU C 221 -2.14 6.23 -20.59
C LEU C 221 -2.25 5.35 -21.82
N ASN C 222 -2.35 4.03 -21.61
CA ASN C 222 -2.50 3.06 -22.68
C ASN C 222 -3.47 1.99 -22.16
N GLN C 223 -4.75 2.18 -22.44
CA GLN C 223 -5.81 1.36 -21.87
C GLN C 223 -6.58 0.63 -22.97
N ARG C 224 -6.80 -0.67 -22.77
CA ARG C 224 -7.68 -1.47 -23.60
C ARG C 224 -8.65 -2.22 -22.72
N LEU C 225 -9.94 -2.09 -23.02
CA LEU C 225 -11.01 -2.71 -22.23
C LEU C 225 -11.93 -3.51 -23.13
N ALA C 226 -12.52 -4.54 -22.57
CA ALA C 226 -13.61 -5.29 -23.16
C ALA C 226 -14.72 -5.45 -22.13
N PRO C 227 -15.97 -5.47 -22.55
CA PRO C 227 -17.06 -5.74 -21.60
C PRO C 227 -17.02 -7.16 -21.07
N LYS C 228 -17.40 -7.31 -19.81
CA LYS C 228 -17.52 -8.61 -19.16
C LYS C 228 -19.01 -8.96 -19.17
N ILE C 229 -19.43 -9.68 -20.21
CA ILE C 229 -20.82 -10.06 -20.35
C ILE C 229 -21.08 -11.29 -19.51
N ALA C 230 -21.86 -11.13 -18.43
CA ALA C 230 -22.06 -12.18 -17.46
C ALA C 230 -23.33 -11.89 -16.66
N THR C 231 -23.87 -12.93 -16.04
CA THR C 231 -25.01 -12.76 -15.15
C THR C 231 -24.53 -12.31 -13.77
N ARG C 232 -25.15 -11.27 -13.24
CA ARG C 232 -24.83 -10.72 -11.95
C ARG C 232 -26.12 -10.55 -11.16
N SER C 233 -26.01 -9.86 -10.02
CA SER C 233 -27.17 -9.59 -9.20
C SER C 233 -27.76 -8.23 -9.52
N GLN C 234 -29.03 -8.04 -9.14
CA GLN C 234 -29.73 -6.77 -9.47
C GLN C 234 -29.45 -5.70 -8.41
N VAL C 235 -28.63 -4.71 -8.75
CA VAL C 235 -28.31 -3.58 -7.89
C VAL C 235 -28.99 -2.37 -8.48
N ASN C 236 -29.83 -1.71 -7.68
CA ASN C 236 -30.74 -0.64 -8.11
C ASN C 236 -31.62 -1.08 -9.26
N GLY C 237 -32.01 -2.36 -9.27
CA GLY C 237 -32.84 -2.93 -10.30
C GLY C 237 -32.14 -3.32 -11.57
N GLN C 238 -30.83 -3.11 -11.67
CA GLN C 238 -30.09 -3.36 -12.90
C GLN C 238 -29.05 -4.44 -12.70
N ARG C 239 -28.95 -5.34 -13.67
CA ARG C 239 -27.99 -6.43 -13.61
C ARG C 239 -26.71 -6.11 -14.37
N GLY C 240 -26.73 -5.13 -15.28
CA GLY C 240 -25.51 -4.70 -15.93
C GLY C 240 -24.70 -3.77 -15.05
N ARG C 241 -23.46 -3.53 -15.47
CA ARG C 241 -22.56 -2.69 -14.69
C ARG C 241 -21.99 -1.57 -15.54
N MET C 242 -21.32 -0.62 -14.90
CA MET C 242 -20.65 0.46 -15.60
C MET C 242 -19.37 0.83 -14.85
N ASP C 243 -18.24 0.55 -15.47
CA ASP C 243 -16.94 0.84 -14.90
C ASP C 243 -16.44 2.17 -15.44
N PHE C 244 -16.21 3.14 -14.57
CA PHE C 244 -15.80 4.48 -14.96
C PHE C 244 -14.32 4.67 -14.67
N PHE C 245 -13.66 5.43 -15.53
CA PHE C 245 -12.23 5.69 -15.44
C PHE C 245 -11.99 7.17 -15.59
N TRP C 246 -10.91 7.64 -14.96
CA TRP C 246 -10.54 9.03 -15.01
C TRP C 246 -9.07 9.14 -15.37
N THR C 247 -8.70 10.29 -15.93
CA THR C 247 -7.32 10.60 -16.21
C THR C 247 -7.12 12.10 -16.14
N ILE C 248 -5.85 12.50 -16.04
CA ILE C 248 -5.46 13.90 -16.05
C ILE C 248 -4.71 14.18 -17.34
N LEU C 249 -5.25 15.10 -18.15
CA LEU C 249 -4.64 15.50 -19.40
C LEU C 249 -3.80 16.75 -19.16
N LYS C 250 -2.52 16.66 -19.53
CA LYS C 250 -1.61 17.79 -19.43
C LYS C 250 -1.97 18.86 -20.45
N PRO C 251 -1.53 20.13 -20.23
CA PRO C 251 -2.00 21.23 -21.08
C PRO C 251 -1.61 21.23 -22.56
N ASP C 252 -0.93 20.21 -23.07
CA ASP C 252 -0.70 20.13 -24.51
C ASP C 252 -0.83 18.71 -25.02
N ASP C 253 -1.64 17.88 -24.37
CA ASP C 253 -1.75 16.47 -24.66
C ASP C 253 -3.07 16.16 -25.36
N ALA C 254 -3.17 14.95 -25.90
CA ALA C 254 -4.39 14.46 -26.53
C ALA C 254 -4.78 13.13 -25.90
N ILE C 255 -6.03 12.71 -26.12
CA ILE C 255 -6.66 11.67 -25.31
C ILE C 255 -7.00 10.42 -26.12
N HIS C 256 -7.43 10.57 -27.39
CA HIS C 256 -7.55 9.46 -28.34
C HIS C 256 -8.39 8.25 -27.93
N PHE C 257 -9.71 8.41 -27.80
CA PHE C 257 -10.61 7.27 -27.63
C PHE C 257 -10.88 6.58 -28.97
N GLU C 258 -10.96 5.25 -28.94
CA GLU C 258 -11.43 4.46 -30.06
C GLU C 258 -12.23 3.29 -29.54
N SER C 259 -13.45 3.10 -30.05
CA SER C 259 -14.29 2.01 -29.58
C SER C 259 -15.28 1.61 -30.65
N ASN C 260 -15.83 0.40 -30.50
CA ASN C 260 -16.94 -0.05 -31.34
C ASN C 260 -18.11 -0.58 -30.53
N GLY C 261 -18.21 -0.20 -29.26
CA GLY C 261 -19.37 -0.57 -28.46
C GLY C 261 -19.07 -0.36 -27.00
N ASN C 262 -20.16 -0.32 -26.22
CA ASN C 262 -20.14 -0.25 -24.76
C ASN C 262 -19.40 0.96 -24.22
N PHE C 263 -19.39 2.06 -24.95
CA PHE C 263 -18.61 3.23 -24.60
C PHE C 263 -19.49 4.29 -23.95
N ILE C 264 -19.11 4.71 -22.75
CA ILE C 264 -19.70 5.86 -22.09
C ILE C 264 -18.75 7.02 -22.35
N ALA C 265 -19.07 7.83 -23.34
CA ALA C 265 -18.16 8.83 -23.83
C ALA C 265 -18.15 10.06 -22.92
N PRO C 266 -17.00 10.73 -22.78
CA PRO C 266 -16.99 12.00 -22.04
C PRO C 266 -17.69 13.10 -22.82
N GLU C 267 -18.40 13.95 -22.08
CA GLU C 267 -18.94 15.18 -22.62
C GLU C 267 -18.36 16.41 -21.92
N TYR C 268 -18.26 16.36 -20.60
CA TYR C 268 -17.72 17.46 -19.81
C TYR C 268 -16.49 17.00 -19.06
N ALA C 269 -15.46 17.86 -19.07
CA ALA C 269 -14.26 17.66 -18.26
C ALA C 269 -14.14 18.83 -17.30
N TYR C 270 -13.11 18.75 -16.45
CA TYR C 270 -12.90 19.73 -15.38
C TYR C 270 -11.50 20.31 -15.49
N LYS C 271 -11.42 21.60 -15.79
CA LYS C 271 -10.16 22.32 -15.67
C LYS C 271 -9.83 22.51 -14.20
N ILE C 272 -8.61 22.16 -13.82
CA ILE C 272 -8.12 22.38 -12.45
C ILE C 272 -7.53 23.79 -12.45
N VAL C 273 -8.37 24.77 -12.09
CA VAL C 273 -7.98 26.17 -12.20
C VAL C 273 -7.38 26.73 -10.91
N LYS C 274 -7.57 26.06 -9.77
CA LYS C 274 -6.98 26.50 -8.52
C LYS C 274 -6.60 25.26 -7.72
N LYS C 275 -5.43 25.28 -7.10
CA LYS C 275 -4.90 24.13 -6.38
C LYS C 275 -4.40 24.56 -5.00
N GLY C 276 -4.36 23.60 -4.08
CA GLY C 276 -3.64 23.78 -2.83
C GLY C 276 -4.46 23.74 -1.56
N ASP C 277 -4.17 22.76 -0.69
CA ASP C 277 -4.66 22.68 0.68
C ASP C 277 -6.18 22.65 0.80
N SER C 278 -6.79 21.58 0.32
CA SER C 278 -8.21 21.29 0.58
C SER C 278 -8.26 20.05 1.45
N THR C 279 -9.47 19.59 1.77
CA THR C 279 -9.66 18.31 2.43
C THR C 279 -11.07 17.82 2.11
N ILE C 280 -11.28 16.53 2.32
CA ILE C 280 -12.62 15.94 2.25
C ILE C 280 -12.99 15.50 3.65
N MET C 281 -14.10 16.03 4.15
CA MET C 281 -14.50 15.93 5.54
C MET C 281 -15.78 15.11 5.64
N LYS C 282 -15.76 14.05 6.44
CA LYS C 282 -16.93 13.22 6.66
C LYS C 282 -17.71 13.80 7.84
N SER C 283 -18.85 14.41 7.54
CA SER C 283 -19.60 15.14 8.55
C SER C 283 -21.06 15.23 8.14
N GLY C 284 -21.94 15.01 9.12
CA GLY C 284 -23.35 15.28 8.97
C GLY C 284 -23.80 16.60 9.57
N VAL C 285 -22.86 17.42 10.05
CA VAL C 285 -23.19 18.70 10.67
C VAL C 285 -23.67 19.67 9.60
N GLU C 286 -24.61 20.54 9.98
CA GLU C 286 -25.20 21.51 9.08
C GLU C 286 -24.33 22.76 8.95
N TYR C 287 -24.45 23.40 7.79
CA TYR C 287 -23.74 24.65 7.53
C TYR C 287 -24.42 25.79 8.28
N GLY C 288 -23.64 26.54 9.05
CA GLY C 288 -24.20 27.54 9.94
C GLY C 288 -23.89 28.98 9.62
N HIS C 289 -23.36 29.24 8.41
CA HIS C 289 -23.10 30.57 7.88
C HIS C 289 -22.15 31.38 8.76
N CYS C 290 -20.96 30.84 9.04
CA CYS C 290 -20.04 31.48 9.96
C CYS C 290 -18.81 31.95 9.19
N ASN C 291 -17.84 32.42 9.96
CA ASN C 291 -16.44 32.43 9.56
C ASN C 291 -15.60 31.85 10.69
N THR C 292 -14.54 31.14 10.29
CA THR C 292 -13.68 30.47 11.26
C THR C 292 -12.30 30.31 10.63
N LYS C 293 -11.32 30.01 11.49
CA LYS C 293 -9.98 29.69 11.04
C LYS C 293 -9.60 28.24 11.30
N CYS C 294 -10.47 27.46 11.94
CA CYS C 294 -10.20 26.06 12.22
C CYS C 294 -11.51 25.29 12.19
N GLN C 295 -11.58 24.25 11.37
CA GLN C 295 -12.78 23.45 11.21
C GLN C 295 -12.47 21.98 11.45
N THR C 296 -13.35 21.31 12.19
CA THR C 296 -13.32 19.88 12.48
C THR C 296 -14.67 19.30 12.08
N PRO C 297 -14.76 17.96 11.82
CA PRO C 297 -16.03 17.36 11.37
C PRO C 297 -17.21 17.49 12.31
N VAL C 298 -16.99 17.93 13.55
CA VAL C 298 -18.10 18.21 14.46
C VAL C 298 -18.31 19.69 14.75
N GLY C 299 -17.43 20.59 14.32
CA GLY C 299 -17.65 22.00 14.60
C GLY C 299 -16.41 22.82 14.33
N ALA C 300 -16.57 24.13 14.51
CA ALA C 300 -15.51 25.08 14.28
C ALA C 300 -14.90 25.50 15.61
N ILE C 301 -13.58 25.68 15.61
CA ILE C 301 -12.82 26.04 16.79
C ILE C 301 -12.46 27.52 16.74
N ASN C 302 -12.80 28.25 17.80
CA ASN C 302 -12.43 29.65 17.99
C ASN C 302 -11.58 29.68 19.26
N SER C 303 -10.26 29.58 19.09
CA SER C 303 -9.42 29.39 20.26
C SER C 303 -7.99 29.84 19.98
N SER C 304 -7.34 30.35 21.02
CA SER C 304 -5.91 30.61 21.02
C SER C 304 -5.15 29.61 21.88
N MET C 305 -5.82 28.58 22.39
CA MET C 305 -5.14 27.56 23.17
C MET C 305 -4.22 26.73 22.29
N PRO C 306 -3.12 26.21 22.82
CA PRO C 306 -2.23 25.37 22.01
C PRO C 306 -2.79 23.98 21.73
N PHE C 307 -3.80 23.53 22.47
CA PHE C 307 -4.28 22.16 22.35
C PHE C 307 -5.80 22.16 22.24
N HIS C 308 -6.33 21.04 21.73
CA HIS C 308 -7.76 20.80 21.72
C HIS C 308 -7.98 19.30 21.70
N ASN C 309 -9.18 18.88 22.13
CA ASN C 309 -9.57 17.47 22.13
C ASN C 309 -10.83 17.24 21.32
N ILE C 310 -11.09 18.08 20.33
CA ILE C 310 -12.34 18.05 19.57
C ILE C 310 -12.34 16.89 18.59
N HIS C 311 -11.41 16.90 17.64
CA HIS C 311 -11.38 15.89 16.59
C HIS C 311 -9.97 15.85 16.01
N PRO C 312 -9.45 14.65 15.72
CA PRO C 312 -8.10 14.57 15.12
C PRO C 312 -7.98 15.23 13.76
N LEU C 313 -9.02 15.17 12.94
CA LEU C 313 -8.98 15.72 11.59
C LEU C 313 -9.41 17.18 11.62
N THR C 314 -8.51 18.06 11.20
CA THR C 314 -8.75 19.50 11.25
C THR C 314 -8.31 20.11 9.92
N ILE C 315 -8.88 21.29 9.62
CA ILE C 315 -8.40 22.12 8.53
C ILE C 315 -8.31 23.56 9.03
N GLY C 316 -7.35 24.31 8.49
CA GLY C 316 -7.06 25.65 8.91
C GLY C 316 -5.93 25.70 9.93
N GLU C 317 -5.73 26.89 10.49
CA GLU C 317 -4.76 27.06 11.57
C GLU C 317 -5.44 26.61 12.86
N CYS C 318 -4.94 25.54 13.45
CA CYS C 318 -5.62 24.82 14.51
C CYS C 318 -4.69 24.53 15.66
N PRO C 319 -5.24 24.33 16.86
CA PRO C 319 -4.44 23.77 17.96
C PRO C 319 -4.10 22.31 17.69
N LYS C 320 -3.15 21.81 18.46
CA LYS C 320 -2.71 20.44 18.31
C LYS C 320 -3.65 19.49 19.04
N TYR C 321 -4.00 18.39 18.38
CA TYR C 321 -4.97 17.46 18.95
C TYR C 321 -4.31 16.53 19.96
N VAL C 322 -4.94 16.39 21.12
CA VAL C 322 -4.59 15.37 22.10
C VAL C 322 -5.87 14.72 22.58
N LYS C 323 -5.77 13.48 23.06
CA LYS C 323 -6.93 12.76 23.54
C LYS C 323 -7.13 12.97 25.04
N SER C 324 -6.56 14.05 25.57
CA SER C 324 -6.68 14.37 26.98
C SER C 324 -8.03 15.01 27.26
N ASN C 325 -8.49 14.85 28.50
CA ASN C 325 -9.67 15.56 28.98
C ASN C 325 -9.34 16.75 29.85
N LYS C 326 -8.09 16.88 30.30
CA LYS C 326 -7.68 17.99 31.15
C LYS C 326 -6.20 18.26 30.91
N LEU C 327 -5.88 19.52 30.63
CA LEU C 327 -4.49 19.94 30.41
C LEU C 327 -4.38 21.35 30.99
N VAL C 328 -3.93 21.44 32.24
CA VAL C 328 -3.85 22.69 32.97
C VAL C 328 -2.42 22.86 33.46
N LEU C 329 -1.78 23.94 33.06
CA LEU C 329 -0.45 24.27 33.53
C LEU C 329 -0.54 25.18 34.74
N ALA C 330 0.02 24.73 35.86
CA ALA C 330 0.12 25.58 37.04
C ALA C 330 1.10 26.70 36.76
N THR C 331 0.65 27.94 36.93
CA THR C 331 1.52 29.11 36.70
C THR C 331 1.84 29.75 38.07
N GLY C 332 0.89 29.70 39.00
CA GLY C 332 1.10 30.27 40.35
C GLY C 332 1.44 29.20 41.37
N LEU C 333 1.55 29.59 42.65
CA LEU C 333 1.92 28.65 43.74
C LEU C 333 0.71 27.78 44.12
N ARG C 334 0.82 26.97 45.17
CA ARG C 334 -0.33 26.14 45.63
C ARG C 334 -1.17 26.92 46.64
N ASN C 335 -2.48 26.66 46.71
CA ASN C 335 -3.39 27.45 47.59
C ASN C 335 -3.55 26.81 48.96
N SER C 336 -3.88 27.61 49.97
CA SER C 336 -4.13 27.11 51.31
C SER C 336 -5.51 26.46 51.38
N PRO C 337 -5.69 25.46 52.26
CA PRO C 337 -7.02 24.85 52.43
C PRO C 337 -7.99 25.77 53.18
N LEU C 346 9.34 19.50 47.54
CA LEU C 346 10.75 19.22 47.70
C LEU C 346 11.36 20.13 48.75
N PHE C 347 11.35 21.42 48.47
CA PHE C 347 11.82 22.42 49.41
C PHE C 347 10.78 22.62 50.50
N GLY C 348 11.23 23.09 51.65
CA GLY C 348 10.40 23.01 52.83
C GLY C 348 9.72 24.29 53.28
N ALA C 349 9.46 25.22 52.36
CA ALA C 349 8.91 26.52 52.71
C ALA C 349 7.40 26.60 52.48
N ILE C 350 6.94 26.39 51.24
CA ILE C 350 5.51 26.46 50.95
C ILE C 350 4.86 25.18 51.47
N ALA C 351 3.83 25.33 52.32
CA ALA C 351 3.23 24.24 53.10
C ALA C 351 4.29 23.50 53.90
N GLY C 352 5.24 24.25 54.44
CA GLY C 352 6.34 23.71 55.22
C GLY C 352 6.44 24.39 56.57
N PHE C 353 7.60 24.99 56.87
CA PHE C 353 7.71 25.75 58.11
C PHE C 353 6.87 27.02 58.03
N ILE C 354 6.70 27.57 56.83
CA ILE C 354 5.74 28.64 56.60
C ILE C 354 4.40 27.94 56.38
N GLU C 355 3.49 28.10 57.33
CA GLU C 355 2.33 27.21 57.42
C GLU C 355 1.33 27.43 56.28
N GLY C 356 0.99 28.69 56.02
CA GLY C 356 -0.03 28.99 55.04
C GLY C 356 0.25 30.30 54.33
N GLY C 357 -0.52 30.54 53.28
CA GLY C 357 -0.40 31.77 52.53
C GLY C 357 -1.15 32.92 53.16
N TRP C 358 -0.89 34.11 52.62
CA TRP C 358 -1.49 35.35 53.08
C TRP C 358 -2.50 35.80 52.03
N GLN C 359 -3.77 35.87 52.43
CA GLN C 359 -4.81 36.25 51.48
C GLN C 359 -4.90 37.77 51.31
N GLY C 360 -4.26 38.53 52.20
CA GLY C 360 -4.35 39.98 52.12
C GLY C 360 -3.32 40.59 51.19
N MET C 361 -2.14 40.00 51.11
CA MET C 361 -1.06 40.58 50.32
C MET C 361 -1.23 40.13 48.88
N VAL C 362 -1.70 41.05 48.03
CA VAL C 362 -2.10 40.74 46.66
C VAL C 362 -1.22 41.42 45.63
N ASP C 363 -0.19 42.16 46.05
CA ASP C 363 0.64 42.89 45.11
C ASP C 363 1.53 41.93 44.31
N GLY C 364 2.05 40.88 44.95
CA GLY C 364 2.96 39.97 44.31
C GLY C 364 2.68 38.53 44.67
N TRP C 365 3.62 37.67 44.30
CA TRP C 365 3.51 36.24 44.62
C TRP C 365 4.23 35.92 45.93
N TYR C 366 5.31 36.64 46.24
CA TYR C 366 6.02 36.52 47.50
C TYR C 366 6.17 37.90 48.13
N GLY C 367 6.27 37.93 49.45
CA GLY C 367 6.39 39.22 50.10
C GLY C 367 6.62 39.10 51.59
N TYR C 368 6.61 40.27 52.23
CA TYR C 368 6.86 40.40 53.67
C TYR C 368 5.63 41.01 54.32
N HIS C 369 5.25 40.47 55.47
CA HIS C 369 4.29 41.14 56.35
C HIS C 369 5.06 41.68 57.55
N HIS C 370 5.15 43.00 57.64
CA HIS C 370 5.83 43.63 58.76
C HIS C 370 4.81 44.16 59.75
N SER C 371 5.19 44.17 61.02
CA SER C 371 4.34 44.72 62.07
C SER C 371 5.20 45.38 63.14
N ASN C 372 5.48 46.67 62.97
CA ASN C 372 6.20 47.45 63.96
C ASN C 372 5.23 48.36 64.72
N GLU C 373 5.77 49.26 65.53
CA GLU C 373 4.95 50.23 66.24
C GLU C 373 4.33 51.28 65.34
N GLN C 374 4.80 51.41 64.10
CA GLN C 374 4.29 52.40 63.16
C GLN C 374 3.24 51.83 62.20
N GLY C 375 2.90 50.55 62.32
CA GLY C 375 1.88 49.98 61.46
C GLY C 375 2.08 48.47 61.32
N SER C 376 1.12 47.86 60.63
CA SER C 376 1.13 46.42 60.41
C SER C 376 0.74 46.09 58.97
N GLY C 377 1.26 46.85 58.01
CA GLY C 377 0.91 46.69 56.62
C GLY C 377 1.69 45.58 55.94
N TYR C 378 1.13 45.09 54.84
CA TYR C 378 1.76 44.04 54.04
C TYR C 378 2.60 44.68 52.93
N ALA C 379 3.41 43.85 52.27
CA ALA C 379 4.25 44.30 51.18
C ALA C 379 4.59 43.09 50.31
N ALA C 380 5.05 43.36 49.09
CA ALA C 380 5.48 42.32 48.17
C ALA C 380 6.90 42.60 47.70
N ASP C 381 7.69 41.55 47.60
CA ASP C 381 9.08 41.66 47.16
C ASP C 381 9.12 41.69 45.64
N LYS C 382 9.51 42.82 45.08
CA LYS C 382 9.79 42.87 43.65
C LYS C 382 11.15 42.24 43.37
N GLU C 383 11.39 41.97 42.08
CA GLU C 383 12.49 41.23 41.44
C GLU C 383 12.65 39.81 41.97
N SER C 384 11.69 39.36 42.80
CA SER C 384 11.52 37.94 43.06
C SER C 384 10.24 37.45 42.42
N THR C 385 9.16 38.21 42.60
CA THR C 385 7.93 37.98 41.84
C THR C 385 8.16 38.18 40.36
N GLN C 386 8.92 39.22 39.99
CA GLN C 386 9.22 39.48 38.58
C GLN C 386 10.01 38.34 37.95
N LYS C 387 11.05 37.87 38.65
CA LYS C 387 11.82 36.73 38.17
C LYS C 387 10.98 35.47 38.09
N ALA C 388 10.09 35.26 39.08
CA ALA C 388 9.22 34.09 39.08
C ALA C 388 8.24 34.11 37.91
N ILE C 389 7.59 35.26 37.68
CA ILE C 389 6.62 35.34 36.58
C ILE C 389 7.31 35.24 35.24
N ASP C 390 8.51 35.82 35.11
CA ASP C 390 9.27 35.66 33.87
C ASP C 390 9.62 34.20 33.64
N GLY C 391 9.99 33.48 34.72
CA GLY C 391 10.29 32.07 34.59
C GLY C 391 9.10 31.22 34.18
N VAL C 392 7.93 31.46 34.78
CA VAL C 392 6.80 30.60 34.45
C VAL C 392 6.26 30.91 33.07
N THR C 393 6.24 32.19 32.67
CA THR C 393 5.81 32.50 31.30
C THR C 393 6.80 31.98 30.27
N ASN C 394 8.10 32.01 30.59
CA ASN C 394 9.08 31.40 29.70
C ASN C 394 8.89 29.90 29.59
N LYS C 395 8.61 29.23 30.72
CA LYS C 395 8.37 27.79 30.71
C LYS C 395 7.13 27.45 29.88
N VAL C 396 6.04 28.21 30.07
CA VAL C 396 4.81 27.98 29.31
C VAL C 396 5.05 28.23 27.82
N ASN C 397 5.77 29.29 27.47
CA ASN C 397 6.05 29.60 26.07
C ASN C 397 6.91 28.53 25.42
N SER C 398 7.89 27.97 26.15
CA SER C 398 8.67 26.87 25.61
C SER C 398 7.84 25.59 25.49
N ILE C 399 6.83 25.44 26.35
CA ILE C 399 5.90 24.32 26.18
C ILE C 399 5.10 24.48 24.89
N ILE C 400 4.64 25.70 24.59
CA ILE C 400 3.91 25.92 23.34
C ILE C 400 4.83 25.75 22.13
N ASP C 401 6.07 26.22 22.23
CA ASP C 401 6.97 26.24 21.08
C ASP C 401 7.42 24.84 20.67
N LYS C 402 7.66 23.97 21.66
CA LYS C 402 8.13 22.62 21.37
C LYS C 402 7.05 21.72 20.77
N MET C 403 5.78 22.13 20.82
CA MET C 403 4.68 21.30 20.37
C MET C 403 4.03 21.81 19.09
N ASN C 404 4.65 22.77 18.39
CA ASN C 404 4.13 23.20 17.11
C ASN C 404 4.25 22.10 16.06
N THR C 405 5.34 21.33 16.11
CA THR C 405 5.56 20.24 15.16
C THR C 405 5.09 18.92 15.77
N GLN C 406 3.77 18.81 15.94
CA GLN C 406 3.15 17.56 16.33
C GLN C 406 2.75 16.79 15.08
N PHE C 407 1.95 15.75 15.25
CA PHE C 407 1.41 14.99 14.14
C PHE C 407 0.01 15.48 13.82
N GLU C 408 -0.23 15.75 12.54
CA GLU C 408 -1.55 16.17 12.06
C GLU C 408 -2.15 15.02 11.26
N ALA C 409 -3.31 14.54 11.70
CA ALA C 409 -3.98 13.44 11.02
C ALA C 409 -4.62 13.93 9.73
N VAL C 410 -4.35 13.21 8.64
CA VAL C 410 -4.94 13.51 7.34
C VAL C 410 -5.82 12.33 6.93
N GLY C 411 -7.00 12.64 6.41
CA GLY C 411 -7.93 11.61 5.99
C GLY C 411 -7.55 10.94 4.69
N ARG C 412 -7.26 9.64 4.76
CA ARG C 412 -6.96 8.82 3.60
C ARG C 412 -7.99 7.70 3.50
N GLU C 413 -8.47 7.44 2.29
CA GLU C 413 -9.52 6.47 2.06
C GLU C 413 -8.97 5.25 1.34
N PHE C 414 -9.53 4.09 1.68
CA PHE C 414 -9.13 2.82 1.10
C PHE C 414 -10.37 1.97 0.85
N ASN C 415 -10.30 1.08 -0.14
CA ASN C 415 -11.44 0.25 -0.46
C ASN C 415 -11.40 -1.06 0.32
N ASN C 416 -12.32 -1.97 0.00
CA ASN C 416 -12.51 -3.18 0.79
C ASN C 416 -11.41 -4.21 0.59
N LEU C 417 -10.65 -4.14 -0.51
CA LEU C 417 -9.50 -5.00 -0.72
C LEU C 417 -8.20 -4.29 -0.37
N GLU C 418 -8.27 -3.22 0.42
CA GLU C 418 -7.13 -2.47 0.92
C GLU C 418 -7.20 -2.36 2.43
N ARG C 419 -7.67 -3.43 3.08
CA ARG C 419 -7.94 -3.40 4.51
C ARG C 419 -6.68 -3.49 5.37
N ARG C 420 -5.63 -4.18 4.90
CA ARG C 420 -4.35 -4.18 5.61
C ARG C 420 -3.70 -2.81 5.63
N ILE C 421 -3.69 -2.13 4.50
CA ILE C 421 -3.15 -0.77 4.43
C ILE C 421 -4.03 0.23 5.16
N GLU C 422 -5.35 0.03 5.16
CA GLU C 422 -6.25 0.82 6.00
C GLU C 422 -5.95 0.64 7.48
N ASN C 423 -5.71 -0.60 7.91
CA ASN C 423 -5.31 -0.86 9.28
C ASN C 423 -3.95 -0.23 9.60
N LEU C 424 -3.03 -0.28 8.64
CA LEU C 424 -1.73 0.35 8.81
C LEU C 424 -1.85 1.85 9.01
N ASN C 425 -2.69 2.50 8.20
CA ASN C 425 -2.94 3.93 8.33
C ASN C 425 -3.60 4.26 9.66
N LYS C 426 -4.61 3.48 10.06
CA LYS C 426 -5.28 3.70 11.34
C LYS C 426 -4.32 3.54 12.52
N LYS C 427 -3.50 2.50 12.52
CA LYS C 427 -2.51 2.29 13.56
C LYS C 427 -1.43 3.36 13.57
N MET C 428 -0.96 3.82 12.42
CA MET C 428 0.02 4.90 12.37
C MET C 428 -0.53 6.21 12.94
N GLU C 429 -1.71 6.63 12.49
CA GLU C 429 -2.29 7.88 12.97
C GLU C 429 -2.64 7.79 14.45
N ASP C 430 -3.22 6.67 14.89
CA ASP C 430 -3.55 6.51 16.30
C ASP C 430 -2.32 6.39 17.18
N GLY C 431 -1.25 5.73 16.71
CA GLY C 431 -0.02 5.67 17.47
C GLY C 431 0.65 7.01 17.62
N PHE C 432 0.67 7.82 16.57
CA PHE C 432 1.20 9.17 16.69
C PHE C 432 0.37 10.06 17.59
N LEU C 433 -0.97 9.95 17.52
CA LEU C 433 -1.82 10.68 18.44
C LEU C 433 -1.60 10.25 19.89
N ASP C 434 -1.45 8.94 20.14
CA ASP C 434 -1.13 8.45 21.47
C ASP C 434 0.22 8.94 21.97
N VAL C 435 1.22 8.97 21.09
CA VAL C 435 2.55 9.46 21.44
C VAL C 435 2.51 10.93 21.84
N TRP C 436 1.82 11.75 21.06
CA TRP C 436 1.76 13.17 21.40
C TRP C 436 0.84 13.46 22.58
N THR C 437 -0.20 12.65 22.79
CA THR C 437 -1.02 12.78 23.99
C THR C 437 -0.20 12.46 25.24
N TYR C 438 0.59 11.38 25.19
CA TYR C 438 1.49 11.04 26.29
C TYR C 438 2.51 12.14 26.52
N ASN C 439 3.07 12.70 25.44
CA ASN C 439 4.04 13.77 25.55
C ASN C 439 3.44 14.99 26.26
N ALA C 440 2.26 15.43 25.82
CA ALA C 440 1.62 16.60 26.40
C ALA C 440 1.24 16.37 27.86
N GLU C 441 0.58 15.25 28.17
CA GLU C 441 0.12 15.00 29.53
C GLU C 441 1.29 14.81 30.49
N LEU C 442 2.28 14.03 30.11
CA LEU C 442 3.45 13.82 30.96
C LEU C 442 4.26 15.10 31.14
N LEU C 443 4.43 15.90 30.08
CA LEU C 443 5.13 17.17 30.22
C LEU C 443 4.38 18.12 31.15
N VAL C 444 3.04 18.11 31.08
CA VAL C 444 2.25 18.92 32.01
C VAL C 444 2.49 18.49 33.45
N LEU C 445 2.54 17.16 33.68
CA LEU C 445 2.78 16.66 35.04
C LEU C 445 4.15 17.08 35.57
N MET C 446 5.22 16.85 34.80
CA MET C 446 6.55 17.23 35.27
C MET C 446 6.66 18.73 35.46
N GLU C 447 6.22 19.52 34.49
CA GLU C 447 6.35 20.97 34.63
C GLU C 447 5.46 21.51 35.74
N ASN C 448 4.38 20.82 36.10
CA ASN C 448 3.60 21.25 37.25
C ASN C 448 4.34 21.02 38.57
N GLU C 449 4.97 19.85 38.73
CA GLU C 449 5.85 19.68 39.89
C GLU C 449 7.02 20.66 39.90
N ARG C 450 7.62 20.94 38.74
CA ARG C 450 8.73 21.87 38.67
C ARG C 450 8.29 23.28 39.01
N THR C 451 7.10 23.69 38.57
CA THR C 451 6.59 25.02 38.92
C THR C 451 6.33 25.14 40.41
N LEU C 452 5.69 24.12 41.01
CA LEU C 452 5.44 24.16 42.45
C LEU C 452 6.72 24.15 43.27
N ASP C 453 7.71 23.33 42.89
CA ASP C 453 9.00 23.35 43.56
C ASP C 453 9.77 24.64 43.29
N PHE C 454 9.53 25.28 42.14
CA PHE C 454 10.17 26.56 41.85
C PHE C 454 9.63 27.65 42.76
N HIS C 455 8.31 27.68 42.96
CA HIS C 455 7.73 28.64 43.88
C HIS C 455 8.20 28.38 45.31
N ASP C 456 8.29 27.09 45.68
CA ASP C 456 8.80 26.71 47.00
C ASP C 456 10.24 27.15 47.20
N SER C 457 11.08 26.96 46.19
CA SER C 457 12.48 27.34 46.29
C SER C 457 12.63 28.86 46.28
N ASN C 458 11.75 29.56 45.57
CA ASN C 458 11.75 31.02 45.60
C ASN C 458 11.43 31.55 47.00
N VAL C 459 10.41 30.99 47.65
CA VAL C 459 10.10 31.36 49.03
C VAL C 459 11.23 31.02 49.99
N LYS C 460 11.83 29.84 49.88
CA LYS C 460 12.96 29.48 50.73
C LYS C 460 14.20 30.33 50.48
N ASN C 461 14.46 30.73 49.24
CA ASN C 461 15.59 31.59 48.94
C ASN C 461 15.37 33.02 49.42
N LEU C 462 14.13 33.51 49.42
CA LEU C 462 13.85 34.77 50.09
C LEU C 462 14.04 34.69 51.59
N TYR C 463 13.57 33.61 52.21
CA TYR C 463 13.75 33.40 53.64
C TYR C 463 15.23 33.32 54.01
N ASP C 464 16.01 32.59 53.22
CA ASP C 464 17.44 32.46 53.50
C ASP C 464 18.18 33.75 53.24
N LYS C 465 17.74 34.55 52.26
CA LYS C 465 18.33 35.87 52.03
C LYS C 465 18.14 36.78 53.23
N VAL C 466 16.91 36.81 53.78
CA VAL C 466 16.65 37.66 54.94
C VAL C 466 17.40 37.14 56.17
N ARG C 467 17.44 35.83 56.39
CA ARG C 467 18.23 35.29 57.53
C ARG C 467 19.69 35.70 57.38
N LEU C 468 20.27 35.52 56.19
CA LEU C 468 21.72 35.80 56.00
C LEU C 468 22.04 37.26 56.38
N GLN C 469 21.26 38.23 55.91
CA GLN C 469 21.57 39.66 56.17
C GLN C 469 21.29 40.03 57.63
N LEU C 470 20.22 39.48 58.24
CA LEU C 470 19.85 39.87 59.62
C LEU C 470 20.86 39.33 60.64
N ARG C 471 21.51 38.20 60.34
CA ARG C 471 22.58 37.64 61.23
C ARG C 471 21.98 37.35 62.61
N ASP C 472 22.56 37.92 63.67
CA ASP C 472 22.11 37.64 65.06
C ASP C 472 21.24 38.79 65.58
N ASN C 473 20.98 39.80 64.74
CA ASN C 473 20.15 40.97 65.15
C ASN C 473 18.69 40.54 65.31
N ALA C 474 18.30 39.42 64.71
CA ALA C 474 16.88 38.98 64.76
C ALA C 474 16.75 37.66 65.53
N LYS C 475 15.71 36.87 65.21
CA LYS C 475 15.44 35.60 65.91
C LYS C 475 14.44 34.80 65.09
N GLU C 476 14.85 33.66 64.55
CA GLU C 476 13.90 32.79 63.81
C GLU C 476 12.84 32.27 64.77
N LEU C 477 11.57 32.47 64.45
CA LEU C 477 10.41 32.04 65.22
C LEU C 477 9.90 30.68 64.78
N GLY C 478 10.43 30.13 63.69
CA GLY C 478 10.07 28.82 63.19
C GLY C 478 9.01 28.85 62.10
N ASN C 479 8.06 29.79 62.21
CA ASN C 479 6.98 29.90 61.25
C ASN C 479 7.35 30.75 60.04
N GLY C 480 8.47 31.45 60.08
CA GLY C 480 8.90 32.25 58.95
C GLY C 480 9.13 33.70 59.31
N CYS C 481 8.93 34.05 60.57
CA CYS C 481 9.07 35.42 61.01
C CYS C 481 10.44 35.67 61.63
N PHE C 482 10.83 36.95 61.68
CA PHE C 482 12.12 37.36 62.23
C PHE C 482 11.86 38.45 63.27
N GLU C 483 11.75 38.05 64.53
CA GLU C 483 11.56 39.00 65.61
C GLU C 483 12.86 39.73 65.91
N PHE C 484 12.87 41.04 65.71
CA PHE C 484 14.05 41.86 65.93
C PHE C 484 14.36 41.98 67.41
N TYR C 485 15.65 42.10 67.72
CA TYR C 485 16.11 42.32 69.10
C TYR C 485 16.40 43.79 69.37
N HIS C 486 15.71 44.69 68.66
CA HIS C 486 15.93 46.12 68.83
C HIS C 486 14.69 46.90 68.42
N LYS C 487 14.78 48.23 68.45
CA LYS C 487 13.71 49.10 67.99
C LYS C 487 13.85 49.28 66.49
N CYS C 488 13.03 48.55 65.74
CA CYS C 488 13.08 48.57 64.28
C CYS C 488 11.81 49.24 63.75
N ASP C 489 12.01 50.31 63.00
CA ASP C 489 10.96 51.12 62.40
C ASP C 489 10.90 50.83 60.91
N ASN C 490 10.15 51.67 60.19
CA ASN C 490 10.03 51.54 58.73
C ASN C 490 11.37 51.57 58.02
N GLU C 491 12.35 52.29 58.58
CA GLU C 491 13.62 52.52 57.89
C GLU C 491 14.42 51.24 57.72
N CYS C 492 14.49 50.40 58.77
CA CYS C 492 15.10 49.08 58.59
C CYS C 492 14.20 48.17 57.77
N MET C 493 12.88 48.39 57.84
CA MET C 493 11.93 47.56 57.11
C MET C 493 12.12 47.64 55.60
N GLU C 494 12.32 48.85 55.04
CA GLU C 494 12.57 48.88 53.60
C GLU C 494 13.98 48.40 53.26
N SER C 495 14.89 48.43 54.24
CA SER C 495 16.27 48.03 53.95
C SER C 495 16.40 46.52 53.85
N VAL C 496 15.70 45.75 54.69
CA VAL C 496 15.76 44.30 54.55
C VAL C 496 14.88 43.81 53.41
N ARG C 497 13.92 44.62 52.97
CA ARG C 497 13.17 44.32 51.76
C ARG C 497 13.97 44.59 50.49
N ASN C 498 15.13 45.25 50.62
CA ASN C 498 15.96 45.62 49.47
C ASN C 498 17.18 44.72 49.37
N GLY C 499 17.96 44.60 50.44
CA GLY C 499 19.22 43.90 50.42
C GLY C 499 20.35 44.79 50.90
N THR C 500 19.98 45.99 51.37
CA THR C 500 20.95 46.99 51.81
C THR C 500 20.98 47.13 53.34
N TYR C 501 20.62 46.06 54.06
CA TYR C 501 20.61 46.12 55.51
C TYR C 501 22.03 46.22 56.07
N ASP C 502 22.19 46.99 57.13
CA ASP C 502 23.50 47.24 57.75
C ASP C 502 23.44 46.76 59.21
N TYR C 503 24.04 45.60 59.46
CA TYR C 503 24.10 45.07 60.82
C TYR C 503 24.89 45.94 61.81
N PRO C 504 26.08 46.54 61.45
CA PRO C 504 26.76 47.41 62.43
C PRO C 504 25.97 48.63 62.89
N GLN C 505 24.94 49.03 62.14
CA GLN C 505 24.07 50.12 62.55
C GLN C 505 23.30 49.80 63.83
N TYR C 506 22.78 48.57 63.96
CA TYR C 506 22.02 48.19 65.14
C TYR C 506 22.77 47.22 66.06
N SER C 507 24.02 46.87 65.73
CA SER C 507 24.80 45.94 66.53
C SER C 507 25.13 46.48 67.92
N GLU C 508 25.06 47.79 68.13
CA GLU C 508 25.26 48.39 69.43
C GLU C 508 24.18 47.94 70.41
N GLU C 509 22.92 48.00 69.99
CA GLU C 509 21.82 47.65 70.88
C GLU C 509 21.48 46.16 70.78
N ALA C 510 21.96 45.49 69.72
CA ALA C 510 21.70 44.07 69.47
C ALA C 510 22.02 43.16 70.65
N ARG C 511 23.28 43.15 71.08
CA ARG C 511 23.67 42.30 72.21
C ARG C 511 23.17 42.87 73.53
N LEU C 512 23.15 44.19 73.67
CA LEU C 512 22.79 44.82 74.94
C LEU C 512 21.32 44.64 75.28
N LYS C 513 20.47 44.36 74.30
CA LYS C 513 19.06 44.09 74.55
C LYS C 513 18.80 42.63 74.94
N ARG C 514 19.70 41.71 74.58
CA ARG C 514 19.52 40.28 74.82
C ARG C 514 19.65 40.00 76.31
N GLU C 515 18.51 39.82 76.98
CA GLU C 515 18.40 39.52 78.42
C GLU C 515 19.14 40.54 79.29
N VAL D 2 13.99 -39.92 -23.71
CA VAL D 2 13.08 -40.49 -24.67
C VAL D 2 13.76 -41.64 -25.41
N GLN D 3 12.98 -42.41 -26.17
CA GLN D 3 13.51 -43.56 -26.90
C GLN D 3 12.85 -43.58 -28.27
N LEU D 4 13.64 -43.32 -29.31
CA LEU D 4 13.12 -43.21 -30.66
C LEU D 4 13.24 -44.54 -31.39
N VAL D 5 12.16 -44.94 -32.05
CA VAL D 5 12.09 -46.15 -32.86
C VAL D 5 11.64 -45.75 -34.26
N GLN D 6 12.36 -46.24 -35.27
CA GLN D 6 12.04 -45.93 -36.65
C GLN D 6 11.51 -47.16 -37.37
N SER D 7 11.08 -46.94 -38.61
CA SER D 7 10.60 -48.04 -39.44
C SER D 7 11.77 -48.88 -39.93
N GLY D 8 11.43 -49.99 -40.59
CA GLY D 8 12.43 -50.92 -41.08
C GLY D 8 13.14 -50.42 -42.32
N ALA D 9 14.11 -51.21 -42.76
CA ALA D 9 14.88 -50.88 -43.96
C ALA D 9 14.02 -50.99 -45.20
N GLU D 10 14.33 -50.16 -46.19
CA GLU D 10 13.56 -50.09 -47.41
C GLU D 10 14.49 -50.22 -48.62
N VAL D 11 14.07 -51.03 -49.59
CA VAL D 11 14.76 -51.19 -50.86
C VAL D 11 13.82 -50.73 -51.96
N LYS D 12 14.25 -49.72 -52.72
CA LYS D 12 13.39 -49.10 -53.71
C LYS D 12 14.19 -48.84 -54.99
N LYS D 13 13.45 -48.64 -56.08
CA LYS D 13 13.98 -48.29 -57.39
C LYS D 13 13.85 -46.80 -57.62
N PRO D 14 14.71 -46.20 -58.47
CA PRO D 14 14.60 -44.76 -58.75
C PRO D 14 13.27 -44.35 -59.35
N GLY D 15 12.74 -43.21 -58.89
CA GLY D 15 11.45 -42.71 -59.33
C GLY D 15 10.30 -43.04 -58.40
N GLU D 16 10.55 -43.75 -57.30
CA GLU D 16 9.49 -44.10 -56.37
C GLU D 16 9.45 -43.11 -55.20
N SER D 17 8.33 -43.11 -54.49
CA SER D 17 8.11 -42.25 -53.33
C SER D 17 8.24 -43.08 -52.06
N LEU D 18 8.91 -42.53 -51.06
CA LEU D 18 9.19 -43.24 -49.82
C LEU D 18 8.85 -42.39 -48.62
N ARG D 19 8.38 -43.04 -47.55
CA ARG D 19 8.05 -42.39 -46.29
C ARG D 19 8.60 -43.23 -45.15
N ILE D 20 9.65 -42.74 -44.50
CA ILE D 20 10.09 -43.37 -43.25
C ILE D 20 9.53 -42.59 -42.06
N SER D 21 9.47 -43.26 -40.92
CA SER D 21 8.81 -42.72 -39.75
C SER D 21 9.73 -42.79 -38.53
N CYS D 22 9.39 -41.96 -37.54
CA CYS D 22 10.06 -41.97 -36.26
C CYS D 22 9.03 -41.66 -35.18
N LYS D 23 9.03 -42.47 -34.12
CA LYS D 23 8.10 -42.26 -33.02
C LYS D 23 8.82 -42.63 -31.72
N GLY D 24 8.16 -42.31 -30.60
CA GLY D 24 8.76 -42.59 -29.31
C GLY D 24 8.81 -41.35 -28.44
N PHE D 25 8.47 -40.21 -29.03
CA PHE D 25 8.34 -38.96 -28.30
C PHE D 25 6.87 -38.75 -27.96
N ALA D 26 6.61 -38.29 -26.74
CA ALA D 26 5.26 -37.96 -26.35
C ALA D 26 4.95 -36.53 -26.75
N TYR D 27 3.84 -35.99 -26.25
CA TYR D 27 3.63 -34.56 -26.27
C TYR D 27 4.46 -33.98 -25.13
N SER D 28 5.78 -33.92 -25.33
CA SER D 28 6.67 -33.33 -24.30
C SER D 28 6.33 -31.84 -24.13
N SER D 29 6.00 -31.43 -22.91
CA SER D 29 5.63 -30.01 -22.63
C SER D 29 6.81 -29.09 -22.98
N THR D 30 8.04 -29.48 -22.59
CA THR D 30 9.24 -28.69 -22.92
C THR D 30 9.44 -28.65 -24.44
N TYR D 31 9.78 -27.47 -24.98
CA TYR D 31 9.97 -27.32 -26.45
C TYR D 31 11.05 -28.29 -26.94
N PHE D 32 10.83 -28.94 -28.09
CA PHE D 32 11.81 -29.95 -28.57
C PHE D 32 11.82 -30.07 -30.10
N TRP D 33 12.95 -30.51 -30.66
CA TRP D 33 13.10 -30.71 -32.09
C TRP D 33 13.28 -32.21 -32.35
N ILE D 34 12.75 -32.68 -33.47
CA ILE D 34 13.10 -33.98 -34.04
C ILE D 34 13.78 -33.73 -35.38
N SER D 35 15.00 -34.21 -35.53
CA SER D 35 15.81 -33.96 -36.71
C SER D 35 16.04 -35.25 -37.49
N TRP D 36 16.26 -35.09 -38.79
CA TRP D 36 16.63 -36.19 -39.67
C TRP D 36 18.09 -36.04 -40.07
N VAL D 37 18.84 -37.14 -39.99
CA VAL D 37 20.26 -37.15 -40.26
C VAL D 37 20.53 -38.24 -41.29
N ARG D 38 21.22 -37.88 -42.36
CA ARG D 38 21.63 -38.81 -43.41
C ARG D 38 23.11 -39.12 -43.28
N GLN D 39 23.46 -40.41 -43.27
CA GLN D 39 24.85 -40.84 -43.21
C GLN D 39 25.11 -41.80 -44.36
N MET D 40 25.92 -41.36 -45.31
CA MET D 40 26.33 -42.21 -46.42
C MET D 40 27.31 -43.27 -45.90
N PRO D 41 27.34 -44.46 -46.55
CA PRO D 41 28.30 -45.50 -46.13
C PRO D 41 29.75 -45.06 -46.28
N GLY D 42 30.46 -44.96 -45.15
CA GLY D 42 31.85 -44.59 -45.16
C GLY D 42 32.10 -43.12 -44.88
N LYS D 43 31.11 -42.27 -45.19
CA LYS D 43 31.25 -40.84 -45.00
C LYS D 43 30.73 -40.43 -43.62
N GLY D 44 30.77 -39.12 -43.37
CA GLY D 44 30.29 -38.58 -42.12
C GLY D 44 28.79 -38.37 -42.11
N LEU D 45 28.31 -37.50 -41.22
CA LEU D 45 26.88 -37.28 -41.04
C LEU D 45 26.50 -35.94 -41.62
N GLU D 46 25.27 -35.86 -42.12
CA GLU D 46 24.71 -34.65 -42.72
C GLU D 46 23.34 -34.39 -42.13
N TRP D 47 23.11 -33.18 -41.64
CA TRP D 47 21.83 -32.81 -41.08
C TRP D 47 20.88 -32.35 -42.19
N MET D 48 19.74 -33.01 -42.31
CA MET D 48 18.76 -32.69 -43.34
C MET D 48 17.73 -31.67 -42.90
N GLY D 49 17.20 -31.76 -41.69
CA GLY D 49 16.19 -30.82 -41.26
C GLY D 49 15.65 -31.19 -39.91
N ARG D 50 14.84 -30.27 -39.37
CA ARG D 50 14.27 -30.43 -38.04
C ARG D 50 12.81 -30.01 -38.08
N ILE D 51 12.01 -30.64 -37.22
CA ILE D 51 10.59 -30.31 -37.10
C ILE D 51 10.22 -30.27 -35.63
N ASP D 52 9.36 -29.33 -35.26
CA ASP D 52 8.74 -29.33 -33.96
C ASP D 52 7.40 -30.03 -34.10
N PRO D 53 7.18 -31.18 -33.46
CA PRO D 53 5.92 -31.91 -33.64
C PRO D 53 4.69 -31.20 -33.10
N THR D 54 4.88 -30.24 -32.19
CA THR D 54 3.74 -29.60 -31.54
C THR D 54 3.03 -28.62 -32.48
N ASP D 55 3.79 -27.83 -33.24
CA ASP D 55 3.21 -26.83 -34.13
C ASP D 55 3.54 -27.03 -35.60
N SER D 56 4.20 -28.15 -35.95
CA SER D 56 4.58 -28.49 -37.33
C SER D 56 5.42 -27.40 -37.99
N TYR D 57 6.36 -26.84 -37.24
CA TYR D 57 7.32 -25.87 -37.77
C TYR D 57 8.57 -26.63 -38.20
N ILE D 58 8.99 -26.42 -39.44
CA ILE D 58 10.08 -27.16 -40.05
C ILE D 58 11.18 -26.20 -40.46
N ASN D 59 12.43 -26.56 -40.17
CA ASN D 59 13.60 -25.87 -40.70
C ASN D 59 14.37 -26.86 -41.56
N TYR D 60 14.55 -26.53 -42.83
CA TYR D 60 15.25 -27.38 -43.79
C TYR D 60 16.67 -26.92 -43.99
N SER D 61 17.56 -27.89 -44.18
CA SER D 61 18.90 -27.57 -44.65
C SER D 61 18.82 -27.06 -46.09
N PRO D 62 19.71 -26.14 -46.48
CA PRO D 62 19.76 -25.73 -47.89
C PRO D 62 20.09 -26.85 -48.86
N SER D 63 20.82 -27.89 -48.40
CA SER D 63 21.11 -29.03 -49.25
C SER D 63 19.93 -29.97 -49.42
N PHE D 64 18.93 -29.89 -48.53
CA PHE D 64 17.81 -30.81 -48.53
C PHE D 64 16.45 -30.12 -48.59
N GLN D 65 16.40 -28.84 -48.98
CA GLN D 65 15.16 -28.07 -48.86
C GLN D 65 14.10 -28.55 -49.85
N GLY D 66 14.48 -28.71 -51.11
CA GLY D 66 13.55 -29.11 -52.15
C GLY D 66 13.51 -30.59 -52.46
N HIS D 67 14.32 -31.41 -51.79
CA HIS D 67 14.42 -32.82 -52.10
C HIS D 67 13.61 -33.71 -51.17
N VAL D 68 13.57 -33.39 -49.87
CA VAL D 68 12.86 -34.20 -48.90
C VAL D 68 11.75 -33.34 -48.28
N THR D 69 10.78 -34.02 -47.68
CA THR D 69 9.68 -33.36 -46.99
C THR D 69 9.54 -33.95 -45.61
N ILE D 70 9.58 -33.10 -44.59
CA ILE D 70 9.44 -33.54 -43.20
C ILE D 70 8.06 -33.13 -42.71
N SER D 71 7.31 -34.10 -42.19
CA SER D 71 5.96 -33.86 -41.71
C SER D 71 5.78 -34.53 -40.36
N VAL D 72 4.63 -34.28 -39.73
CA VAL D 72 4.30 -34.89 -38.45
C VAL D 72 2.82 -35.19 -38.41
N ASP D 73 2.48 -36.33 -37.81
CA ASP D 73 1.10 -36.70 -37.50
C ASP D 73 0.94 -36.55 -35.99
N ARG D 74 0.29 -35.46 -35.58
CA ARG D 74 0.19 -35.13 -34.16
C ARG D 74 -0.74 -36.07 -33.40
N SER D 75 -1.59 -36.82 -34.09
CA SER D 75 -2.51 -37.76 -33.44
C SER D 75 -1.78 -39.01 -32.94
N ILE D 76 -0.85 -39.53 -33.73
CA ILE D 76 -0.14 -40.76 -33.38
C ILE D 76 1.29 -40.48 -32.94
N SER D 77 1.70 -39.21 -32.90
CA SER D 77 3.02 -38.76 -32.45
C SER D 77 4.15 -39.41 -33.26
N THR D 78 4.17 -39.10 -34.56
CA THR D 78 5.10 -39.72 -35.48
C THR D 78 5.55 -38.71 -36.52
N VAL D 79 6.87 -38.59 -36.69
CA VAL D 79 7.48 -37.68 -37.64
C VAL D 79 7.90 -38.47 -38.88
N TYR D 80 7.52 -37.97 -40.05
CA TYR D 80 7.74 -38.65 -41.32
C TYR D 80 8.75 -37.88 -42.17
N LEU D 81 9.59 -38.66 -42.87
CA LEU D 81 10.48 -38.15 -43.90
C LEU D 81 10.07 -38.73 -45.24
N GLN D 82 9.93 -37.87 -46.25
CA GLN D 82 9.31 -38.20 -47.52
C GLN D 82 10.21 -37.85 -48.68
N TRP D 83 10.35 -38.79 -49.62
CA TRP D 83 10.85 -38.52 -50.96
C TRP D 83 9.77 -38.77 -51.99
N SER D 84 9.73 -37.92 -53.01
CA SER D 84 8.81 -38.08 -54.13
C SER D 84 9.42 -38.92 -55.25
N SER D 85 10.66 -38.60 -55.63
CA SER D 85 11.36 -39.33 -56.68
C SER D 85 12.74 -39.70 -56.15
N LEU D 86 12.91 -40.96 -55.75
CA LEU D 86 14.16 -41.43 -55.19
C LEU D 86 15.25 -41.54 -56.25
N LYS D 87 16.50 -41.44 -55.82
CA LYS D 87 17.65 -41.58 -56.72
C LYS D 87 18.65 -42.54 -56.08
N ALA D 88 19.69 -42.89 -56.84
CA ALA D 88 20.72 -43.79 -56.35
C ALA D 88 21.57 -43.12 -55.27
N SER D 89 21.60 -41.79 -55.27
CA SER D 89 22.40 -41.06 -54.29
C SER D 89 21.70 -40.99 -52.93
N ASP D 90 20.44 -41.45 -52.86
CA ASP D 90 19.69 -41.42 -51.63
C ASP D 90 19.92 -42.67 -50.79
N THR D 91 20.77 -43.58 -51.28
CA THR D 91 21.07 -44.80 -50.55
C THR D 91 22.03 -44.48 -49.41
N ALA D 92 21.49 -44.40 -48.19
CA ALA D 92 22.27 -44.06 -47.00
C ALA D 92 21.46 -44.49 -45.78
N MET D 93 22.11 -44.45 -44.62
CA MET D 93 21.43 -44.71 -43.36
C MET D 93 20.75 -43.42 -42.89
N TYR D 94 19.57 -43.55 -42.30
CA TYR D 94 18.78 -42.40 -41.90
C TYR D 94 18.43 -42.53 -40.42
N TYR D 95 18.79 -41.51 -39.65
CA TYR D 95 18.52 -41.47 -38.22
C TYR D 95 17.56 -40.33 -37.90
N CYS D 96 16.73 -40.54 -36.90
CA CYS D 96 15.99 -39.46 -36.28
C CYS D 96 16.57 -39.17 -34.91
N ALA D 97 16.80 -37.89 -34.63
CA ALA D 97 17.48 -37.48 -33.42
C ALA D 97 16.60 -36.51 -32.65
N TYR D 98 16.53 -36.73 -31.34
CA TYR D 98 15.80 -35.85 -30.44
C TYR D 98 16.75 -34.82 -29.87
N HIS D 99 16.36 -33.55 -29.91
CA HIS D 99 17.06 -32.54 -29.12
C HIS D 99 16.06 -31.51 -28.67
N ARG D 100 16.54 -30.50 -27.95
CA ARG D 100 15.65 -29.51 -27.37
C ARG D 100 15.61 -28.24 -28.19
N ARG D 101 14.47 -27.55 -28.16
CA ARG D 101 14.21 -26.39 -28.98
C ARG D 101 14.45 -25.12 -28.18
N GLY D 102 15.44 -24.33 -28.58
CA GLY D 102 15.65 -23.00 -28.07
C GLY D 102 16.07 -22.91 -26.62
N HIS D 103 16.56 -23.99 -26.02
CA HIS D 103 16.94 -23.95 -24.63
C HIS D 103 18.39 -23.49 -24.47
N PHE D 104 18.63 -22.69 -23.44
CA PHE D 104 19.94 -22.15 -23.15
C PHE D 104 20.24 -22.37 -21.67
N TYR D 105 21.51 -22.24 -21.31
CA TYR D 105 21.95 -22.37 -19.93
C TYR D 105 23.30 -21.68 -19.80
N GLY D 106 23.64 -21.34 -18.56
CA GLY D 106 24.95 -20.75 -18.30
C GLY D 106 25.09 -19.38 -18.93
N SER D 107 26.26 -19.12 -19.51
CA SER D 107 26.52 -17.85 -20.18
C SER D 107 26.29 -18.00 -21.69
N GLY D 108 25.04 -18.25 -22.04
CA GLY D 108 24.66 -18.32 -23.44
C GLY D 108 24.96 -19.63 -24.13
N SER D 109 25.23 -20.69 -23.38
CA SER D 109 25.44 -22.00 -23.97
C SER D 109 24.12 -22.56 -24.47
N ALA D 110 24.10 -23.00 -25.73
CA ALA D 110 22.92 -23.59 -26.32
C ALA D 110 22.83 -25.07 -25.95
N TRP D 111 21.67 -25.48 -25.45
CA TRP D 111 21.40 -26.88 -25.18
C TRP D 111 20.50 -27.42 -26.30
N ASP D 112 21.13 -27.67 -27.44
CA ASP D 112 20.49 -28.38 -28.56
C ASP D 112 21.45 -29.36 -29.22
N TRP D 113 22.22 -30.11 -28.43
CA TRP D 113 22.94 -31.26 -28.97
C TRP D 113 21.99 -32.45 -29.09
N PHE D 114 22.32 -33.36 -30.00
CA PHE D 114 21.51 -34.56 -30.22
C PHE D 114 21.65 -35.49 -29.02
N GLU D 115 20.56 -35.58 -28.27
CA GLU D 115 20.55 -36.27 -26.96
C GLU D 115 20.06 -37.69 -27.09
N SER D 116 19.27 -37.97 -28.11
CA SER D 116 18.66 -39.31 -28.29
C SER D 116 18.50 -39.57 -29.77
N TRP D 117 19.00 -40.71 -30.23
CA TRP D 117 18.92 -41.08 -31.65
C TRP D 117 18.04 -42.30 -31.81
N GLY D 118 17.43 -42.48 -32.96
CA GLY D 118 16.71 -43.72 -33.23
C GLY D 118 17.59 -44.62 -34.06
N GLN D 119 17.60 -45.91 -33.82
CA GLN D 119 18.35 -46.89 -34.61
C GLN D 119 17.91 -46.87 -36.07
N VAL E 2 0.05 17.41 -45.22
CA VAL E 2 -0.01 16.47 -46.32
C VAL E 2 -0.14 17.22 -47.64
N GLN E 3 0.02 16.50 -48.75
CA GLN E 3 -0.06 17.11 -50.08
C GLN E 3 -0.84 16.15 -50.97
N LEU E 4 -2.04 16.55 -51.38
CA LEU E 4 -2.91 15.70 -52.17
C LEU E 4 -2.74 15.97 -53.65
N VAL E 5 -2.60 14.90 -54.43
CA VAL E 5 -2.49 14.94 -55.89
C VAL E 5 -3.59 14.07 -56.47
N GLN E 6 -4.33 14.61 -57.44
CA GLN E 6 -5.42 13.88 -58.07
C GLN E 6 -5.05 13.53 -59.52
N SER E 7 -5.94 12.75 -60.14
CA SER E 7 -5.76 12.38 -61.54
C SER E 7 -6.06 13.56 -62.45
N GLY E 8 -5.80 13.37 -63.74
CA GLY E 8 -5.99 14.42 -64.71
C GLY E 8 -7.45 14.64 -65.06
N ALA E 9 -7.68 15.63 -65.90
CA ALA E 9 -9.02 15.97 -66.35
C ALA E 9 -9.57 14.88 -67.27
N GLU E 10 -10.88 14.69 -67.21
CA GLU E 10 -11.56 13.65 -67.96
C GLU E 10 -12.70 14.24 -68.76
N VAL E 11 -12.81 13.82 -70.02
CA VAL E 11 -13.92 14.18 -70.90
C VAL E 11 -14.65 12.91 -71.28
N LYS E 12 -15.93 12.85 -70.94
CA LYS E 12 -16.72 11.64 -71.12
C LYS E 12 -18.09 11.98 -71.68
N LYS E 13 -18.75 10.97 -72.24
CA LYS E 13 -20.10 11.04 -72.75
C LYS E 13 -21.08 10.46 -71.74
N PRO E 14 -22.36 10.89 -71.76
CA PRO E 14 -23.34 10.35 -70.81
C PRO E 14 -23.53 8.84 -70.93
N GLY E 15 -23.66 8.17 -69.78
CA GLY E 15 -23.79 6.73 -69.73
C GLY E 15 -22.51 5.98 -69.46
N GLU E 16 -21.39 6.67 -69.32
CA GLU E 16 -20.11 6.02 -69.06
C GLU E 16 -19.80 6.01 -67.56
N SER E 17 -18.87 5.15 -67.18
CA SER E 17 -18.42 5.02 -65.80
C SER E 17 -17.05 5.69 -65.65
N LEU E 18 -16.86 6.42 -64.55
CA LEU E 18 -15.65 7.18 -64.33
C LEU E 18 -15.12 6.94 -62.93
N ARG E 19 -13.79 6.94 -62.80
CA ARG E 19 -13.11 6.78 -61.52
C ARG E 19 -11.98 7.81 -61.43
N ILE E 20 -12.15 8.82 -60.59
CA ILE E 20 -11.05 9.72 -60.29
C ILE E 20 -10.40 9.30 -58.97
N SER E 21 -9.15 9.71 -58.78
CA SER E 21 -8.35 9.23 -57.66
C SER E 21 -7.75 10.42 -56.92
N CYS E 22 -7.36 10.15 -55.67
CA CYS E 22 -6.65 11.11 -54.84
C CYS E 22 -5.65 10.34 -53.99
N LYS E 23 -4.41 10.81 -53.95
CA LYS E 23 -3.38 10.18 -53.14
C LYS E 23 -2.47 11.26 -52.58
N GLY E 24 -1.59 10.86 -51.68
CA GLY E 24 -0.68 11.81 -51.06
C GLY E 24 -0.77 11.75 -49.55
N PHE E 25 -1.72 11.00 -49.04
CA PHE E 25 -1.85 10.72 -47.62
C PHE E 25 -1.18 9.39 -47.32
N ALA E 26 -0.45 9.34 -46.21
CA ALA E 26 0.14 8.09 -45.77
C ALA E 26 -0.86 7.33 -44.92
N TYR E 27 -0.39 6.28 -44.25
CA TYR E 27 -1.14 5.71 -43.15
C TYR E 27 -0.93 6.62 -41.95
N SER E 28 -1.59 7.77 -41.96
CA SER E 28 -1.48 8.72 -40.81
C SER E 28 -2.08 8.07 -39.56
N SER E 29 -1.28 7.95 -38.49
CA SER E 29 -1.76 7.31 -37.23
C SER E 29 -2.96 8.07 -36.68
N THR E 30 -2.89 9.41 -36.68
CA THR E 30 -4.02 10.26 -36.20
C THR E 30 -5.24 10.03 -37.10
N TYR E 31 -6.44 9.90 -36.52
CA TYR E 31 -7.67 9.67 -37.31
C TYR E 31 -7.88 10.81 -38.30
N PHE E 32 -8.29 10.48 -39.54
CA PHE E 32 -8.41 11.54 -40.58
C PHE E 32 -9.48 11.18 -41.62
N TRP E 33 -10.06 12.21 -42.26
CA TRP E 33 -11.04 12.04 -43.31
C TRP E 33 -10.47 12.54 -44.63
N ILE E 34 -10.83 11.88 -45.72
CA ILE E 34 -10.64 12.41 -47.06
C ILE E 34 -12.02 12.63 -47.67
N SER E 35 -12.30 13.86 -48.08
CA SER E 35 -13.61 14.24 -48.59
C SER E 35 -13.54 14.59 -50.07
N TRP E 36 -14.66 14.44 -50.74
CA TRP E 36 -14.83 14.84 -52.12
C TRP E 36 -15.73 16.05 -52.19
N VAL E 37 -15.32 17.06 -52.95
CA VAL E 37 -16.04 18.32 -53.07
C VAL E 37 -16.27 18.60 -54.55
N ARG E 38 -17.51 18.88 -54.90
CA ARG E 38 -17.91 19.23 -56.26
C ARG E 38 -18.17 20.72 -56.34
N GLN E 39 -17.56 21.38 -57.33
CA GLN E 39 -17.78 22.80 -57.56
C GLN E 39 -18.18 23.01 -59.01
N MET E 40 -19.42 23.41 -59.23
CA MET E 40 -19.90 23.74 -60.56
C MET E 40 -19.27 25.05 -61.02
N PRO E 41 -19.08 25.23 -62.34
CA PRO E 41 -18.54 26.50 -62.84
C PRO E 41 -19.42 27.70 -62.53
N GLY E 42 -18.90 28.61 -61.71
CA GLY E 42 -19.62 29.82 -61.35
C GLY E 42 -20.33 29.73 -60.02
N LYS E 43 -20.69 28.52 -59.60
CA LYS E 43 -21.41 28.32 -58.36
C LYS E 43 -20.44 28.07 -57.21
N GLY E 44 -21.00 27.84 -56.03
CA GLY E 44 -20.21 27.57 -54.85
C GLY E 44 -19.79 26.11 -54.74
N LEU E 45 -19.44 25.67 -53.54
CA LEU E 45 -18.92 24.33 -53.32
C LEU E 45 -19.98 23.46 -52.67
N GLU E 46 -19.94 22.16 -52.97
CA GLU E 46 -20.88 21.19 -52.44
C GLU E 46 -20.08 19.99 -51.92
N TRP E 47 -20.33 19.59 -50.69
CA TRP E 47 -19.66 18.44 -50.12
C TRP E 47 -20.40 17.16 -50.49
N MET E 48 -19.70 16.23 -51.13
CA MET E 48 -20.29 14.98 -51.58
C MET E 48 -20.19 13.85 -50.56
N GLY E 49 -19.04 13.70 -49.91
CA GLY E 49 -18.90 12.62 -48.95
C GLY E 49 -17.48 12.56 -48.43
N ARG E 50 -17.32 11.70 -47.41
CA ARG E 50 -16.04 11.55 -46.73
C ARG E 50 -15.77 10.07 -46.50
N ILE E 51 -14.49 9.71 -46.50
CA ILE E 51 -14.08 8.33 -46.24
C ILE E 51 -12.87 8.35 -45.31
N ASP E 52 -12.84 7.39 -44.39
CA ASP E 52 -11.64 7.15 -43.60
C ASP E 52 -10.87 6.05 -44.32
N PRO E 53 -9.66 6.31 -44.81
CA PRO E 53 -8.92 5.28 -45.56
C PRO E 53 -8.48 4.09 -44.73
N THR E 54 -8.43 4.24 -43.41
CA THR E 54 -7.91 3.17 -42.56
C THR E 54 -8.90 2.02 -42.41
N ASP E 55 -10.18 2.34 -42.23
CA ASP E 55 -11.19 1.30 -42.04
C ASP E 55 -12.29 1.29 -43.09
N SER E 56 -12.15 2.10 -44.14
CA SER E 56 -13.12 2.20 -45.25
C SER E 56 -14.52 2.53 -44.77
N TYR E 57 -14.63 3.45 -43.82
CA TYR E 57 -15.91 3.95 -43.36
C TYR E 57 -16.26 5.20 -44.15
N ILE E 58 -17.45 5.23 -44.75
CA ILE E 58 -17.87 6.28 -45.65
C ILE E 58 -19.12 6.95 -45.10
N ASN E 59 -19.14 8.27 -45.13
CA ASN E 59 -20.35 9.05 -44.87
C ASN E 59 -20.70 9.81 -46.14
N TYR E 60 -21.90 9.58 -46.66
CA TYR E 60 -22.37 10.19 -47.89
C TYR E 60 -23.30 11.36 -47.59
N SER E 61 -23.21 12.39 -48.41
CA SER E 61 -24.23 13.43 -48.39
C SER E 61 -25.56 12.87 -48.90
N PRO E 62 -26.68 13.35 -48.38
CA PRO E 62 -27.98 12.93 -48.93
C PRO E 62 -28.17 13.30 -50.40
N SER E 63 -27.52 14.35 -50.88
CA SER E 63 -27.60 14.71 -52.29
C SER E 63 -26.76 13.80 -53.19
N PHE E 64 -25.79 13.08 -52.61
CA PHE E 64 -24.86 12.28 -53.39
C PHE E 64 -24.81 10.82 -52.96
N GLN E 65 -25.80 10.34 -52.20
CA GLN E 65 -25.70 9.01 -51.59
C GLN E 65 -25.78 7.90 -52.64
N GLY E 66 -26.76 7.98 -53.52
CA GLY E 66 -26.96 6.95 -54.53
C GLY E 66 -26.34 7.22 -55.88
N HIS E 67 -25.68 8.36 -56.06
CA HIS E 67 -25.13 8.75 -57.36
C HIS E 67 -23.65 8.46 -57.51
N VAL E 68 -22.86 8.67 -56.45
CA VAL E 68 -21.42 8.46 -56.51
C VAL E 68 -21.05 7.37 -55.51
N THR E 69 -19.87 6.79 -55.72
CA THR E 69 -19.34 5.76 -54.83
C THR E 69 -17.93 6.15 -54.43
N ILE E 70 -17.67 6.21 -53.13
CA ILE E 70 -16.35 6.55 -52.62
C ILE E 70 -15.72 5.28 -52.06
N SER E 71 -14.51 4.97 -52.53
CA SER E 71 -13.81 3.78 -52.11
C SER E 71 -12.36 4.12 -51.81
N VAL E 72 -11.63 3.15 -51.26
CA VAL E 72 -10.21 3.33 -50.96
C VAL E 72 -9.48 2.03 -51.25
N ASP E 73 -8.25 2.17 -51.78
CA ASP E 73 -7.32 1.06 -51.94
C ASP E 73 -6.23 1.26 -50.89
N ARG E 74 -6.30 0.47 -49.82
CA ARG E 74 -5.41 0.65 -48.69
C ARG E 74 -3.98 0.23 -48.99
N SER E 75 -3.76 -0.55 -50.05
CA SER E 75 -2.41 -0.98 -50.42
C SER E 75 -1.60 0.14 -51.04
N ILE E 76 -2.22 0.94 -51.90
CA ILE E 76 -1.53 2.02 -52.60
C ILE E 76 -1.87 3.39 -52.04
N SER E 77 -2.71 3.44 -51.01
CA SER E 77 -3.11 4.67 -50.31
C SER E 77 -3.74 5.68 -51.27
N THR E 78 -4.89 5.29 -51.83
CA THR E 78 -5.56 6.10 -52.85
C THR E 78 -7.06 5.98 -52.68
N VAL E 79 -7.73 7.13 -52.63
CA VAL E 79 -9.18 7.23 -52.48
C VAL E 79 -9.79 7.51 -53.85
N TYR E 80 -10.81 6.72 -54.21
CA TYR E 80 -11.45 6.79 -55.52
C TYR E 80 -12.87 7.32 -55.40
N LEU E 81 -13.25 8.11 -56.39
CA LEU E 81 -14.63 8.55 -56.60
C LEU E 81 -15.14 7.97 -57.91
N GLN E 82 -16.33 7.37 -57.86
CA GLN E 82 -16.84 6.56 -58.96
C GLN E 82 -18.23 7.01 -59.36
N TRP E 83 -18.45 7.14 -60.67
CA TRP E 83 -19.77 7.20 -61.27
C TRP E 83 -19.99 5.99 -62.15
N SER E 84 -21.23 5.48 -62.13
CA SER E 84 -21.62 4.38 -63.00
C SER E 84 -22.20 4.88 -64.32
N SER E 85 -23.10 5.85 -64.26
CA SER E 85 -23.73 6.43 -65.44
C SER E 85 -23.62 7.96 -65.32
N LEU E 86 -22.67 8.53 -66.06
CA LEU E 86 -22.44 9.97 -66.01
C LEU E 86 -23.56 10.74 -66.70
N LYS E 87 -23.75 11.99 -66.31
CA LYS E 87 -24.76 12.87 -66.91
C LYS E 87 -24.09 14.21 -67.22
N ALA E 88 -24.83 15.07 -67.91
CA ALA E 88 -24.33 16.41 -68.25
C ALA E 88 -24.22 17.29 -67.02
N SER E 89 -24.99 16.97 -65.97
CA SER E 89 -24.97 17.77 -64.75
C SER E 89 -23.74 17.45 -63.90
N ASP E 90 -22.98 16.42 -64.27
CA ASP E 90 -21.81 16.02 -63.50
C ASP E 90 -20.57 16.78 -63.96
N THR E 91 -20.71 17.68 -64.92
CA THR E 91 -19.59 18.46 -65.42
C THR E 91 -19.27 19.56 -64.41
N ALA E 92 -18.22 19.34 -63.62
CA ALA E 92 -17.82 20.28 -62.57
C ALA E 92 -16.38 19.95 -62.18
N MET E 93 -15.78 20.84 -61.40
CA MET E 93 -14.45 20.60 -60.84
C MET E 93 -14.60 19.74 -59.58
N TYR E 94 -13.66 18.83 -59.38
CA TYR E 94 -13.73 17.89 -58.26
C TYR E 94 -12.44 17.98 -57.46
N TYR E 95 -12.57 18.25 -56.16
CA TYR E 95 -11.44 18.35 -55.25
C TYR E 95 -11.51 17.24 -54.22
N CYS E 96 -10.34 16.77 -53.79
CA CYS E 96 -10.23 15.95 -52.61
C CYS E 96 -9.59 16.78 -51.49
N ALA E 97 -10.19 16.71 -50.31
CA ALA E 97 -9.77 17.55 -49.20
C ALA E 97 -9.43 16.69 -48.00
N TYR E 98 -8.32 17.01 -47.36
CA TYR E 98 -7.90 16.32 -46.15
C TYR E 98 -8.40 17.08 -44.94
N HIS E 99 -9.01 16.38 -44.00
CA HIS E 99 -9.26 16.97 -42.69
C HIS E 99 -9.14 15.87 -41.65
N ARG E 100 -9.35 16.24 -40.39
CA ARG E 100 -9.16 15.30 -39.30
C ARG E 100 -10.49 14.73 -38.82
N ARG E 101 -10.42 13.49 -38.32
CA ARG E 101 -11.61 12.73 -37.94
C ARG E 101 -11.82 12.83 -36.44
N GLY E 102 -12.93 13.45 -36.03
CA GLY E 102 -13.37 13.42 -34.65
C GLY E 102 -12.50 14.16 -33.67
N HIS E 103 -11.63 15.05 -34.11
CA HIS E 103 -10.76 15.74 -33.18
C HIS E 103 -11.42 17.02 -32.66
N PHE E 104 -11.20 17.29 -31.38
CA PHE E 104 -11.77 18.45 -30.71
C PHE E 104 -10.66 19.15 -29.95
N TYR E 105 -10.93 20.40 -29.56
CA TYR E 105 -9.99 21.20 -28.78
C TYR E 105 -10.76 22.31 -28.10
N GLY E 106 -10.18 22.85 -27.04
CA GLY E 106 -10.79 23.98 -26.35
C GLY E 106 -12.08 23.59 -25.67
N SER E 107 -13.07 24.46 -25.77
CA SER E 107 -14.40 24.20 -25.19
C SER E 107 -15.34 23.64 -26.25
N GLY E 108 -15.01 22.46 -26.74
CA GLY E 108 -15.86 21.76 -27.68
C GLY E 108 -15.74 22.21 -29.11
N SER E 109 -14.68 22.92 -29.45
CA SER E 109 -14.44 23.32 -30.84
C SER E 109 -14.03 22.10 -31.65
N ALA E 110 -14.69 21.90 -32.78
CA ALA E 110 -14.37 20.79 -33.67
C ALA E 110 -13.23 21.19 -34.59
N TRP E 111 -12.22 20.34 -34.67
CA TRP E 111 -11.10 20.52 -35.60
C TRP E 111 -11.31 19.55 -36.77
N ASP E 112 -12.24 19.90 -37.64
CA ASP E 112 -12.42 19.22 -38.92
C ASP E 112 -12.71 20.19 -40.05
N TRP E 113 -11.98 21.30 -40.10
CA TRP E 113 -11.99 22.13 -41.30
C TRP E 113 -11.06 21.54 -42.35
N PHE E 114 -11.34 21.86 -43.62
CA PHE E 114 -10.53 21.36 -44.73
C PHE E 114 -9.16 22.03 -44.70
N GLU E 115 -8.15 21.23 -44.36
CA GLU E 115 -6.80 21.75 -44.07
C GLU E 115 -5.90 21.62 -45.29
N SER E 116 -6.21 20.69 -46.20
CA SER E 116 -5.37 20.43 -47.36
C SER E 116 -6.25 19.98 -48.51
N TRP E 117 -6.14 20.62 -49.66
CA TRP E 117 -6.95 20.28 -50.83
C TRP E 117 -6.05 19.75 -51.94
N GLY E 118 -6.58 18.93 -52.82
CA GLY E 118 -5.81 18.52 -53.99
C GLY E 118 -6.24 19.36 -55.17
N GLN E 119 -5.33 19.77 -56.03
CA GLN E 119 -5.63 20.52 -57.24
C GLN E 119 -6.57 19.74 -58.17
N VAL F 2 -43.36 -16.03 -14.60
CA VAL F 2 -43.62 -16.13 -16.03
C VAL F 2 -44.98 -16.78 -16.27
N GLN F 3 -45.45 -16.73 -17.51
CA GLN F 3 -46.74 -17.30 -17.87
C GLN F 3 -46.58 -18.00 -19.21
N LEU F 4 -46.68 -19.32 -19.21
CA LEU F 4 -46.46 -20.12 -20.40
C LEU F 4 -47.78 -20.40 -21.12
N VAL F 5 -47.79 -20.20 -22.43
CA VAL F 5 -48.93 -20.48 -23.29
C VAL F 5 -48.47 -21.42 -24.39
N GLN F 6 -49.23 -22.49 -24.61
CA GLN F 6 -48.89 -23.48 -25.63
C GLN F 6 -49.88 -23.42 -26.78
N SER F 7 -49.59 -24.19 -27.82
CA SER F 7 -50.47 -24.29 -28.96
C SER F 7 -51.71 -25.12 -28.62
N GLY F 8 -52.65 -25.15 -29.56
CA GLY F 8 -53.90 -25.85 -29.36
C GLY F 8 -53.74 -27.35 -29.48
N ALA F 9 -54.86 -28.04 -29.24
CA ALA F 9 -54.90 -29.49 -29.32
C ALA F 9 -54.76 -29.95 -30.77
N GLU F 10 -54.13 -31.11 -30.94
CA GLU F 10 -53.86 -31.66 -32.26
C GLU F 10 -54.37 -33.08 -32.35
N VAL F 11 -55.02 -33.40 -33.48
CA VAL F 11 -55.48 -34.74 -33.78
C VAL F 11 -54.78 -35.19 -35.05
N LYS F 12 -54.02 -36.28 -34.95
CA LYS F 12 -53.18 -36.75 -36.05
C LYS F 12 -53.30 -38.26 -36.19
N LYS F 13 -52.90 -38.75 -37.35
CA LYS F 13 -52.83 -40.15 -37.69
C LYS F 13 -51.40 -40.66 -37.55
N PRO F 14 -51.20 -41.96 -37.29
CA PRO F 14 -49.83 -42.50 -37.17
C PRO F 14 -48.99 -42.31 -38.43
N GLY F 15 -47.72 -41.97 -38.24
CA GLY F 15 -46.82 -41.71 -39.35
C GLY F 15 -46.65 -40.24 -39.70
N GLU F 16 -47.35 -39.34 -39.02
CA GLU F 16 -47.24 -37.92 -39.30
C GLU F 16 -46.24 -37.25 -38.36
N SER F 17 -45.81 -36.05 -38.75
CA SER F 17 -44.88 -35.25 -37.97
C SER F 17 -45.64 -34.12 -37.30
N LEU F 18 -45.31 -33.85 -36.03
CA LEU F 18 -46.02 -32.85 -35.24
C LEU F 18 -45.04 -31.94 -34.52
N ARG F 19 -45.42 -30.68 -34.38
CA ARG F 19 -44.62 -29.68 -33.68
C ARG F 19 -45.55 -28.87 -32.77
N ILE F 20 -45.44 -29.08 -31.46
CA ILE F 20 -46.13 -28.21 -30.52
C ILE F 20 -45.15 -27.16 -30.00
N SER F 21 -45.69 -26.05 -29.50
CA SER F 21 -44.89 -24.90 -29.13
C SER F 21 -45.22 -24.46 -27.71
N CYS F 22 -44.29 -23.71 -27.13
CA CYS F 22 -44.47 -23.08 -25.83
C CYS F 22 -43.77 -21.73 -25.85
N LYS F 23 -44.46 -20.69 -25.40
CA LYS F 23 -43.88 -19.36 -25.35
C LYS F 23 -44.41 -18.66 -24.11
N GLY F 24 -43.82 -17.50 -23.81
CA GLY F 24 -44.23 -16.75 -22.64
C GLY F 24 -43.06 -16.43 -21.75
N PHE F 25 -41.90 -16.99 -22.07
CA PHE F 25 -40.65 -16.67 -21.40
C PHE F 25 -39.91 -15.63 -22.22
N ALA F 26 -39.33 -14.65 -21.55
CA ALA F 26 -38.52 -13.66 -22.22
C ALA F 26 -37.09 -14.18 -22.32
N TYR F 27 -36.17 -13.30 -22.70
CA TYR F 27 -34.76 -13.57 -22.50
C TYR F 27 -34.46 -13.30 -21.03
N SER F 28 -34.88 -14.23 -20.16
CA SER F 28 -34.61 -14.07 -18.71
C SER F 28 -33.10 -14.15 -18.47
N SER F 29 -32.53 -13.10 -17.85
CA SER F 29 -31.06 -13.06 -17.59
C SER F 29 -30.66 -14.24 -16.70
N THR F 30 -31.44 -14.52 -15.66
CA THR F 30 -31.16 -15.67 -14.76
C THR F 30 -31.26 -16.98 -15.55
N TYR F 31 -30.32 -17.91 -15.34
CA TYR F 31 -30.32 -19.20 -16.07
C TYR F 31 -31.64 -19.94 -15.82
N PHE F 32 -32.21 -20.55 -16.87
CA PHE F 32 -33.54 -21.21 -16.70
C PHE F 32 -33.72 -22.38 -17.67
N TRP F 33 -34.58 -23.33 -17.29
CA TRP F 33 -34.89 -24.49 -18.13
C TRP F 33 -36.35 -24.41 -18.53
N ILE F 34 -36.66 -24.86 -19.74
CA ILE F 34 -38.02 -25.16 -20.17
C ILE F 34 -38.10 -26.66 -20.43
N SER F 35 -39.00 -27.34 -19.74
CA SER F 35 -39.12 -28.79 -19.83
C SER F 35 -40.44 -29.18 -20.46
N TRP F 36 -40.44 -30.38 -21.06
CA TRP F 36 -41.64 -30.98 -21.62
C TRP F 36 -42.05 -32.16 -20.75
N VAL F 37 -43.33 -32.23 -20.43
CA VAL F 37 -43.88 -33.26 -19.54
C VAL F 37 -45.05 -33.92 -20.27
N ARG F 38 -45.02 -35.24 -20.33
CA ARG F 38 -46.08 -36.05 -20.91
C ARG F 38 -46.90 -36.71 -19.81
N GLN F 39 -48.22 -36.55 -19.88
CA GLN F 39 -49.12 -37.18 -18.93
C GLN F 39 -50.16 -37.97 -19.69
N MET F 40 -50.10 -39.30 -19.57
CA MET F 40 -51.10 -40.17 -20.16
C MET F 40 -52.41 -40.04 -19.40
N PRO F 41 -53.56 -40.25 -20.07
CA PRO F 41 -54.85 -40.20 -19.36
C PRO F 41 -54.99 -41.25 -18.27
N GLY F 42 -55.08 -40.80 -17.03
CA GLY F 42 -55.24 -41.69 -15.90
C GLY F 42 -53.95 -41.99 -15.18
N LYS F 43 -52.83 -41.90 -15.88
CA LYS F 43 -51.53 -42.20 -15.29
C LYS F 43 -50.89 -40.94 -14.72
N GLY F 44 -49.68 -41.11 -14.19
CA GLY F 44 -48.94 -40.00 -13.64
C GLY F 44 -48.19 -39.20 -14.69
N LEU F 45 -47.17 -38.45 -14.27
CA LEU F 45 -46.44 -37.57 -15.16
C LEU F 45 -45.08 -38.16 -15.47
N GLU F 46 -44.58 -37.86 -16.67
CA GLU F 46 -43.29 -38.34 -17.14
C GLU F 46 -42.53 -37.17 -17.72
N TRP F 47 -41.29 -36.98 -17.28
CA TRP F 47 -40.46 -35.90 -17.79
C TRP F 47 -39.74 -36.37 -19.05
N MET F 48 -39.93 -35.63 -20.14
CA MET F 48 -39.34 -35.98 -21.43
C MET F 48 -37.99 -35.31 -21.67
N GLY F 49 -37.83 -34.05 -21.33
CA GLY F 49 -36.56 -33.39 -21.57
C GLY F 49 -36.64 -31.92 -21.22
N ARG F 50 -35.48 -31.28 -21.24
CA ARG F 50 -35.34 -29.88 -20.88
C ARG F 50 -34.43 -29.19 -21.88
N ILE F 51 -34.68 -27.90 -22.10
CA ILE F 51 -33.86 -27.10 -23.00
C ILE F 51 -33.61 -25.74 -22.34
N ASP F 52 -32.40 -25.22 -22.52
CA ASP F 52 -32.12 -23.84 -22.15
C ASP F 52 -32.30 -23.02 -23.42
N PRO F 53 -33.25 -22.09 -23.48
CA PRO F 53 -33.49 -21.33 -24.70
C PRO F 53 -32.36 -20.39 -25.11
N THR F 54 -31.48 -20.04 -24.17
CA THR F 54 -30.44 -19.06 -24.44
C THR F 54 -29.31 -19.65 -25.29
N ASP F 55 -28.89 -20.88 -25.00
CA ASP F 55 -27.79 -21.50 -25.73
C ASP F 55 -28.17 -22.79 -26.45
N SER F 56 -29.46 -23.15 -26.46
CA SER F 56 -29.99 -24.35 -27.12
C SER F 56 -29.31 -25.62 -26.63
N TYR F 57 -29.10 -25.71 -25.32
CA TYR F 57 -28.58 -26.92 -24.70
C TYR F 57 -29.75 -27.78 -24.23
N ILE F 58 -29.77 -29.04 -24.65
CA ILE F 58 -30.90 -29.93 -24.41
C ILE F 58 -30.41 -31.14 -23.61
N ASN F 59 -31.17 -31.51 -22.59
CA ASN F 59 -31.00 -32.77 -21.88
C ASN F 59 -32.23 -33.62 -22.09
N TYR F 60 -32.05 -34.81 -22.66
CA TYR F 60 -33.15 -35.72 -22.96
C TYR F 60 -33.25 -36.81 -21.91
N SER F 61 -34.47 -37.21 -21.62
CA SER F 61 -34.68 -38.41 -20.83
C SER F 61 -34.26 -39.63 -21.66
N PRO F 62 -33.74 -40.68 -21.01
CA PRO F 62 -33.45 -41.93 -21.75
C PRO F 62 -34.67 -42.57 -22.39
N SER F 63 -35.85 -42.35 -21.83
CA SER F 63 -37.08 -42.88 -22.44
C SER F 63 -37.53 -42.09 -23.65
N PHE F 64 -37.05 -40.85 -23.81
CA PHE F 64 -37.50 -39.99 -24.89
C PHE F 64 -36.36 -39.45 -25.75
N GLN F 65 -35.18 -40.05 -25.70
CA GLN F 65 -34.01 -39.45 -26.36
C GLN F 65 -34.12 -39.50 -27.88
N GLY F 66 -34.47 -40.66 -28.43
CA GLY F 66 -34.56 -40.84 -29.86
C GLY F 66 -35.93 -40.68 -30.46
N HIS F 67 -36.96 -40.40 -29.65
CA HIS F 67 -38.33 -40.33 -30.12
C HIS F 67 -38.81 -38.90 -30.38
N VAL F 68 -38.44 -37.96 -29.51
CA VAL F 68 -38.88 -36.58 -29.65
C VAL F 68 -37.65 -35.70 -29.85
N THR F 69 -37.90 -34.50 -30.38
CA THR F 69 -36.85 -33.51 -30.61
C THR F 69 -37.29 -32.19 -29.99
N ILE F 70 -36.46 -31.64 -29.11
CA ILE F 70 -36.74 -30.37 -28.47
C ILE F 70 -35.84 -29.30 -29.08
N SER F 71 -36.45 -28.22 -29.56
CA SER F 71 -35.70 -27.15 -30.20
C SER F 71 -36.20 -25.81 -29.66
N VAL F 72 -35.52 -24.74 -30.06
CA VAL F 72 -35.90 -23.40 -29.65
C VAL F 72 -35.65 -22.44 -30.82
N ASP F 73 -36.56 -21.47 -30.98
CA ASP F 73 -36.39 -20.36 -31.90
C ASP F 73 -36.11 -19.13 -31.04
N ARG F 74 -34.84 -18.72 -30.99
CA ARG F 74 -34.43 -17.64 -30.11
C ARG F 74 -34.93 -16.27 -30.55
N SER F 75 -35.36 -16.14 -31.80
CA SER F 75 -35.86 -14.87 -32.32
C SER F 75 -37.27 -14.56 -31.79
N ILE F 76 -38.14 -15.57 -31.72
CA ILE F 76 -39.51 -15.38 -31.29
C ILE F 76 -39.75 -15.92 -29.89
N SER F 77 -38.71 -16.45 -29.24
CA SER F 77 -38.75 -16.97 -27.86
C SER F 77 -39.80 -18.05 -27.70
N THR F 78 -39.59 -19.17 -28.41
CA THR F 78 -40.55 -20.26 -28.45
C THR F 78 -39.82 -21.59 -28.51
N VAL F 79 -40.20 -22.50 -27.61
CA VAL F 79 -39.61 -23.83 -27.51
C VAL F 79 -40.56 -24.82 -28.18
N TYR F 80 -40.02 -25.65 -29.06
CA TYR F 80 -40.80 -26.60 -29.85
C TYR F 80 -40.49 -28.03 -29.44
N LEU F 81 -41.54 -28.85 -29.44
CA LEU F 81 -41.45 -30.29 -29.30
C LEU F 81 -41.91 -30.96 -30.60
N GLN F 82 -41.10 -31.89 -31.10
CA GLN F 82 -41.26 -32.44 -32.44
C GLN F 82 -41.31 -33.96 -32.40
N TRP F 83 -42.28 -34.52 -33.13
CA TRP F 83 -42.29 -35.92 -33.50
C TRP F 83 -42.16 -36.05 -35.02
N SER F 84 -41.42 -37.05 -35.46
CA SER F 84 -41.29 -37.36 -36.88
C SER F 84 -42.33 -38.36 -37.34
N SER F 85 -42.52 -39.44 -36.59
CA SER F 85 -43.50 -40.47 -36.90
C SER F 85 -44.32 -40.74 -35.63
N LEU F 86 -45.53 -40.19 -35.60
CA LEU F 86 -46.40 -40.34 -34.44
C LEU F 86 -46.94 -41.76 -34.32
N LYS F 87 -47.29 -42.17 -33.10
CA LYS F 87 -47.87 -43.47 -32.85
C LYS F 87 -49.10 -43.29 -31.96
N ALA F 88 -49.84 -44.37 -31.75
CA ALA F 88 -51.03 -44.35 -30.90
C ALA F 88 -50.65 -44.16 -29.44
N SER F 89 -49.43 -44.52 -29.06
CA SER F 89 -48.99 -44.40 -27.68
C SER F 89 -48.61 -42.96 -27.35
N ASP F 90 -48.57 -42.08 -28.34
CA ASP F 90 -48.21 -40.69 -28.12
C ASP F 90 -49.42 -39.84 -27.75
N THR F 91 -50.60 -40.46 -27.65
CA THR F 91 -51.81 -39.74 -27.30
C THR F 91 -51.80 -39.48 -25.79
N ALA F 92 -51.47 -38.24 -25.42
CA ALA F 92 -51.38 -37.84 -24.02
C ALA F 92 -51.42 -36.32 -23.96
N MET F 93 -51.56 -35.79 -22.75
CA MET F 93 -51.49 -34.35 -22.53
C MET F 93 -50.03 -33.95 -22.41
N TYR F 94 -49.69 -32.78 -22.96
CA TYR F 94 -48.31 -32.32 -23.01
C TYR F 94 -48.23 -30.94 -22.38
N TYR F 95 -47.38 -30.80 -21.36
CA TYR F 95 -47.17 -29.54 -20.66
C TYR F 95 -45.75 -29.05 -20.89
N CYS F 96 -45.59 -27.73 -20.93
CA CYS F 96 -44.28 -27.12 -20.83
C CYS F 96 -44.16 -26.45 -19.46
N ALA F 97 -43.04 -26.70 -18.80
CA ALA F 97 -42.84 -26.24 -17.43
C ALA F 97 -41.59 -25.39 -17.35
N TYR F 98 -41.69 -24.27 -16.65
CA TYR F 98 -40.57 -23.39 -16.41
C TYR F 98 -39.93 -23.76 -15.08
N HIS F 99 -38.60 -23.89 -15.08
CA HIS F 99 -37.89 -23.94 -13.81
C HIS F 99 -36.53 -23.28 -14.01
N ARG F 100 -35.73 -23.26 -12.96
CA ARG F 100 -34.46 -22.56 -12.99
C ARG F 100 -33.30 -23.52 -13.20
N ARG F 101 -32.25 -23.01 -13.87
CA ARG F 101 -31.11 -23.83 -14.26
C ARG F 101 -29.97 -23.66 -13.27
N GLY F 102 -29.63 -24.75 -12.58
CA GLY F 102 -28.44 -24.80 -11.77
C GLY F 102 -28.43 -23.94 -10.54
N HIS F 103 -29.59 -23.47 -10.08
CA HIS F 103 -29.62 -22.61 -8.91
C HIS F 103 -29.71 -23.42 -7.64
N PHE F 104 -29.01 -22.96 -6.60
CA PHE F 104 -28.96 -23.62 -5.31
C PHE F 104 -29.20 -22.58 -4.23
N TYR F 105 -29.52 -23.05 -3.03
CA TYR F 105 -29.73 -22.18 -1.89
C TYR F 105 -29.57 -23.02 -0.62
N GLY F 106 -29.32 -22.34 0.49
CA GLY F 106 -29.23 -23.03 1.77
C GLY F 106 -28.03 -23.95 1.83
N SER F 107 -28.25 -25.14 2.40
CA SER F 107 -27.19 -26.16 2.50
C SER F 107 -27.32 -27.16 1.35
N GLY F 108 -27.13 -26.66 0.14
CA GLY F 108 -27.11 -27.52 -1.03
C GLY F 108 -28.47 -27.89 -1.57
N SER F 109 -29.52 -27.17 -1.18
CA SER F 109 -30.85 -27.41 -1.72
C SER F 109 -30.92 -26.92 -3.15
N ALA F 110 -31.39 -27.76 -4.05
CA ALA F 110 -31.53 -27.40 -5.45
C ALA F 110 -32.86 -26.68 -5.66
N TRP F 111 -32.79 -25.53 -6.32
CA TRP F 111 -33.99 -24.79 -6.70
C TRP F 111 -34.23 -25.01 -8.20
N ASP F 112 -34.74 -26.20 -8.52
CA ASP F 112 -35.23 -26.53 -9.86
C ASP F 112 -36.52 -27.33 -9.81
N TRP F 113 -37.45 -26.95 -8.94
CA TRP F 113 -38.80 -27.48 -9.04
C TRP F 113 -39.58 -26.72 -10.12
N PHE F 114 -40.59 -27.39 -10.67
CA PHE F 114 -41.43 -26.79 -11.71
C PHE F 114 -42.28 -25.69 -11.10
N GLU F 115 -41.94 -24.45 -11.47
CA GLU F 115 -42.51 -23.25 -10.82
C GLU F 115 -43.65 -22.69 -11.64
N SER F 116 -43.69 -22.98 -12.94
CA SER F 116 -44.71 -22.42 -13.83
C SER F 116 -44.98 -23.42 -14.94
N TRP F 117 -46.24 -23.76 -15.15
CA TRP F 117 -46.62 -24.73 -16.18
C TRP F 117 -47.45 -24.03 -17.26
N GLY F 118 -47.45 -24.54 -18.47
CA GLY F 118 -48.36 -24.01 -19.48
C GLY F 118 -49.56 -24.93 -19.58
N GLN F 119 -50.75 -24.41 -19.75
CA GLN F 119 -51.97 -25.21 -19.94
C GLN F 119 -51.88 -26.10 -21.16
N ILE G 2 29.29 -23.55 -41.58
CA ILE G 2 30.44 -23.85 -40.75
C ILE G 2 31.03 -25.20 -41.13
N VAL G 3 32.31 -25.23 -41.42
CA VAL G 3 32.99 -26.46 -41.85
C VAL G 3 33.88 -26.92 -40.70
N LEU G 4 33.65 -28.14 -40.24
CA LEU G 4 34.44 -28.74 -39.16
C LEU G 4 35.39 -29.78 -39.76
N THR G 5 36.68 -29.49 -39.69
CA THR G 5 37.72 -30.36 -40.23
C THR G 5 38.32 -31.14 -39.07
N GLN G 6 38.33 -32.46 -39.19
CA GLN G 6 38.84 -33.32 -38.12
C GLN G 6 40.22 -33.84 -38.47
N SER G 7 41.00 -34.09 -37.42
CA SER G 7 42.40 -34.48 -37.58
C SER G 7 42.82 -35.49 -36.52
N PRO G 8 43.45 -36.60 -36.90
CA PRO G 8 43.69 -37.06 -38.28
C PRO G 8 42.49 -37.83 -38.81
N LEU G 9 42.57 -38.48 -39.97
CA LEU G 9 41.45 -39.31 -40.40
C LEU G 9 41.56 -40.73 -39.87
N THR G 10 42.78 -41.24 -39.68
CA THR G 10 43.02 -42.53 -39.04
C THR G 10 44.14 -42.37 -38.03
N LEU G 11 44.04 -43.12 -36.93
CA LEU G 11 45.02 -43.00 -35.85
C LEU G 11 45.20 -44.39 -35.23
N SER G 12 46.40 -44.93 -35.36
CA SER G 12 46.73 -46.26 -34.82
C SER G 12 47.52 -46.08 -33.52
N VAL G 13 46.85 -46.30 -32.39
CA VAL G 13 47.46 -46.16 -31.08
C VAL G 13 47.30 -47.47 -30.33
N SER G 14 48.35 -47.90 -29.64
CA SER G 14 48.28 -49.13 -28.86
C SER G 14 47.32 -48.94 -27.68
N PRO G 15 46.63 -49.99 -27.24
CA PRO G 15 45.76 -49.86 -26.06
C PRO G 15 46.56 -49.56 -24.80
N GLY G 16 46.02 -48.68 -23.96
CA GLY G 16 46.68 -48.27 -22.74
C GLY G 16 47.34 -46.91 -22.87
N GLU G 17 47.60 -46.48 -24.10
CA GLU G 17 48.22 -45.18 -24.34
C GLU G 17 47.16 -44.08 -24.45
N ARG G 18 47.58 -42.90 -24.91
CA ARG G 18 46.70 -41.73 -24.97
C ARG G 18 46.49 -41.32 -26.41
N ALA G 19 45.24 -41.07 -26.78
CA ALA G 19 44.87 -40.66 -28.14
C ALA G 19 44.34 -39.23 -28.11
N THR G 20 44.68 -38.46 -29.15
CA THR G 20 44.34 -37.05 -29.25
C THR G 20 43.64 -36.80 -30.59
N LEU G 21 42.41 -36.30 -30.52
CA LEU G 21 41.61 -35.96 -31.69
C LEU G 21 41.42 -34.46 -31.75
N SER G 22 41.54 -33.88 -32.95
CA SER G 22 41.40 -32.44 -33.11
C SER G 22 40.26 -32.13 -34.06
N CYS G 23 39.57 -31.03 -33.79
CA CYS G 23 38.49 -30.56 -34.64
C CYS G 23 38.60 -29.04 -34.76
N ARG G 24 38.72 -28.54 -35.98
CA ARG G 24 38.90 -27.12 -36.23
C ARG G 24 37.71 -26.61 -37.03
N ALA G 25 37.12 -25.52 -36.57
CA ALA G 25 35.97 -24.91 -37.23
C ALA G 25 36.42 -23.87 -38.24
N SER G 26 35.50 -23.44 -39.09
CA SER G 26 35.80 -22.35 -40.01
C SER G 26 35.48 -21.00 -39.39
N GLN G 27 34.41 -20.94 -38.60
CA GLN G 27 33.98 -19.75 -37.90
C GLN G 27 34.02 -20.02 -36.39
N SER G 28 33.48 -19.09 -35.60
CA SER G 28 33.37 -19.27 -34.17
C SER G 28 32.06 -19.95 -33.84
N VAL G 29 32.14 -21.04 -33.07
CA VAL G 29 30.95 -21.72 -32.57
C VAL G 29 30.75 -21.54 -31.07
N SER G 30 31.69 -20.87 -30.38
CA SER G 30 31.54 -20.39 -29.01
C SER G 30 31.19 -21.51 -28.02
N SER G 31 31.98 -22.58 -28.09
CA SER G 31 31.96 -23.75 -27.21
C SER G 31 30.66 -24.55 -27.33
N ASN G 32 29.85 -24.33 -28.35
CA ASN G 32 28.66 -25.14 -28.60
C ASN G 32 29.03 -26.29 -29.56
N LEU G 33 29.85 -27.20 -29.04
CA LEU G 33 30.35 -28.31 -29.83
C LEU G 33 30.23 -29.59 -29.02
N ALA G 34 29.91 -30.69 -29.71
CA ALA G 34 29.71 -31.99 -29.11
C ALA G 34 30.61 -33.01 -29.78
N TRP G 35 31.00 -34.02 -29.00
CA TRP G 35 31.77 -35.16 -29.49
C TRP G 35 30.91 -36.41 -29.32
N TYR G 36 30.75 -37.16 -30.41
CA TYR G 36 30.03 -38.41 -30.46
C TYR G 36 30.95 -39.55 -30.87
N GLN G 37 30.60 -40.76 -30.43
CA GLN G 37 31.30 -41.98 -30.78
C GLN G 37 30.32 -42.93 -31.45
N GLN G 38 30.77 -43.61 -32.50
CA GLN G 38 29.94 -44.52 -33.28
C GLN G 38 30.68 -45.81 -33.56
N MET G 39 30.00 -46.92 -33.29
CA MET G 39 30.38 -48.28 -33.63
C MET G 39 29.76 -48.66 -34.97
N PRO G 40 30.33 -49.65 -35.69
CA PRO G 40 29.68 -50.15 -36.91
C PRO G 40 28.28 -50.69 -36.67
N GLY G 41 27.30 -50.15 -37.41
CA GLY G 41 25.93 -50.60 -37.32
C GLY G 41 25.10 -49.93 -36.25
N GLN G 42 25.70 -49.09 -35.40
CA GLN G 42 25.00 -48.43 -34.32
C GLN G 42 24.88 -46.94 -34.59
N ALA G 43 23.90 -46.32 -33.93
CA ALA G 43 23.72 -44.87 -33.97
C ALA G 43 24.82 -44.19 -33.18
N PRO G 44 25.18 -42.95 -33.50
CA PRO G 44 26.14 -42.22 -32.66
C PRO G 44 25.59 -41.97 -31.26
N ARG G 45 26.47 -42.03 -30.28
CA ARG G 45 26.12 -41.81 -28.89
C ARG G 45 26.93 -40.65 -28.34
N LEU G 46 26.29 -39.82 -27.53
CA LEU G 46 26.91 -38.61 -27.03
C LEU G 46 27.99 -38.93 -25.99
N LEU G 47 29.16 -38.31 -26.17
CA LEU G 47 30.22 -38.33 -25.18
C LEU G 47 30.42 -36.98 -24.52
N ILE G 48 30.62 -35.93 -25.32
CA ILE G 48 30.95 -34.62 -24.79
C ILE G 48 29.95 -33.62 -25.35
N TYR G 49 29.41 -32.76 -24.48
CA TYR G 49 28.66 -31.59 -24.91
C TYR G 49 29.28 -30.35 -24.27
N GLY G 50 29.10 -29.21 -24.94
CA GLY G 50 29.65 -27.96 -24.44
C GLY G 50 31.15 -27.88 -24.54
N ALA G 51 31.76 -28.79 -25.31
CA ALA G 51 33.18 -28.89 -25.63
C ALA G 51 34.05 -29.29 -24.43
N SER G 52 33.45 -29.42 -23.24
CA SER G 52 34.19 -29.84 -22.06
C SER G 52 33.44 -30.87 -21.22
N THR G 53 32.11 -30.78 -21.20
CA THR G 53 31.33 -31.54 -20.23
C THR G 53 31.04 -32.94 -20.74
N ARG G 54 31.34 -33.93 -19.92
CA ARG G 54 31.01 -35.31 -20.25
C ARG G 54 29.54 -35.59 -19.98
N ALA G 55 28.97 -36.52 -20.75
CA ALA G 55 27.61 -36.96 -20.52
C ALA G 55 27.56 -37.98 -19.38
N THR G 56 26.36 -38.40 -19.03
CA THR G 56 26.19 -39.38 -17.96
C THR G 56 26.66 -40.76 -18.43
N GLY G 57 27.50 -41.39 -17.62
CA GLY G 57 28.06 -42.68 -17.92
C GLY G 57 29.43 -42.63 -18.60
N ILE G 58 29.84 -41.47 -19.08
CA ILE G 58 31.13 -41.31 -19.74
C ILE G 58 32.22 -41.28 -18.67
N PRO G 59 33.25 -42.12 -18.78
CA PRO G 59 34.32 -42.13 -17.76
C PRO G 59 35.17 -40.87 -17.82
N ALA G 60 35.87 -40.62 -16.72
CA ALA G 60 36.68 -39.41 -16.57
C ALA G 60 37.92 -39.40 -17.47
N ARG G 61 38.27 -40.52 -18.08
CA ARG G 61 39.40 -40.57 -19.01
C ARG G 61 39.09 -39.89 -20.34
N LEU G 62 37.82 -39.62 -20.64
CA LEU G 62 37.45 -38.82 -21.80
C LEU G 62 37.50 -37.35 -21.41
N SER G 63 38.34 -36.58 -22.08
CA SER G 63 38.52 -35.17 -21.76
C SER G 63 38.25 -34.32 -22.98
N GLY G 64 37.39 -33.33 -22.83
CA GLY G 64 37.12 -32.35 -23.88
C GLY G 64 37.71 -31.01 -23.51
N SER G 65 38.45 -30.42 -24.44
CA SER G 65 39.06 -29.12 -24.22
C SER G 65 38.81 -28.22 -25.43
N ALA G 66 38.66 -26.92 -25.16
CA ALA G 66 38.42 -25.93 -26.18
C ALA G 66 39.42 -24.80 -26.08
N SER G 67 39.96 -24.39 -27.22
CA SER G 67 40.86 -23.24 -27.32
C SER G 67 40.40 -22.45 -28.54
N GLY G 68 39.52 -21.48 -28.31
CA GLY G 68 38.99 -20.65 -29.37
C GLY G 68 38.20 -21.43 -30.40
N THR G 69 38.80 -21.60 -31.59
CA THR G 69 38.21 -22.34 -32.70
C THR G 69 38.60 -23.82 -32.65
N GLU G 70 39.72 -24.16 -32.02
CA GLU G 70 40.23 -25.53 -31.99
C GLU G 70 39.61 -26.27 -30.82
N PHE G 71 39.25 -27.54 -31.04
CA PHE G 71 38.71 -28.41 -30.00
C PHE G 71 39.47 -29.71 -29.99
N THR G 72 39.67 -30.27 -28.80
CA THR G 72 40.49 -31.45 -28.63
C THR G 72 39.78 -32.46 -27.74
N LEU G 73 39.72 -33.71 -28.20
CA LEU G 73 39.23 -34.82 -27.41
C LEU G 73 40.41 -35.72 -27.07
N THR G 74 40.62 -35.96 -25.78
CA THR G 74 41.74 -36.76 -25.30
C THR G 74 41.18 -38.00 -24.63
N ILE G 75 41.60 -39.17 -25.11
CA ILE G 75 41.23 -40.45 -24.50
C ILE G 75 42.49 -41.05 -23.91
N SER G 76 42.60 -41.02 -22.58
CA SER G 76 43.72 -41.61 -21.87
C SER G 76 43.35 -43.01 -21.39
N SER G 77 44.37 -43.87 -21.31
CA SER G 77 44.22 -45.29 -20.92
C SER G 77 43.21 -46.00 -21.81
N LEU G 78 43.54 -46.11 -23.10
CA LEU G 78 42.66 -46.64 -24.12
C LEU G 78 42.24 -48.08 -23.86
N GLN G 79 40.94 -48.31 -23.72
CA GLN G 79 40.42 -49.66 -23.58
C GLN G 79 40.00 -50.19 -24.96
N SER G 80 39.53 -51.43 -25.00
CA SER G 80 39.14 -52.06 -26.26
C SER G 80 37.83 -51.52 -26.82
N GLU G 81 37.04 -50.79 -26.03
CA GLU G 81 35.79 -50.21 -26.48
C GLU G 81 35.94 -48.76 -26.93
N ASP G 82 37.17 -48.24 -26.97
CA ASP G 82 37.44 -46.90 -27.46
C ASP G 82 37.78 -46.84 -28.93
N PHE G 83 37.94 -48.00 -29.59
CA PHE G 83 38.38 -48.03 -30.99
C PHE G 83 37.14 -47.98 -31.87
N ALA G 84 36.74 -46.77 -32.24
CA ALA G 84 35.50 -46.54 -32.96
C ALA G 84 35.69 -45.31 -33.84
N VAL G 85 34.59 -44.73 -34.31
CA VAL G 85 34.63 -43.52 -35.14
C VAL G 85 34.14 -42.34 -34.29
N TYR G 86 34.89 -41.25 -34.30
CA TYR G 86 34.55 -40.08 -33.49
C TYR G 86 34.16 -38.93 -34.39
N TYR G 87 33.15 -38.17 -33.95
CA TYR G 87 32.59 -37.07 -34.72
C TYR G 87 32.47 -35.84 -33.84
N CYS G 88 32.82 -34.68 -34.39
CA CYS G 88 32.55 -33.40 -33.74
C CYS G 88 31.43 -32.68 -34.47
N GLN G 89 30.42 -32.26 -33.72
CA GLN G 89 29.26 -31.59 -34.28
C GLN G 89 29.04 -30.26 -33.57
N GLN G 90 28.88 -29.19 -34.36
CA GLN G 90 28.56 -27.89 -33.80
C GLN G 90 27.05 -27.68 -33.80
N TYR G 91 26.56 -27.01 -32.77
CA TYR G 91 25.15 -26.64 -32.67
C TYR G 91 25.00 -25.19 -32.28
N ASN G 92 26.01 -24.36 -32.59
CA ASN G 92 25.90 -22.93 -32.40
C ASN G 92 24.88 -22.32 -33.36
N ASN G 93 24.87 -22.79 -34.60
CA ASN G 93 23.97 -22.32 -35.63
C ASN G 93 23.30 -23.51 -36.29
N TRP G 94 22.23 -23.25 -37.04
CA TRP G 94 21.71 -24.25 -37.94
C TRP G 94 21.91 -23.75 -39.37
N PRO G 95 22.27 -24.62 -40.33
CA PRO G 95 22.34 -26.10 -40.27
C PRO G 95 23.47 -26.69 -39.44
N TYR G 96 23.14 -27.74 -38.67
CA TYR G 96 24.14 -28.44 -37.89
C TYR G 96 25.09 -29.19 -38.80
N THR G 97 26.39 -29.07 -38.52
CA THR G 97 27.41 -29.70 -39.34
C THR G 97 28.26 -30.60 -38.49
N PHE G 98 28.73 -31.69 -39.11
CA PHE G 98 29.58 -32.68 -38.47
C PHE G 98 30.97 -32.61 -39.08
N GLY G 99 31.90 -33.30 -38.43
CA GLY G 99 33.21 -33.54 -38.99
C GLY G 99 33.17 -34.77 -39.88
N GLN G 100 34.28 -34.99 -40.59
CA GLN G 100 34.39 -36.13 -41.49
C GLN G 100 34.71 -37.42 -40.77
N GLY G 101 34.99 -37.39 -39.48
CA GLY G 101 35.22 -38.59 -38.71
C GLY G 101 36.66 -38.88 -38.42
N THR G 102 36.92 -39.76 -37.45
CA THR G 102 38.27 -40.19 -37.13
C THR G 102 38.17 -41.62 -36.63
N LYS G 103 38.74 -42.57 -37.38
CA LYS G 103 38.73 -43.96 -36.97
C LYS G 103 39.94 -44.26 -36.11
N LEU G 104 39.69 -44.87 -34.94
CA LEU G 104 40.74 -45.22 -33.99
C LEU G 104 41.00 -46.72 -34.16
N GLU G 105 42.23 -47.06 -34.54
CA GLU G 105 42.59 -48.43 -34.88
C GLU G 105 43.53 -49.02 -33.83
N ILE G 106 43.33 -50.31 -33.54
CA ILE G 106 44.17 -51.00 -32.58
C ILE G 106 45.56 -51.22 -33.17
N LYS G 107 46.59 -50.89 -32.40
CA LYS G 107 47.96 -51.10 -32.82
C LYS G 107 48.52 -52.39 -32.22
N ILE H 2 -27.99 22.84 -42.83
CA ILE H 2 -27.61 24.20 -42.48
C ILE H 2 -27.34 25.00 -43.75
N VAL H 3 -28.01 26.14 -43.90
CA VAL H 3 -27.87 26.98 -45.08
C VAL H 3 -27.08 28.21 -44.69
N LEU H 4 -25.96 28.44 -45.37
CA LEU H 4 -25.12 29.60 -45.13
C LEU H 4 -25.31 30.60 -46.25
N THR H 5 -25.90 31.75 -45.93
CA THR H 5 -26.16 32.81 -46.89
C THR H 5 -25.08 33.87 -46.74
N GLN H 6 -24.42 34.19 -47.85
CA GLN H 6 -23.33 35.15 -47.83
C GLN H 6 -23.79 36.50 -48.38
N SER H 7 -23.16 37.56 -47.89
CA SER H 7 -23.57 38.92 -48.22
C SER H 7 -22.35 39.84 -48.32
N PRO H 8 -22.23 40.62 -49.41
CA PRO H 8 -23.08 40.62 -50.60
C PRO H 8 -22.60 39.57 -51.59
N LEU H 9 -23.12 39.51 -52.82
CA LEU H 9 -22.56 38.59 -53.80
C LEU H 9 -21.40 39.20 -54.57
N THR H 10 -21.41 40.51 -54.78
CA THR H 10 -20.30 41.23 -55.39
C THR H 10 -20.04 42.49 -54.58
N LEU H 11 -18.77 42.88 -54.49
CA LEU H 11 -18.38 44.02 -53.67
C LEU H 11 -17.21 44.71 -54.34
N SER H 12 -17.42 45.95 -54.80
CA SER H 12 -16.40 46.73 -55.48
C SER H 12 -15.83 47.75 -54.50
N VAL H 13 -14.62 47.48 -54.00
CA VAL H 13 -13.95 48.34 -53.04
C VAL H 13 -12.59 48.72 -53.61
N SER H 14 -12.21 49.98 -53.47
CA SER H 14 -10.91 50.43 -53.93
C SER H 14 -9.81 49.80 -53.09
N PRO H 15 -8.63 49.54 -53.68
CA PRO H 15 -7.52 49.00 -52.89
C PRO H 15 -7.05 49.98 -51.83
N GLY H 16 -6.73 49.46 -50.65
CA GLY H 16 -6.31 50.28 -49.54
C GLY H 16 -7.40 50.51 -48.52
N GLU H 17 -8.66 50.31 -48.93
CA GLU H 17 -9.80 50.49 -48.04
C GLU H 17 -10.12 49.20 -47.30
N ARG H 18 -11.28 49.15 -46.65
CA ARG H 18 -11.67 48.03 -45.81
C ARG H 18 -12.90 47.36 -46.41
N ALA H 19 -12.86 46.03 -46.49
CA ALA H 19 -13.96 45.23 -47.03
C ALA H 19 -14.56 44.38 -45.94
N THR H 20 -15.88 44.23 -45.98
CA THR H 20 -16.64 43.51 -44.95
C THR H 20 -17.51 42.46 -45.61
N LEU H 21 -17.31 41.20 -45.24
CA LEU H 21 -18.07 40.07 -45.75
C LEU H 21 -18.90 39.48 -44.62
N SER H 22 -20.17 39.14 -44.91
CA SER H 22 -21.05 38.60 -43.90
C SER H 22 -21.52 37.20 -44.30
N CYS H 23 -21.69 36.34 -43.31
CA CYS H 23 -22.20 34.99 -43.52
C CYS H 23 -23.18 34.67 -42.40
N ARG H 24 -24.42 34.35 -42.78
CA ARG H 24 -25.47 34.07 -41.82
C ARG H 24 -25.93 32.63 -41.97
N ALA H 25 -25.99 31.91 -40.86
CA ALA H 25 -26.41 30.52 -40.86
C ALA H 25 -27.92 30.42 -40.65
N SER H 26 -28.46 29.21 -40.89
CA SER H 26 -29.87 28.99 -40.60
C SER H 26 -30.05 28.49 -39.17
N GLN H 27 -29.12 27.68 -38.69
CA GLN H 27 -29.12 27.14 -37.34
C GLN H 27 -27.86 27.63 -36.61
N SER H 28 -27.61 27.10 -35.42
CA SER H 28 -26.41 27.40 -34.66
C SER H 28 -25.30 26.45 -35.07
N VAL H 29 -24.14 26.99 -35.43
CA VAL H 29 -22.96 26.20 -35.71
C VAL H 29 -21.88 26.34 -34.64
N SER H 30 -22.09 27.21 -33.65
CA SER H 30 -21.29 27.31 -32.41
C SER H 30 -19.80 27.52 -32.70
N SER H 31 -19.53 28.52 -33.53
CA SER H 31 -18.21 29.02 -33.90
C SER H 31 -17.37 27.99 -34.66
N ASN H 32 -17.96 26.92 -35.17
CA ASN H 32 -17.25 25.96 -36.02
C ASN H 32 -17.44 26.37 -37.48
N LEU H 33 -16.84 27.50 -37.83
CA LEU H 33 -16.97 28.06 -39.18
C LEU H 33 -15.60 28.49 -39.68
N ALA H 34 -15.38 28.29 -40.98
CA ALA H 34 -14.11 28.61 -41.62
C ALA H 34 -14.36 29.54 -42.80
N TRP H 35 -13.36 30.36 -43.09
CA TRP H 35 -13.35 31.26 -44.24
C TRP H 35 -12.20 30.82 -45.15
N TYR H 36 -12.53 30.59 -46.42
CA TYR H 36 -11.59 30.22 -47.48
C TYR H 36 -11.58 31.29 -48.57
N GLN H 37 -10.45 31.39 -49.25
CA GLN H 37 -10.26 32.27 -50.39
C GLN H 37 -9.87 31.44 -51.60
N GLN H 38 -10.42 31.77 -52.76
CA GLN H 38 -10.19 31.03 -53.99
C GLN H 38 -9.91 32.00 -55.15
N MET H 39 -8.84 31.72 -55.88
CA MET H 39 -8.46 32.34 -57.13
C MET H 39 -9.01 31.52 -58.30
N PRO H 40 -9.19 32.13 -59.48
CA PRO H 40 -9.57 31.35 -60.67
C PRO H 40 -8.59 30.23 -61.01
N GLY H 41 -9.09 29.01 -61.10
CA GLY H 41 -8.27 27.86 -61.46
C GLY H 41 -7.56 27.19 -60.30
N GLN H 42 -7.62 27.75 -59.10
CA GLN H 42 -6.94 27.19 -57.94
C GLN H 42 -7.95 26.62 -56.95
N ALA H 43 -7.45 25.72 -56.10
CA ALA H 43 -8.24 25.16 -55.01
C ALA H 43 -8.44 26.21 -53.93
N PRO H 44 -9.51 26.14 -53.14
CA PRO H 44 -9.65 27.05 -52.00
C PRO H 44 -8.57 26.83 -50.97
N ARG H 45 -8.12 27.92 -50.36
CA ARG H 45 -7.08 27.88 -49.33
C ARG H 45 -7.64 28.47 -48.05
N LEU H 46 -7.27 27.86 -46.92
CA LEU H 46 -7.82 28.27 -45.63
C LEU H 46 -7.26 29.61 -45.19
N LEU H 47 -8.16 30.48 -44.76
CA LEU H 47 -7.80 31.74 -44.11
C LEU H 47 -8.16 31.73 -42.63
N ILE H 48 -9.41 31.45 -42.30
CA ILE H 48 -9.90 31.54 -40.92
C ILE H 48 -10.50 30.20 -40.54
N TYR H 49 -10.15 29.70 -39.37
CA TYR H 49 -10.87 28.59 -38.75
C TYR H 49 -11.32 29.00 -37.36
N GLY H 50 -12.38 28.37 -36.89
CA GLY H 50 -12.94 28.68 -35.57
C GLY H 50 -13.59 30.03 -35.49
N ALA H 51 -13.87 30.64 -36.66
CA ALA H 51 -14.55 31.91 -36.87
C ALA H 51 -13.76 33.12 -36.39
N SER H 52 -12.59 32.90 -35.78
CA SER H 52 -11.75 34.00 -35.34
C SER H 52 -10.27 33.79 -35.65
N THR H 53 -9.83 32.53 -35.64
CA THR H 53 -8.40 32.24 -35.67
C THR H 53 -7.87 32.21 -37.09
N ARG H 54 -6.80 32.96 -37.35
CA ARG H 54 -6.15 32.92 -38.65
C ARG H 54 -5.25 31.70 -38.75
N ALA H 55 -5.09 31.22 -39.99
CA ALA H 55 -4.19 30.12 -40.26
C ALA H 55 -2.75 30.64 -40.35
N THR H 56 -1.82 29.71 -40.51
CA THR H 56 -0.41 30.08 -40.62
C THR H 56 -0.15 30.76 -41.97
N GLY H 57 0.51 31.93 -41.91
CA GLY H 57 0.81 32.71 -43.08
C GLY H 57 -0.20 33.79 -43.39
N ILE H 58 -1.37 33.75 -42.77
CA ILE H 58 -2.41 34.75 -42.99
C ILE H 58 -2.03 36.02 -42.25
N PRO H 59 -2.01 37.17 -42.92
CA PRO H 59 -1.64 38.43 -42.25
C PRO H 59 -2.71 38.87 -41.26
N ALA H 60 -2.29 39.74 -40.34
CA ALA H 60 -3.16 40.21 -39.27
C ALA H 60 -4.27 41.15 -39.75
N ARG H 61 -4.21 41.61 -40.99
CA ARG H 61 -5.28 42.43 -41.55
C ARG H 61 -6.53 41.63 -41.85
N LEU H 62 -6.46 40.31 -41.91
CA LEU H 62 -7.63 39.45 -42.02
C LEU H 62 -8.19 39.22 -40.63
N SER H 63 -9.44 39.62 -40.40
CA SER H 63 -10.06 39.52 -39.10
C SER H 63 -11.35 38.73 -39.21
N GLY H 64 -11.50 37.70 -38.38
CA GLY H 64 -12.72 36.92 -38.30
C GLY H 64 -13.43 37.21 -36.98
N SER H 65 -14.72 37.51 -37.07
CA SER H 65 -15.51 37.80 -35.88
C SER H 65 -16.82 37.02 -35.94
N ALA H 66 -17.31 36.62 -34.77
CA ALA H 66 -18.54 35.87 -34.65
C ALA H 66 -19.47 36.54 -33.64
N SER H 67 -20.75 36.63 -34.01
CA SER H 67 -21.79 37.14 -33.13
C SER H 67 -22.98 36.21 -33.31
N GLY H 68 -23.05 35.19 -32.45
CA GLY H 68 -24.11 34.21 -32.49
C GLY H 68 -24.14 33.42 -33.78
N THR H 69 -25.14 33.72 -34.61
CA THR H 69 -25.33 33.09 -35.90
C THR H 69 -24.59 33.85 -37.01
N GLU H 70 -24.34 35.14 -36.83
CA GLU H 70 -23.72 35.97 -37.85
C GLU H 70 -22.21 35.89 -37.74
N PHE H 71 -21.52 35.83 -38.88
CA PHE H 71 -20.07 35.82 -38.94
C PHE H 71 -19.60 36.88 -39.92
N THR H 72 -18.47 37.50 -39.61
CA THR H 72 -17.97 38.63 -40.38
C THR H 72 -16.48 38.45 -40.64
N LEU H 73 -16.10 38.60 -41.91
CA LEU H 73 -14.69 38.64 -42.31
C LEU H 73 -14.36 40.06 -42.74
N THR H 74 -13.35 40.64 -42.12
CA THR H 74 -12.94 42.02 -42.38
C THR H 74 -11.53 41.99 -42.97
N ILE H 75 -11.37 42.56 -44.15
CA ILE H 75 -10.07 42.71 -44.79
C ILE H 75 -9.75 44.20 -44.82
N SER H 76 -8.82 44.62 -43.98
CA SER H 76 -8.37 46.00 -43.94
C SER H 76 -7.08 46.15 -44.74
N SER H 77 -6.91 47.34 -45.33
CA SER H 77 -5.76 47.68 -46.19
C SER H 77 -5.65 46.68 -47.34
N LEU H 78 -6.65 46.71 -48.23
CA LEU H 78 -6.80 45.75 -49.32
C LEU H 78 -5.64 45.82 -50.31
N GLN H 79 -4.93 44.70 -50.47
CA GLN H 79 -3.87 44.59 -51.45
C GLN H 79 -4.44 44.00 -52.73
N SER H 80 -3.60 43.86 -53.76
CA SER H 80 -4.03 43.35 -55.05
C SER H 80 -4.28 41.85 -55.04
N GLU H 81 -3.83 41.13 -54.02
CA GLU H 81 -4.03 39.70 -53.91
C GLU H 81 -5.24 39.34 -53.04
N ASP H 82 -6.00 40.34 -52.61
CA ASP H 82 -7.23 40.12 -51.85
C ASP H 82 -8.48 40.05 -52.72
N PHE H 83 -8.37 40.33 -54.01
CA PHE H 83 -9.54 40.39 -54.89
C PHE H 83 -9.76 39.00 -55.47
N ALA H 84 -10.58 38.22 -54.77
CA ALA H 84 -10.81 36.82 -55.10
C ALA H 84 -12.23 36.45 -54.67
N VAL H 85 -12.51 35.16 -54.57
CA VAL H 85 -13.81 34.66 -54.14
C VAL H 85 -13.68 34.12 -52.72
N TYR H 86 -14.57 34.53 -51.84
CA TYR H 86 -14.52 34.11 -50.45
C TYR H 86 -15.71 33.21 -50.11
N TYR H 87 -15.44 32.19 -49.31
CA TYR H 87 -16.44 31.18 -48.94
C TYR H 87 -16.43 30.98 -47.44
N CYS H 88 -17.64 30.85 -46.87
CA CYS H 88 -17.77 30.45 -45.48
C CYS H 88 -18.32 29.02 -45.42
N GLN H 89 -17.64 28.17 -44.67
CA GLN H 89 -18.01 26.77 -44.55
C GLN H 89 -18.16 26.40 -43.09
N GLN H 90 -19.28 25.77 -42.76
CA GLN H 90 -19.51 25.28 -41.41
C GLN H 90 -19.08 23.81 -41.32
N TYR H 91 -18.52 23.44 -40.18
CA TYR H 91 -18.15 22.05 -39.90
C TYR H 91 -18.63 21.63 -38.52
N ASN H 92 -19.69 22.27 -38.03
CA ASN H 92 -20.32 21.85 -36.79
C ASN H 92 -21.02 20.49 -36.96
N ASN H 93 -21.66 20.29 -38.11
CA ASN H 93 -22.36 19.06 -38.42
C ASN H 93 -21.93 18.59 -39.80
N TRP H 94 -22.25 17.34 -40.11
CA TRP H 94 -22.17 16.89 -41.48
C TRP H 94 -23.58 16.58 -41.97
N PRO H 95 -23.92 16.90 -43.23
CA PRO H 95 -23.06 17.37 -44.35
C PRO H 95 -22.51 18.79 -44.24
N TYR H 96 -21.24 18.95 -44.60
CA TYR H 96 -20.62 20.26 -44.60
C TYR H 96 -21.21 21.11 -45.71
N THR H 97 -21.55 22.35 -45.37
CA THR H 97 -22.17 23.26 -46.33
C THR H 97 -21.33 24.52 -46.46
N PHE H 98 -21.33 25.07 -47.66
CA PHE H 98 -20.61 26.29 -48.00
C PHE H 98 -21.59 27.41 -48.26
N GLY H 99 -21.07 28.62 -48.34
CA GLY H 99 -21.82 29.75 -48.83
C GLY H 99 -21.77 29.83 -50.34
N GLN H 100 -22.56 30.73 -50.89
CA GLN H 100 -22.62 30.89 -52.34
C GLN H 100 -21.47 31.72 -52.90
N GLY H 101 -20.64 32.30 -52.04
CA GLY H 101 -19.47 33.02 -52.49
C GLY H 101 -19.61 34.51 -52.46
N THR H 102 -18.49 35.23 -52.54
CA THR H 102 -18.49 36.68 -52.61
C THR H 102 -17.28 37.09 -53.42
N LYS H 103 -17.50 37.68 -54.59
CA LYS H 103 -16.40 38.13 -55.43
C LYS H 103 -16.02 39.56 -55.06
N LEU H 104 -14.74 39.78 -54.82
CA LEU H 104 -14.21 41.10 -54.46
C LEU H 104 -13.58 41.69 -55.72
N GLU H 105 -14.11 42.83 -56.16
CA GLU H 105 -13.71 43.44 -57.42
C GLU H 105 -12.94 44.73 -57.18
N ILE H 106 -11.92 44.95 -58.02
CA ILE H 106 -11.12 46.16 -57.91
C ILE H 106 -11.93 47.35 -58.39
N LYS H 107 -11.93 48.42 -57.60
CA LYS H 107 -12.62 49.65 -57.96
C LYS H 107 -11.64 50.66 -58.56
N ILE I 2 -34.56 -42.95 -10.21
CA ILE I 2 -35.22 -42.87 -8.91
C ILE I 2 -36.70 -43.14 -9.07
N VAL I 3 -37.22 -44.10 -8.30
CA VAL I 3 -38.62 -44.50 -8.38
C VAL I 3 -39.31 -43.98 -7.13
N LEU I 4 -40.36 -43.16 -7.32
CA LEU I 4 -41.14 -42.62 -6.22
C LEU I 4 -42.46 -43.35 -6.15
N THR I 5 -42.66 -44.11 -5.08
CA THR I 5 -43.88 -44.87 -4.87
C THR I 5 -44.77 -44.11 -3.90
N GLN I 6 -46.01 -43.85 -4.30
CA GLN I 6 -46.93 -43.09 -3.49
C GLN I 6 -47.94 -44.01 -2.80
N SER I 7 -48.41 -43.58 -1.63
CA SER I 7 -49.28 -44.39 -0.81
C SER I 7 -50.32 -43.53 -0.08
N PRO I 8 -51.60 -43.90 -0.15
CA PRO I 8 -52.18 -44.99 -0.94
C PRO I 8 -52.50 -44.52 -2.35
N LEU I 9 -53.18 -45.30 -3.18
CA LEU I 9 -53.58 -44.79 -4.49
C LEU I 9 -54.92 -44.06 -4.44
N THR I 10 -55.81 -44.47 -3.54
CA THR I 10 -57.06 -43.77 -3.31
C THR I 10 -57.28 -43.65 -1.81
N LEU I 11 -57.88 -42.55 -1.39
CA LEU I 11 -58.08 -42.28 0.04
C LEU I 11 -59.40 -41.54 0.20
N SER I 12 -60.36 -42.18 0.88
CA SER I 12 -61.67 -41.59 1.12
C SER I 12 -61.74 -41.08 2.55
N VAL I 13 -61.64 -39.76 2.70
CA VAL I 13 -61.66 -39.11 4.02
C VAL I 13 -62.79 -38.09 4.01
N SER I 14 -63.54 -38.03 5.11
CA SER I 14 -64.61 -37.05 5.24
C SER I 14 -64.03 -35.64 5.32
N PRO I 15 -64.74 -34.63 4.80
CA PRO I 15 -64.25 -33.25 4.93
C PRO I 15 -64.19 -32.80 6.38
N GLY I 16 -63.13 -32.08 6.72
CA GLY I 16 -62.94 -31.60 8.08
C GLY I 16 -61.91 -32.43 8.83
N GLU I 17 -61.66 -33.65 8.37
CA GLU I 17 -60.69 -34.53 9.01
C GLU I 17 -59.30 -34.31 8.44
N ARG I 18 -58.37 -35.21 8.76
CA ARG I 18 -56.97 -35.07 8.38
C ARG I 18 -56.58 -36.19 7.43
N ALA I 19 -55.91 -35.83 6.33
CA ALA I 19 -55.46 -36.79 5.33
C ALA I 19 -53.94 -36.84 5.31
N THR I 20 -53.41 -38.05 5.11
CA THR I 20 -51.97 -38.30 5.15
C THR I 20 -51.55 -39.02 3.88
N LEU I 21 -50.62 -38.39 3.14
CA LEU I 21 -50.09 -38.94 1.90
C LEU I 21 -48.61 -39.28 2.10
N SER I 22 -48.18 -40.43 1.60
CA SER I 22 -46.80 -40.86 1.76
C SER I 22 -46.14 -41.03 0.40
N CYS I 23 -44.85 -40.72 0.33
CA CYS I 23 -44.06 -40.90 -0.88
C CYS I 23 -42.71 -41.45 -0.48
N ARG I 24 -42.35 -42.61 -1.02
CA ARG I 24 -41.10 -43.28 -0.69
C ARG I 24 -40.23 -43.36 -1.94
N ALA I 25 -38.97 -42.95 -1.81
CA ALA I 25 -38.03 -42.97 -2.91
C ALA I 25 -37.28 -44.30 -2.93
N SER I 26 -36.58 -44.55 -4.04
CA SER I 26 -35.72 -45.73 -4.11
C SER I 26 -34.32 -45.42 -3.62
N GLN I 27 -33.83 -44.20 -3.90
CA GLN I 27 -32.54 -43.72 -3.48
C GLN I 27 -32.72 -42.50 -2.59
N SER I 28 -31.64 -41.82 -2.25
CA SER I 28 -31.68 -40.59 -1.49
C SER I 28 -31.84 -39.41 -2.43
N VAL I 29 -32.83 -38.57 -2.17
CA VAL I 29 -33.02 -37.33 -2.91
C VAL I 29 -32.70 -36.10 -2.08
N SER I 30 -32.38 -36.26 -0.79
CA SER I 30 -31.81 -35.23 0.08
C SER I 30 -32.67 -33.97 0.15
N SER I 31 -33.96 -34.18 0.42
CA SER I 31 -35.00 -33.18 0.64
C SER I 31 -35.27 -32.32 -0.58
N ASN I 32 -34.83 -32.72 -1.78
CA ASN I 32 -35.18 -32.03 -3.02
C ASN I 32 -36.41 -32.69 -3.62
N LEU I 33 -37.54 -32.51 -2.93
CA LEU I 33 -38.80 -33.12 -3.32
C LEU I 33 -39.91 -32.08 -3.25
N ALA I 34 -40.84 -32.15 -4.19
CA ALA I 34 -41.95 -31.22 -4.30
C ALA I 34 -43.26 -31.99 -4.31
N TRP I 35 -44.30 -31.35 -3.80
CA TRP I 35 -45.66 -31.86 -3.82
C TRP I 35 -46.51 -30.93 -4.66
N TYR I 36 -47.20 -31.49 -5.65
CA TYR I 36 -48.11 -30.79 -6.55
C TYR I 36 -49.52 -31.33 -6.40
N GLN I 37 -50.49 -30.47 -6.70
CA GLN I 37 -51.91 -30.83 -6.71
C GLN I 37 -52.47 -30.55 -8.10
N GLN I 38 -53.32 -31.44 -8.59
CA GLN I 38 -53.89 -31.35 -9.91
C GLN I 38 -55.39 -31.63 -9.86
N MET I 39 -56.16 -30.75 -10.50
CA MET I 39 -57.58 -30.88 -10.77
C MET I 39 -57.78 -31.48 -12.16
N PRO I 40 -58.94 -32.10 -12.43
CA PRO I 40 -59.23 -32.56 -13.80
C PRO I 40 -59.21 -31.44 -14.83
N GLY I 41 -58.39 -31.61 -15.87
CA GLY I 41 -58.31 -30.64 -16.95
C GLY I 41 -57.33 -29.51 -16.73
N GLN I 42 -56.74 -29.40 -15.54
CA GLN I 42 -55.80 -28.33 -15.22
C GLN I 42 -54.38 -28.87 -15.10
N ALA I 43 -53.42 -27.96 -15.25
CA ALA I 43 -52.01 -28.27 -15.05
C ALA I 43 -51.73 -28.45 -13.56
N PRO I 44 -50.73 -29.23 -13.18
CA PRO I 44 -50.36 -29.30 -11.76
C PRO I 44 -49.85 -27.97 -11.23
N ARG I 45 -50.18 -27.69 -9.99
CA ARG I 45 -49.78 -26.46 -9.32
C ARG I 45 -48.96 -26.79 -8.09
N LEU I 46 -47.92 -26.01 -7.85
CA LEU I 46 -47.00 -26.29 -6.76
C LEU I 46 -47.63 -26.01 -5.40
N LEU I 47 -47.49 -26.97 -4.49
CA LEU I 47 -47.84 -26.79 -3.10
C LEU I 47 -46.63 -26.74 -2.20
N ILE I 48 -45.76 -27.75 -2.26
CA ILE I 48 -44.62 -27.87 -1.36
C ILE I 48 -43.36 -28.00 -2.20
N TYR I 49 -42.33 -27.24 -1.85
CA TYR I 49 -40.98 -27.46 -2.35
C TYR I 49 -40.03 -27.64 -1.19
N GLY I 50 -38.93 -28.35 -1.44
CA GLY I 50 -37.94 -28.60 -0.41
C GLY I 50 -38.42 -29.55 0.67
N ALA I 51 -39.52 -30.26 0.40
CA ALA I 51 -40.15 -31.29 1.23
C ALA I 51 -40.77 -30.74 2.51
N SER I 52 -40.62 -29.44 2.77
CA SER I 52 -41.22 -28.82 3.95
C SER I 52 -41.87 -27.48 3.65
N THR I 53 -41.30 -26.72 2.71
CA THR I 53 -41.67 -25.33 2.53
C THR I 53 -42.90 -25.20 1.64
N ARG I 54 -43.90 -24.46 2.13
CA ARG I 54 -45.08 -24.17 1.32
C ARG I 54 -44.79 -23.05 0.34
N ALA I 55 -45.49 -23.09 -0.80
CA ALA I 55 -45.39 -22.03 -1.79
C ALA I 55 -46.26 -20.85 -1.36
N THR I 56 -46.20 -19.77 -2.15
CA THR I 56 -47.00 -18.59 -1.86
C THR I 56 -48.46 -18.86 -2.15
N GLY I 57 -49.33 -18.54 -1.18
CA GLY I 57 -50.74 -18.76 -1.28
C GLY I 57 -51.24 -20.06 -0.68
N ILE I 58 -50.33 -20.99 -0.39
CA ILE I 58 -50.68 -22.28 0.21
C ILE I 58 -50.99 -22.06 1.69
N PRO I 59 -52.15 -22.51 2.17
CA PRO I 59 -52.50 -22.31 3.58
C PRO I 59 -51.63 -23.17 4.50
N ALA I 60 -51.60 -22.78 5.77
CA ALA I 60 -50.76 -23.44 6.76
C ALA I 60 -51.24 -24.83 7.14
N ARG I 61 -52.44 -25.23 6.72
CA ARG I 61 -52.95 -26.57 6.96
C ARG I 61 -52.26 -27.62 6.10
N LEU I 62 -51.57 -27.21 5.03
CA LEU I 62 -50.75 -28.11 4.23
C LEU I 62 -49.38 -28.22 4.90
N SER I 63 -48.99 -29.43 5.30
CA SER I 63 -47.74 -29.64 5.99
C SER I 63 -46.91 -30.67 5.25
N GLY I 64 -45.66 -30.32 4.95
CA GLY I 64 -44.72 -31.25 4.34
C GLY I 64 -43.66 -31.64 5.36
N SER I 65 -43.42 -32.94 5.48
CA SER I 65 -42.42 -33.46 6.39
C SER I 65 -41.54 -34.49 5.69
N ALA I 66 -40.28 -34.53 6.08
CA ALA I 66 -39.32 -35.46 5.51
C ALA I 66 -38.63 -36.24 6.62
N SER I 67 -38.49 -37.55 6.40
CA SER I 67 -37.75 -38.44 7.30
C SER I 67 -36.92 -39.34 6.41
N GLY I 68 -35.68 -38.91 6.14
CA GLY I 68 -34.77 -39.66 5.29
C GLY I 68 -35.26 -39.82 3.88
N THR I 69 -35.68 -41.04 3.54
CA THR I 69 -36.23 -41.37 2.24
C THR I 69 -37.74 -41.16 2.18
N GLU I 70 -38.42 -41.22 3.31
CA GLU I 70 -39.87 -41.13 3.35
C GLU I 70 -40.30 -39.67 3.43
N PHE I 71 -41.36 -39.31 2.70
CA PHE I 71 -41.91 -37.96 2.72
C PHE I 71 -43.41 -38.04 2.97
N THR I 72 -43.94 -37.08 3.71
CA THR I 72 -45.34 -37.10 4.12
C THR I 72 -45.97 -35.74 3.89
N LEU I 73 -47.13 -35.75 3.24
CA LEU I 73 -47.95 -34.55 3.08
C LEU I 73 -49.19 -34.71 3.94
N THR I 74 -49.43 -33.77 4.84
CA THR I 74 -50.56 -33.81 5.76
C THR I 74 -51.47 -32.65 5.45
N ILE I 75 -52.74 -32.95 5.16
CA ILE I 75 -53.77 -31.94 4.94
C ILE I 75 -54.75 -32.04 6.09
N SER I 76 -54.70 -31.06 6.99
CA SER I 76 -55.62 -30.99 8.12
C SER I 76 -56.77 -30.03 7.80
N SER I 77 -57.94 -30.33 8.38
CA SER I 77 -59.17 -29.57 8.15
C SER I 77 -59.51 -29.50 6.66
N LEU I 78 -59.81 -30.67 6.09
CA LEU I 78 -60.03 -30.82 4.65
C LEU I 78 -61.21 -30.02 4.14
N GLN I 79 -60.95 -29.11 3.20
CA GLN I 79 -62.00 -28.34 2.56
C GLN I 79 -62.41 -29.04 1.27
N SER I 80 -63.39 -28.49 0.56
CA SER I 80 -63.90 -29.09 -0.66
C SER I 80 -62.95 -28.93 -1.84
N GLU I 81 -61.95 -28.05 -1.74
CA GLU I 81 -60.98 -27.84 -2.81
C GLU I 81 -59.71 -28.67 -2.61
N ASP I 82 -59.67 -29.53 -1.59
CA ASP I 82 -58.54 -30.41 -1.35
C ASP I 82 -58.69 -31.77 -1.99
N PHE I 83 -59.85 -32.07 -2.58
CA PHE I 83 -60.10 -33.40 -3.14
C PHE I 83 -59.66 -33.41 -4.60
N ALA I 84 -58.41 -33.79 -4.81
CA ALA I 84 -57.78 -33.72 -6.11
C ALA I 84 -56.74 -34.83 -6.20
N VAL I 85 -55.82 -34.73 -7.16
CA VAL I 85 -54.76 -35.70 -7.34
C VAL I 85 -53.46 -35.08 -6.89
N TYR I 86 -52.71 -35.79 -6.05
CA TYR I 86 -51.45 -35.29 -5.51
C TYR I 86 -50.28 -36.07 -6.06
N TYR I 87 -49.19 -35.35 -6.34
CA TYR I 87 -48.00 -35.92 -6.95
C TYR I 87 -46.76 -35.49 -6.17
N CYS I 88 -45.84 -36.43 -5.97
CA CYS I 88 -44.52 -36.09 -5.43
C CYS I 88 -43.49 -36.21 -6.54
N GLN I 89 -42.69 -35.16 -6.70
CA GLN I 89 -41.67 -35.12 -7.74
C GLN I 89 -40.32 -34.79 -7.13
N GLN I 90 -39.31 -35.59 -7.46
CA GLN I 90 -37.95 -35.33 -7.02
C GLN I 90 -37.21 -34.53 -8.08
N TYR I 91 -36.35 -33.61 -7.64
CA TYR I 91 -35.50 -32.84 -8.53
C TYR I 91 -34.07 -32.82 -8.02
N ASN I 92 -33.68 -33.86 -7.26
CA ASN I 92 -32.30 -34.02 -6.86
C ASN I 92 -31.41 -34.36 -8.04
N ASN I 93 -31.90 -35.19 -8.95
CA ASN I 93 -31.18 -35.61 -10.14
C ASN I 93 -32.09 -35.44 -11.35
N TRP I 94 -31.49 -35.49 -12.53
CA TRP I 94 -32.28 -35.64 -13.73
C TRP I 94 -31.96 -36.99 -14.35
N PRO I 95 -32.95 -37.72 -14.90
CA PRO I 95 -34.35 -37.34 -15.20
C PRO I 95 -35.28 -37.15 -13.99
N TYR I 96 -36.09 -36.11 -14.03
CA TYR I 96 -37.06 -35.86 -12.97
C TYR I 96 -38.16 -36.92 -13.03
N THR I 97 -38.49 -37.48 -11.87
CA THR I 97 -39.48 -38.53 -11.78
C THR I 97 -40.60 -38.11 -10.85
N PHE I 98 -41.80 -38.56 -11.17
CA PHE I 98 -43.01 -38.30 -10.39
C PHE I 98 -43.48 -39.57 -9.72
N GLY I 99 -44.43 -39.41 -8.80
CA GLY I 99 -45.15 -40.53 -8.25
C GLY I 99 -46.33 -40.88 -9.14
N GLN I 100 -46.97 -42.01 -8.81
CA GLN I 100 -48.10 -42.47 -9.59
C GLN I 100 -49.40 -41.76 -9.23
N GLY I 101 -49.40 -40.92 -8.21
CA GLY I 101 -50.56 -40.12 -7.88
C GLY I 101 -51.34 -40.65 -6.69
N THR I 102 -52.21 -39.79 -6.13
CA THR I 102 -53.08 -40.20 -5.04
C THR I 102 -54.35 -39.38 -5.17
N LYS I 103 -55.48 -40.04 -5.45
CA LYS I 103 -56.75 -39.36 -5.56
C LYS I 103 -57.42 -39.28 -4.20
N LEU I 104 -57.84 -38.07 -3.82
CA LEU I 104 -58.50 -37.84 -2.55
C LEU I 104 -60.00 -37.72 -2.83
N GLU I 105 -60.78 -38.62 -2.24
CA GLU I 105 -62.20 -38.74 -2.54
C GLU I 105 -63.04 -38.28 -1.35
N ILE I 106 -64.15 -37.61 -1.64
CA ILE I 106 -65.06 -37.15 -0.60
C ILE I 106 -65.79 -38.35 0.01
N LYS I 107 -65.82 -38.41 1.34
CA LYS I 107 -66.53 -39.47 2.03
C LYS I 107 -67.90 -38.98 2.49
#